data_5BKG
#
_entry.id   5BKG
#
_cell.length_a   1.00
_cell.length_b   1.00
_cell.length_c   1.00
_cell.angle_alpha   90.00
_cell.angle_beta   90.00
_cell.angle_gamma   90.00
#
_symmetry.space_group_name_H-M   'P 1'
#
loop_
_entity.id
_entity.type
_entity.pdbx_description
1 polymer 'Glycine receptor subunit alpha-2'
2 polymer 'Glycine receptor subunit beta,Green fluorescent protein'
3 non-polymer 2-acetamido-2-deoxy-beta-D-glucopyranose
4 non-polymer GLYCINE
#
loop_
_entity_poly.entity_id
_entity_poly.type
_entity_poly.pdbx_seq_one_letter_code
_entity_poly.pdbx_strand_id
1 'polypeptide(L)'
;KDHDSRSGKQPSQTLSPSDFLDKLMGRTSGYDARIRPNFKGPPVNVTCNIFINSFGSVTETTMDYRVNIFLRQQWNDSRL
AYSEYPDDSLDLDPSMLDSIWKPDLFFANEKGANFHDVTTDNKLLRISKNGKVLYSIRLTLTLSCPMDLKNFPMDVQTCT
MQLESFGYTMNDLIFEWLSDGPVQVAEGLTLPQFILKEEKELGYCTKHYNTGKFTCIEVKFHLERQMGYYLIQMYIPSLL
IVILSWVSFWINMDAAPARVALGITTVLTMTTQSSGSRASLPKVSYVKAIDIWMAVCLLFVFAALLEYAAVNFVSRGSSG
KKFVDRAKRIDTISRAAFPLAFLIFNIFYWITYKIIRHEDVHKK
;
A,B,C,D
2 'polypeptide(L)'
;GVAMPGAEDDVVAALEVLFQGPKSSKKGKGKKKQYLCPSQQSAEDLARVPANSTSNILNRLLVSYDPRIRPNFKGIPVDV
VVNIFINSFGSIQETTMDYRVNIFLRQKWNDPRLKLPSDFRGSDALTVDPTMYKCLWKPDLFFANEKSANFHDVTQENIL
LFIFRDGDVLVSMRLSITLSCPLDLTLFPMDTQRCKMQLESFGYTTDDLRFIWQSGDPVQLEKIALPQFDIKKEDIEYGN
CTKYYKGTGYYTCVEVIFTLRRQVGFYMMGVYAPTLLIVVLSWLSFWINPDASAARVPLGIFSVLSLASECTTLAAELPK
VSYVKALDVWLIACLLFGFASLVEYAVVQVMLNGGSSAAAVSKGEELFTGVVPILVELDGDVNGHKFSVSGEGEGDATYG
KLTLKFICTTGKLPVPWPTLVTTLTYGVQCFSRYPDHMKQHDFFKSAMPEGYVQERTIFFKDDGNYKTRAEVKFEGDTLV
NRIELKGIDFKEDGNILGHKLEYNYNSHNVYIMADKQKNGIKVNFKIRHNIEDGSVQLADHYQQNTPIGDGPVLLPDNHY
LSTQSKLSKDPNEKRDHMVLLEFVTAAGITLGMDELYKSGSGSGVGETRCKKVCTSKSDLRSNDFSIVGSLPRDFELSNY
DCYGKPIEVNNGLGKSQAKNNKKPPPAKPVIPTAAKRIDLYARALFPFCFLFFNVIYWSIYL
;
E
#
# COMPACT_ATOMS: atom_id res chain seq x y z
N LEU A 15 -9.07 10.13 -56.57
CA LEU A 15 -8.26 10.51 -55.43
C LEU A 15 -9.11 10.66 -54.18
N SER A 16 -8.75 9.92 -53.13
CA SER A 16 -9.46 9.98 -51.86
C SER A 16 -8.56 9.39 -50.78
N PRO A 17 -8.68 9.88 -49.54
CA PRO A 17 -7.82 9.36 -48.47
C PRO A 17 -8.30 8.03 -47.90
N SER A 18 -9.62 7.87 -47.78
CA SER A 18 -10.15 6.67 -47.13
C SER A 18 -9.95 5.44 -48.01
N ASP A 19 -10.35 5.53 -49.27
CA ASP A 19 -10.08 4.44 -50.20
C ASP A 19 -8.59 4.17 -50.31
N PHE A 20 -7.77 5.22 -50.20
CA PHE A 20 -6.33 5.04 -50.25
C PHE A 20 -5.85 4.20 -49.07
N LEU A 21 -6.31 4.52 -47.87
CA LEU A 21 -5.91 3.74 -46.70
C LEU A 21 -6.40 2.30 -46.80
N ASP A 22 -7.64 2.11 -47.24
CA ASP A 22 -8.18 0.77 -47.37
C ASP A 22 -7.44 -0.04 -48.44
N LYS A 23 -6.91 0.65 -49.45
CA LYS A 23 -6.13 -0.02 -50.50
C LYS A 23 -4.69 -0.25 -50.07
N LEU A 24 -4.20 0.51 -49.10
CA LEU A 24 -2.82 0.42 -48.66
C LEU A 24 -2.64 -0.59 -47.53
N MET A 25 -3.32 -0.34 -46.40
CA MET A 25 -3.13 -1.18 -45.21
C MET A 25 -4.44 -1.48 -44.50
N GLY A 26 -5.55 -1.58 -45.22
CA GLY A 26 -6.83 -1.83 -44.62
C GLY A 26 -7.46 -3.14 -45.06
N ARG A 27 -8.75 -3.10 -45.38
CA ARG A 27 -9.46 -4.32 -45.77
C ARG A 27 -9.14 -4.71 -47.21
N THR A 28 -9.45 -3.83 -48.16
CA THR A 28 -9.25 -4.14 -49.57
C THR A 28 -7.81 -4.45 -49.91
N SER A 29 -6.87 -3.97 -49.09
CA SER A 29 -5.46 -4.21 -49.36
C SER A 29 -5.13 -5.69 -49.24
N GLY A 30 -4.06 -6.09 -49.90
CA GLY A 30 -3.55 -7.45 -49.79
C GLY A 30 -2.64 -7.63 -48.61
N TYR A 31 -2.73 -6.72 -47.64
CA TYR A 31 -1.85 -6.74 -46.48
C TYR A 31 -2.34 -7.73 -45.43
N ASP A 32 -1.41 -8.47 -44.85
CA ASP A 32 -1.68 -9.40 -43.76
C ASP A 32 -0.86 -8.95 -42.56
N ALA A 33 -1.56 -8.50 -41.50
CA ALA A 33 -0.90 -7.89 -40.36
C ALA A 33 -0.11 -8.86 -39.51
N ARG A 34 -0.19 -10.17 -39.80
CA ARG A 34 0.46 -11.18 -38.99
C ARG A 34 1.78 -11.66 -39.59
N ILE A 35 2.27 -11.01 -40.64
CA ILE A 35 3.41 -11.49 -41.41
C ILE A 35 4.43 -10.38 -41.51
N ARG A 36 5.62 -10.60 -40.94
CA ARG A 36 6.73 -9.72 -41.18
C ARG A 36 7.04 -9.66 -42.67
N PRO A 37 7.70 -8.59 -43.14
CA PRO A 37 8.15 -8.57 -44.52
C PRO A 37 9.29 -9.56 -44.74
N ASN A 38 9.33 -10.08 -45.97
CA ASN A 38 10.35 -11.05 -46.35
C ASN A 38 10.18 -12.35 -45.55
N PHE A 39 8.97 -12.89 -45.58
CA PHE A 39 8.68 -14.11 -44.84
C PHE A 39 9.65 -15.21 -45.25
N LYS A 40 10.19 -15.91 -44.25
CA LYS A 40 11.28 -16.86 -44.46
C LYS A 40 12.36 -16.22 -45.32
N GLY A 41 12.59 -14.92 -45.12
CA GLY A 41 13.61 -14.19 -45.82
C GLY A 41 14.57 -13.53 -44.85
N PRO A 42 15.33 -12.54 -45.30
CA PRO A 42 16.25 -11.85 -44.42
C PRO A 42 15.51 -11.20 -43.26
N PRO A 43 16.18 -10.95 -42.14
CA PRO A 43 15.49 -10.39 -40.98
C PRO A 43 15.38 -8.87 -41.05
N VAL A 44 14.33 -8.36 -40.43
CA VAL A 44 14.14 -6.92 -40.33
C VAL A 44 14.89 -6.40 -39.11
N ASN A 45 15.52 -5.25 -39.27
CA ASN A 45 16.37 -4.66 -38.24
C ASN A 45 15.74 -3.36 -37.77
N VAL A 46 15.15 -3.39 -36.59
CA VAL A 46 14.43 -2.25 -36.05
C VAL A 46 15.41 -1.35 -35.28
N THR A 47 15.38 -0.07 -35.61
CA THR A 47 16.23 0.94 -34.97
C THR A 47 15.44 1.60 -33.86
N CYS A 48 15.62 1.10 -32.64
CA CYS A 48 14.88 1.62 -31.50
C CYS A 48 15.52 2.90 -30.98
N ASN A 49 14.76 3.64 -30.18
CA ASN A 49 15.27 4.82 -29.50
C ASN A 49 14.28 5.19 -28.40
N ILE A 50 14.74 6.06 -27.50
CA ILE A 50 14.03 6.37 -26.27
C ILE A 50 13.97 7.88 -26.07
N PHE A 51 12.93 8.31 -25.37
CA PHE A 51 12.83 9.68 -24.86
C PHE A 51 12.24 9.56 -23.47
N ILE A 52 13.08 9.70 -22.45
CA ILE A 52 12.64 9.58 -21.07
C ILE A 52 11.99 10.89 -20.64
N ASN A 53 10.73 10.82 -20.23
CA ASN A 53 10.01 12.00 -19.76
C ASN A 53 10.13 12.20 -18.26
N SER A 54 10.44 11.15 -17.51
CA SER A 54 10.64 11.27 -16.07
C SER A 54 11.42 10.06 -15.59
N PHE A 55 11.79 10.10 -14.31
CA PHE A 55 12.62 9.07 -13.71
C PHE A 55 12.57 9.22 -12.21
N GLY A 56 12.20 8.15 -11.49
CA GLY A 56 12.12 8.24 -10.05
C GLY A 56 11.50 7.00 -9.44
N SER A 57 10.97 7.17 -8.25
CA SER A 57 10.40 6.07 -7.46
C SER A 57 11.44 4.97 -7.27
N VAL A 58 12.72 5.36 -7.21
CA VAL A 58 13.78 4.40 -6.91
C VAL A 58 13.63 3.94 -5.47
N THR A 59 13.64 2.62 -5.28
CA THR A 59 13.41 2.03 -3.97
C THR A 59 14.44 0.92 -3.76
N GLU A 60 15.30 1.10 -2.77
CA GLU A 60 16.24 0.04 -2.41
C GLU A 60 15.56 -1.10 -1.68
N THR A 61 14.27 -0.98 -1.35
CA THR A 61 13.56 -2.06 -0.69
C THR A 61 13.30 -3.21 -1.66
N THR A 62 12.60 -2.93 -2.76
CA THR A 62 12.29 -3.93 -3.77
C THR A 62 13.27 -3.93 -4.93
N MET A 63 14.31 -3.09 -4.87
CA MET A 63 15.38 -3.07 -5.87
C MET A 63 14.79 -2.85 -7.27
N ASP A 64 14.22 -1.65 -7.43
CA ASP A 64 13.60 -1.29 -8.69
C ASP A 64 13.55 0.23 -8.80
N TYR A 65 13.27 0.70 -10.01
CA TYR A 65 13.01 2.11 -10.27
C TYR A 65 11.81 2.18 -11.20
N ARG A 66 11.51 3.39 -11.69
CA ARG A 66 10.31 3.64 -12.46
C ARG A 66 10.58 4.73 -13.48
N VAL A 67 10.01 4.56 -14.68
CA VAL A 67 10.18 5.54 -15.75
C VAL A 67 8.89 5.62 -16.55
N ASN A 68 8.70 6.75 -17.22
CA ASN A 68 7.67 6.92 -18.23
C ASN A 68 8.32 7.48 -19.48
N ILE A 69 8.23 6.75 -20.58
CA ILE A 69 9.07 6.98 -21.75
C ILE A 69 8.23 6.98 -23.02
N PHE A 70 8.68 7.76 -24.00
CA PHE A 70 8.11 7.74 -25.34
C PHE A 70 8.96 6.84 -26.23
N LEU A 71 8.85 5.54 -26.00
CA LEU A 71 9.59 4.58 -26.78
C LEU A 71 9.29 4.75 -28.25
N ARG A 72 10.29 4.51 -29.11
CA ARG A 72 10.10 4.58 -30.54
C ARG A 72 10.89 3.48 -31.21
N GLN A 73 10.36 2.97 -32.32
CA GLN A 73 11.05 1.98 -33.11
C GLN A 73 10.62 2.12 -34.55
N GLN A 74 11.59 2.17 -35.46
CA GLN A 74 11.31 2.34 -36.87
C GLN A 74 12.00 1.26 -37.68
N TRP A 75 11.34 0.81 -38.74
CA TRP A 75 11.81 -0.28 -39.56
C TRP A 75 11.36 -0.03 -40.99
N ASN A 76 11.40 -1.07 -41.83
CA ASN A 76 11.10 -0.93 -43.24
C ASN A 76 10.29 -2.12 -43.71
N ASP A 77 9.17 -1.85 -44.37
CA ASP A 77 8.35 -2.87 -45.02
C ASP A 77 7.86 -2.31 -46.35
N SER A 78 8.24 -2.96 -47.45
CA SER A 78 7.96 -2.40 -48.77
C SER A 78 6.47 -2.31 -49.04
N ARG A 79 5.67 -3.20 -48.46
CA ARG A 79 4.25 -3.26 -48.79
C ARG A 79 3.51 -1.96 -48.49
N LEU A 80 4.11 -1.06 -47.70
CA LEU A 80 3.49 0.22 -47.38
C LEU A 80 3.93 1.34 -48.33
N ALA A 81 4.54 1.00 -49.46
CA ALA A 81 4.94 2.02 -50.42
C ALA A 81 3.70 2.61 -51.10
N TYR A 82 3.60 3.93 -51.10
CA TYR A 82 2.51 4.64 -51.74
C TYR A 82 3.07 5.71 -52.67
N SER A 83 2.51 5.78 -53.88
CA SER A 83 2.97 6.72 -54.89
C SER A 83 1.92 7.77 -55.24
N GLU A 84 0.84 7.88 -54.45
CA GLU A 84 -0.20 8.87 -54.70
C GLU A 84 0.09 10.17 -53.96
N TYR A 85 0.21 10.10 -52.65
CA TYR A 85 0.54 11.27 -51.84
C TYR A 85 1.97 11.69 -52.09
N PRO A 86 2.23 12.85 -52.73
CA PRO A 86 3.62 13.24 -52.96
C PRO A 86 4.38 13.55 -51.69
N ASP A 87 3.69 13.80 -50.58
CA ASP A 87 4.36 14.08 -49.32
C ASP A 87 5.20 12.88 -48.91
N ASP A 88 6.49 13.13 -48.63
CA ASP A 88 7.39 12.05 -48.26
C ASP A 88 6.89 11.35 -47.00
N SER A 89 6.74 12.08 -45.91
CA SER A 89 6.28 11.51 -44.65
C SER A 89 4.76 11.60 -44.56
N LEU A 90 4.21 10.98 -43.51
CA LEU A 90 2.78 10.97 -43.29
C LEU A 90 2.49 10.41 -41.90
N ASP A 91 1.57 11.05 -41.19
CA ASP A 91 1.13 10.61 -39.88
C ASP A 91 -0.29 10.05 -39.98
N LEU A 92 -0.57 9.01 -39.20
CA LEU A 92 -1.82 8.28 -39.29
C LEU A 92 -2.47 8.20 -37.91
N ASP A 93 -3.72 7.80 -37.91
CA ASP A 93 -4.47 7.66 -36.67
C ASP A 93 -3.99 6.43 -35.91
N PRO A 94 -3.65 6.54 -34.63
CA PRO A 94 -3.21 5.35 -33.88
C PRO A 94 -4.11 4.15 -34.02
N SER A 95 -5.40 4.34 -34.28
CA SER A 95 -6.32 3.22 -34.39
C SER A 95 -6.04 2.32 -35.58
N MET A 96 -5.11 2.70 -36.46
CA MET A 96 -4.77 1.87 -37.61
C MET A 96 -3.77 0.78 -37.27
N LEU A 97 -3.04 0.92 -36.16
CA LEU A 97 -2.01 -0.06 -35.83
C LEU A 97 -2.55 -1.47 -35.73
N ASP A 98 -3.83 -1.63 -35.38
CA ASP A 98 -4.42 -2.95 -35.27
C ASP A 98 -4.39 -3.71 -36.58
N SER A 99 -4.06 -3.05 -37.69
CA SER A 99 -3.97 -3.70 -39.00
C SER A 99 -2.57 -3.70 -39.57
N ILE A 100 -1.58 -3.19 -38.82
CA ILE A 100 -0.21 -3.14 -39.27
C ILE A 100 0.62 -4.10 -38.43
N TRP A 101 1.78 -4.49 -38.97
CA TRP A 101 2.67 -5.43 -38.29
C TRP A 101 3.59 -4.64 -37.37
N LYS A 102 3.19 -4.55 -36.10
CA LYS A 102 4.07 -3.96 -35.10
C LYS A 102 4.88 -5.07 -34.45
N PRO A 103 6.21 -4.93 -34.35
CA PRO A 103 7.02 -6.06 -33.90
C PRO A 103 6.81 -6.35 -32.43
N ASP A 104 7.00 -7.62 -32.07
CA ASP A 104 6.90 -8.02 -30.68
C ASP A 104 8.11 -7.51 -29.91
N LEU A 105 7.87 -7.10 -28.68
CA LEU A 105 8.91 -6.43 -27.89
C LEU A 105 8.52 -6.39 -26.43
N PHE A 106 9.40 -6.86 -25.55
CA PHE A 106 9.16 -6.81 -24.12
C PHE A 106 10.45 -6.39 -23.42
N PHE A 107 10.31 -5.97 -22.17
CA PHE A 107 11.44 -5.61 -21.33
C PHE A 107 11.68 -6.75 -20.34
N ALA A 108 12.93 -7.19 -20.25
CA ALA A 108 13.22 -8.39 -19.48
C ALA A 108 13.23 -8.10 -17.98
N ASN A 109 13.98 -7.10 -17.55
CA ASN A 109 14.06 -6.77 -16.12
C ASN A 109 12.76 -6.17 -15.59
N GLU A 110 11.77 -5.96 -16.46
CA GLU A 110 10.50 -5.40 -16.04
C GLU A 110 9.88 -6.20 -14.90
N LYS A 111 9.38 -5.48 -13.90
CA LYS A 111 8.54 -6.06 -12.86
C LYS A 111 7.07 -5.78 -13.08
N GLY A 112 6.74 -4.65 -13.70
CA GLY A 112 5.38 -4.29 -14.01
C GLY A 112 5.35 -3.09 -14.95
N ALA A 113 4.59 -3.20 -16.04
CA ALA A 113 4.51 -2.15 -17.05
C ALA A 113 3.06 -1.84 -17.35
N ASN A 114 2.86 -0.73 -18.06
CA ASN A 114 1.53 -0.38 -18.53
C ASN A 114 1.65 0.73 -19.57
N PHE A 115 0.57 0.91 -20.32
CA PHE A 115 0.46 2.01 -21.27
C PHE A 115 -0.11 3.22 -20.53
N HIS A 116 -0.52 4.23 -21.28
CA HIS A 116 -1.23 5.38 -20.73
C HIS A 116 -2.23 5.84 -21.77
N ASP A 117 -3.49 5.48 -21.59
CA ASP A 117 -4.56 5.77 -22.53
C ASP A 117 -5.54 6.75 -21.88
N VAL A 118 -5.26 8.04 -22.05
CA VAL A 118 -6.11 9.11 -21.52
C VAL A 118 -6.54 9.95 -22.71
N THR A 119 -7.83 9.88 -23.05
CA THR A 119 -8.47 10.53 -24.16
C THR A 119 -8.12 9.86 -25.48
N THR A 120 -7.19 8.92 -25.48
CA THR A 120 -6.88 8.05 -26.62
C THR A 120 -5.75 7.14 -26.17
N ASP A 121 -5.63 5.99 -26.82
CA ASP A 121 -4.58 5.06 -26.48
C ASP A 121 -3.28 5.61 -27.05
N ASN A 122 -2.47 6.23 -26.19
CA ASN A 122 -1.34 7.03 -26.63
C ASN A 122 -0.41 6.24 -27.53
N LYS A 123 -0.34 6.62 -28.80
CA LYS A 123 0.42 5.89 -29.81
C LYS A 123 0.68 6.84 -30.97
N LEU A 124 1.61 6.44 -31.82
CA LEU A 124 1.97 7.25 -32.97
C LEU A 124 2.47 6.35 -34.09
N LEU A 125 1.88 6.49 -35.27
CA LEU A 125 2.29 5.78 -36.47
C LEU A 125 2.66 6.81 -37.54
N ARG A 126 3.87 6.71 -38.06
CA ARG A 126 4.32 7.57 -39.14
C ARG A 126 4.85 6.69 -40.26
N ILE A 127 4.56 7.09 -41.50
CA ILE A 127 4.88 6.29 -42.67
C ILE A 127 5.56 7.18 -43.69
N SER A 128 6.76 6.81 -44.11
CA SER A 128 7.47 7.52 -45.16
C SER A 128 7.01 6.97 -46.52
N LYS A 129 7.63 7.43 -47.59
CA LYS A 129 7.21 7.07 -48.94
C LYS A 129 7.82 5.75 -49.40
N ASN A 130 9.10 5.52 -49.11
CA ASN A 130 9.73 4.28 -49.54
C ASN A 130 9.18 3.07 -48.79
N GLY A 131 8.49 3.29 -47.67
CA GLY A 131 7.98 2.21 -46.85
C GLY A 131 8.45 2.26 -45.42
N LYS A 132 9.44 3.09 -45.10
CA LYS A 132 9.91 3.21 -43.73
C LYS A 132 8.74 3.54 -42.81
N VAL A 133 8.71 2.86 -41.66
CA VAL A 133 7.66 3.02 -40.68
C VAL A 133 8.28 3.41 -39.35
N LEU A 134 7.55 4.22 -38.60
CA LEU A 134 7.93 4.65 -37.25
C LEU A 134 6.75 4.41 -36.34
N TYR A 135 6.95 3.63 -35.28
CA TYR A 135 5.91 3.36 -34.30
C TYR A 135 6.44 3.81 -32.95
N SER A 136 5.75 4.78 -32.35
CA SER A 136 6.11 5.30 -31.04
C SER A 136 4.94 5.08 -30.09
N ILE A 137 5.29 4.84 -28.81
CA ILE A 137 4.29 4.54 -27.80
C ILE A 137 4.79 5.02 -26.45
N ARG A 138 3.87 5.55 -25.66
CA ARG A 138 4.17 5.96 -24.30
C ARG A 138 3.98 4.77 -23.36
N LEU A 139 4.94 4.58 -22.46
CA LEU A 139 4.93 3.45 -21.55
C LEU A 139 5.35 3.93 -20.16
N THR A 140 4.93 3.18 -19.16
CA THR A 140 5.38 3.39 -17.78
C THR A 140 5.80 2.04 -17.23
N LEU A 141 6.98 1.99 -16.62
CA LEU A 141 7.63 0.73 -16.30
C LEU A 141 8.35 0.82 -14.97
N THR A 142 8.16 -0.19 -14.13
CA THR A 142 8.89 -0.34 -12.87
C THR A 142 10.03 -1.35 -13.04
N LEU A 143 11.00 -1.00 -13.88
CA LEU A 143 12.13 -1.88 -14.14
C LEU A 143 12.87 -2.19 -12.84
N SER A 144 13.66 -3.26 -12.87
CA SER A 144 14.38 -3.75 -11.71
C SER A 144 15.86 -3.49 -11.86
N CYS A 145 16.50 -3.05 -10.77
CA CYS A 145 17.90 -2.64 -10.77
C CYS A 145 18.58 -3.23 -9.55
N PRO A 146 19.08 -4.47 -9.64
CA PRO A 146 19.77 -5.06 -8.48
C PRO A 146 20.94 -4.22 -8.03
N MET A 147 20.85 -3.68 -6.82
CA MET A 147 21.84 -2.76 -6.29
C MET A 147 22.79 -3.48 -5.35
N ASP A 148 24.07 -3.17 -5.47
CA ASP A 148 25.12 -3.72 -4.61
C ASP A 148 25.40 -2.68 -3.52
N LEU A 149 24.81 -2.87 -2.35
CA LEU A 149 24.89 -1.89 -1.27
C LEU A 149 26.07 -2.15 -0.35
N LYS A 150 27.27 -2.25 -0.93
CA LYS A 150 28.48 -2.32 -0.12
C LYS A 150 28.80 -0.98 0.51
N ASN A 151 28.53 0.11 -0.23
CA ASN A 151 28.73 1.48 0.25
C ASN A 151 27.42 2.23 -0.06
N PHE A 152 26.47 2.13 0.86
CA PHE A 152 25.09 2.50 0.55
C PHE A 152 24.92 4.00 0.32
N PRO A 153 25.18 4.86 1.31
CA PRO A 153 24.94 6.29 1.08
C PRO A 153 25.75 6.85 -0.08
N MET A 154 26.97 6.39 -0.27
CA MET A 154 27.80 6.77 -1.41
C MET A 154 27.95 5.53 -2.30
N ASP A 155 26.99 5.33 -3.19
CA ASP A 155 27.01 4.22 -4.13
C ASP A 155 26.89 4.75 -5.55
N VAL A 156 27.34 3.93 -6.49
CA VAL A 156 27.19 4.19 -7.91
C VAL A 156 26.49 2.97 -8.49
N GLN A 157 25.16 3.03 -8.55
CA GLN A 157 24.35 1.90 -8.97
C GLN A 157 24.16 1.93 -10.48
N THR A 158 24.38 0.78 -11.11
CA THR A 158 24.31 0.65 -12.56
C THR A 158 23.01 -0.08 -12.89
N CYS A 159 21.99 0.67 -13.28
CA CYS A 159 20.69 0.13 -13.61
C CYS A 159 20.58 -0.11 -15.12
N THR A 160 19.72 -1.04 -15.49
CA THR A 160 19.65 -1.55 -16.85
C THR A 160 18.23 -1.49 -17.37
N MET A 161 18.12 -1.43 -18.70
CA MET A 161 16.86 -1.59 -19.41
C MET A 161 17.14 -2.44 -20.64
N GLN A 162 16.50 -3.60 -20.72
CA GLN A 162 16.74 -4.59 -21.75
C GLN A 162 15.54 -4.66 -22.69
N LEU A 163 15.64 -3.97 -23.82
CA LEU A 163 14.67 -4.13 -24.90
C LEU A 163 14.92 -5.48 -25.57
N GLU A 164 14.05 -6.44 -25.30
CA GLU A 164 14.20 -7.80 -25.80
C GLU A 164 13.05 -8.15 -26.72
N SER A 165 13.23 -9.23 -27.48
CA SER A 165 12.23 -9.71 -28.42
C SER A 165 11.57 -10.98 -27.88
N PHE A 166 10.43 -11.32 -28.46
CA PHE A 166 9.65 -12.51 -28.02
C PHE A 166 8.86 -13.05 -29.21
N GLY A 167 9.12 -14.30 -29.60
CA GLY A 167 8.45 -14.90 -30.72
C GLY A 167 9.12 -14.67 -32.05
N TYR A 168 10.22 -13.93 -32.08
CA TYR A 168 10.96 -13.66 -33.31
C TYR A 168 12.44 -13.86 -33.01
N THR A 169 13.02 -14.91 -33.58
CA THR A 169 14.43 -15.21 -33.34
C THR A 169 15.30 -14.10 -33.95
N MET A 170 16.59 -14.17 -33.62
CA MET A 170 17.56 -13.28 -34.25
C MET A 170 17.70 -13.54 -35.74
N ASN A 171 17.15 -14.65 -36.23
CA ASN A 171 17.17 -14.94 -37.65
C ASN A 171 16.10 -14.20 -38.43
N ASP A 172 15.07 -13.69 -37.74
CA ASP A 172 13.98 -12.97 -38.38
C ASP A 172 13.79 -11.55 -37.88
N LEU A 173 14.27 -11.22 -36.68
CA LEU A 173 14.07 -9.89 -36.10
C LEU A 173 15.30 -9.51 -35.32
N ILE A 174 15.91 -8.38 -35.66
CA ILE A 174 17.10 -7.89 -35.00
C ILE A 174 16.80 -6.49 -34.47
N PHE A 175 17.37 -6.17 -33.31
CA PHE A 175 17.25 -4.86 -32.69
C PHE A 175 18.58 -4.15 -32.75
N GLU A 176 18.53 -2.83 -32.99
CA GLU A 176 19.73 -2.03 -32.95
C GLU A 176 19.37 -0.61 -32.53
N TRP A 177 20.31 0.04 -31.86
CA TRP A 177 20.10 1.41 -31.42
C TRP A 177 20.11 2.35 -32.62
N LEU A 178 19.85 3.62 -32.34
CA LEU A 178 19.96 4.68 -33.33
C LEU A 178 21.32 5.33 -33.22
N SER A 179 21.94 5.61 -34.37
CA SER A 179 23.33 6.07 -34.37
C SER A 179 23.50 7.30 -33.50
N ASP A 180 22.82 8.39 -33.85
CA ASP A 180 23.00 9.67 -33.16
C ASP A 180 21.87 9.87 -32.16
N GLY A 181 22.25 10.17 -30.91
CA GLY A 181 21.30 10.51 -29.88
C GLY A 181 20.17 9.50 -29.75
N PRO A 182 20.51 8.24 -29.52
CA PRO A 182 19.45 7.23 -29.30
C PRO A 182 18.63 7.50 -28.05
N VAL A 183 19.29 7.63 -26.90
CA VAL A 183 18.62 7.89 -25.63
C VAL A 183 18.69 9.37 -25.34
N GLN A 184 17.53 9.99 -25.18
CA GLN A 184 17.41 11.40 -24.84
C GLN A 184 16.87 11.55 -23.42
N VAL A 185 16.74 12.80 -22.99
CA VAL A 185 16.22 13.11 -21.66
C VAL A 185 15.51 14.46 -21.73
N ALA A 186 14.69 14.73 -20.72
CA ALA A 186 13.99 15.99 -20.63
C ALA A 186 14.84 17.02 -19.91
N GLU A 187 14.65 18.29 -20.29
CA GLU A 187 15.45 19.36 -19.70
C GLU A 187 15.31 19.36 -18.17
N GLY A 188 14.09 19.53 -17.67
CA GLY A 188 13.86 19.57 -16.24
C GLY A 188 13.75 18.19 -15.61
N LEU A 189 14.66 17.29 -15.99
CA LEU A 189 14.69 15.94 -15.44
C LEU A 189 15.62 15.93 -14.24
N THR A 190 15.05 15.73 -13.06
CA THR A 190 15.82 15.75 -11.82
C THR A 190 15.22 14.75 -10.85
N LEU A 191 16.09 14.05 -10.14
CA LEU A 191 15.69 13.08 -9.13
C LEU A 191 15.81 13.68 -7.75
N PRO A 192 15.07 13.16 -6.77
CA PRO A 192 15.10 13.77 -5.44
C PRO A 192 16.41 13.54 -4.70
N GLN A 193 16.93 12.30 -4.73
CA GLN A 193 18.11 11.94 -3.95
C GLN A 193 19.18 11.28 -4.81
N PHE A 194 19.20 11.55 -6.11
CA PHE A 194 20.17 10.96 -7.02
C PHE A 194 20.71 12.02 -7.96
N ILE A 195 21.79 11.67 -8.64
CA ILE A 195 22.45 12.54 -9.61
C ILE A 195 22.69 11.69 -10.85
N LEU A 196 21.77 11.75 -11.80
CA LEU A 196 21.91 10.98 -13.02
C LEU A 196 23.01 11.58 -13.91
N LYS A 197 23.66 10.71 -14.67
CA LYS A 197 24.77 11.10 -15.53
C LYS A 197 24.36 10.98 -17.00
N GLU A 198 24.97 11.83 -17.83
CA GLU A 198 24.74 11.81 -19.26
C GLU A 198 25.58 10.76 -19.97
N GLU A 199 26.25 9.88 -19.24
CA GLU A 199 27.06 8.81 -19.81
C GLU A 199 26.25 7.52 -19.72
N LYS A 200 25.39 7.31 -20.71
CA LYS A 200 24.50 6.16 -20.76
C LYS A 200 25.11 5.12 -21.67
N GLU A 201 25.38 3.93 -21.12
CA GLU A 201 26.08 2.90 -21.88
C GLU A 201 25.10 2.12 -22.74
N LEU A 202 25.51 1.85 -23.97
CA LEU A 202 24.72 1.09 -24.94
C LEU A 202 25.44 -0.23 -25.19
N GLY A 203 24.81 -1.34 -24.82
CA GLY A 203 25.42 -2.64 -24.97
C GLY A 203 24.47 -3.65 -25.56
N TYR A 204 25.05 -4.75 -26.03
CA TYR A 204 24.29 -5.86 -26.56
C TYR A 204 24.09 -6.91 -25.47
N CYS A 205 22.91 -7.50 -25.47
CA CYS A 205 22.42 -8.42 -24.47
C CYS A 205 22.22 -9.82 -25.00
N THR A 206 21.65 -9.97 -26.19
CA THR A 206 21.69 -11.21 -26.97
C THR A 206 21.38 -12.43 -26.11
N LYS A 207 20.16 -12.45 -25.58
CA LYS A 207 19.70 -13.61 -24.84
C LYS A 207 19.75 -14.85 -25.71
N HIS A 208 20.25 -15.95 -25.16
CA HIS A 208 20.36 -17.22 -25.87
C HIS A 208 19.65 -18.27 -25.03
N TYR A 209 18.36 -18.44 -25.34
CA TYR A 209 17.49 -19.44 -24.67
C TYR A 209 17.63 -20.78 -25.40
N ASN A 210 16.90 -21.79 -24.93
CA ASN A 210 17.01 -23.12 -25.53
C ASN A 210 16.37 -23.18 -26.91
N THR A 211 15.39 -22.30 -27.19
CA THR A 211 14.62 -22.36 -28.46
C THR A 211 15.47 -21.80 -29.58
N GLY A 212 16.10 -20.65 -29.32
CA GLY A 212 16.93 -20.03 -30.33
C GLY A 212 17.62 -18.80 -29.78
N LYS A 213 18.30 -18.10 -30.70
CA LYS A 213 19.06 -16.91 -30.36
C LYS A 213 18.16 -15.69 -30.52
N PHE A 214 17.73 -15.13 -29.39
CA PHE A 214 16.83 -13.94 -29.39
C PHE A 214 17.64 -12.68 -29.11
N THR A 215 17.39 -11.62 -29.88
CA THR A 215 18.10 -10.36 -29.71
C THR A 215 17.65 -9.67 -28.43
N CYS A 216 18.51 -8.76 -27.96
CA CYS A 216 18.31 -8.08 -26.69
C CYS A 216 19.29 -6.91 -26.64
N ILE A 217 18.80 -5.71 -26.35
CA ILE A 217 19.60 -4.49 -26.36
C ILE A 217 19.49 -3.85 -24.99
N GLU A 218 20.62 -3.67 -24.31
CA GLU A 218 20.65 -3.12 -22.98
C GLU A 218 21.17 -1.70 -23.00
N VAL A 219 20.52 -0.85 -22.21
CA VAL A 219 20.99 0.50 -21.93
C VAL A 219 21.19 0.62 -20.43
N LYS A 220 22.35 1.15 -20.03
CA LYS A 220 22.75 1.20 -18.64
C LYS A 220 22.89 2.64 -18.20
N PHE A 221 22.19 2.98 -17.12
CA PHE A 221 22.27 4.29 -16.49
C PHE A 221 23.17 4.20 -15.27
N HIS A 222 24.08 5.16 -15.14
CA HIS A 222 24.97 5.25 -13.98
C HIS A 222 24.42 6.30 -13.04
N LEU A 223 23.86 5.84 -11.92
CA LEU A 223 23.25 6.71 -10.92
C LEU A 223 24.20 6.88 -9.75
N GLU A 224 24.29 8.12 -9.25
CA GLU A 224 25.09 8.45 -8.07
C GLU A 224 24.17 9.02 -7.02
N ARG A 225 24.07 8.34 -5.89
CA ARG A 225 23.25 8.83 -4.78
C ARG A 225 23.94 10.01 -4.11
N GLN A 226 23.14 11.01 -3.75
CA GLN A 226 23.62 12.16 -2.99
C GLN A 226 23.19 12.01 -1.54
N MET A 227 24.14 12.17 -0.62
CA MET A 227 23.97 11.79 0.76
C MET A 227 23.48 12.91 1.65
N GLY A 228 22.87 13.96 1.08
CA GLY A 228 22.39 15.05 1.90
C GLY A 228 21.41 14.61 2.97
N TYR A 229 20.37 13.87 2.56
CA TYR A 229 19.33 13.48 3.51
C TYR A 229 19.88 12.55 4.57
N TYR A 230 20.56 11.48 4.15
CA TYR A 230 21.10 10.53 5.11
C TYR A 230 22.05 11.22 6.07
N LEU A 231 22.86 12.15 5.56
CA LEU A 231 23.80 12.87 6.40
C LEU A 231 23.07 13.69 7.45
N ILE A 232 22.13 14.53 7.03
CA ILE A 232 21.44 15.42 7.96
C ILE A 232 20.45 14.70 8.85
N GLN A 233 20.10 13.45 8.56
CA GLN A 233 19.09 12.74 9.33
C GLN A 233 19.65 11.67 10.25
N MET A 234 20.75 11.02 9.89
CA MET A 234 21.36 9.99 10.73
C MET A 234 22.75 10.39 11.21
N TYR A 235 23.64 10.74 10.28
CA TYR A 235 25.02 11.04 10.64
C TYR A 235 25.09 12.16 11.67
N ILE A 236 24.36 13.25 11.43
CA ILE A 236 24.49 14.44 12.25
C ILE A 236 23.89 14.19 13.63
N PRO A 237 22.68 13.64 13.75
CA PRO A 237 22.17 13.30 15.09
C PRO A 237 23.09 12.34 15.84
N SER A 238 23.59 11.31 15.17
CA SER A 238 24.49 10.38 15.84
C SER A 238 25.75 11.09 16.32
N LEU A 239 26.32 11.95 15.49
CA LEU A 239 27.50 12.70 15.89
C LEU A 239 27.22 13.56 17.11
N LEU A 240 26.03 14.18 17.14
CA LEU A 240 25.67 14.99 18.30
C LEU A 240 25.56 14.13 19.56
N ILE A 241 24.92 12.97 19.45
CA ILE A 241 24.80 12.09 20.62
C ILE A 241 26.18 11.63 21.08
N VAL A 242 27.11 11.48 20.15
CA VAL A 242 28.45 11.05 20.54
C VAL A 242 29.19 12.18 21.25
N ILE A 243 29.06 13.41 20.76
CA ILE A 243 29.65 14.54 21.48
C ILE A 243 29.00 14.68 22.84
N LEU A 244 27.74 14.28 22.95
CA LEU A 244 27.05 14.28 24.24
C LEU A 244 27.69 13.28 25.19
N SER A 245 27.83 12.04 24.74
CA SER A 245 28.54 11.04 25.53
C SER A 245 29.95 11.48 25.86
N TRP A 246 30.53 12.37 25.06
CA TRP A 246 31.84 12.91 25.39
C TRP A 246 31.75 13.89 26.54
N VAL A 247 30.91 14.92 26.41
CA VAL A 247 30.77 15.90 27.49
C VAL A 247 30.37 15.22 28.79
N SER A 248 29.80 14.01 28.71
CA SER A 248 29.56 13.24 29.92
C SER A 248 30.82 13.08 30.76
N PHE A 249 32.00 13.26 30.17
CA PHE A 249 33.25 13.09 30.89
C PHE A 249 33.64 14.31 31.70
N TRP A 250 33.35 15.51 31.20
CA TRP A 250 33.73 16.75 31.88
C TRP A 250 33.00 16.96 33.20
N ILE A 251 32.08 16.08 33.56
CA ILE A 251 31.35 16.20 34.83
C ILE A 251 32.21 15.65 35.96
N ASN A 252 31.84 15.96 37.19
CA ASN A 252 32.55 15.44 38.35
C ASN A 252 32.07 14.04 38.69
N MET A 253 32.98 13.24 39.24
CA MET A 253 32.65 11.84 39.56
C MET A 253 31.62 11.77 40.67
N ASP A 254 31.82 12.54 41.74
CA ASP A 254 30.91 12.49 42.88
C ASP A 254 29.46 12.72 42.48
N ALA A 255 29.23 13.41 41.37
CA ALA A 255 27.88 13.59 40.84
C ALA A 255 27.57 12.51 39.80
N ALA A 256 27.62 11.26 40.28
CA ALA A 256 27.38 10.13 39.40
C ALA A 256 26.02 10.16 38.71
N PRO A 257 24.96 10.69 39.30
CA PRO A 257 23.68 10.75 38.57
C PRO A 257 23.79 11.42 37.21
N ALA A 258 24.61 12.46 37.10
CA ALA A 258 24.79 13.15 35.84
C ALA A 258 25.27 12.19 34.76
N ARG A 259 26.42 11.56 35.01
CA ARG A 259 26.99 10.64 34.03
C ARG A 259 26.05 9.47 33.76
N VAL A 260 25.38 8.97 34.80
CA VAL A 260 24.43 7.87 34.61
C VAL A 260 23.35 8.27 33.61
N ALA A 261 22.64 9.36 33.92
CA ALA A 261 21.56 9.80 33.06
C ALA A 261 22.06 10.08 31.65
N LEU A 262 23.22 10.72 31.53
CA LEU A 262 23.74 11.08 30.22
C LEU A 262 24.06 9.83 29.39
N GLY A 263 24.75 8.87 30.00
CA GLY A 263 25.06 7.64 29.28
C GLY A 263 23.81 6.90 28.85
N ILE A 264 22.84 6.77 29.75
CA ILE A 264 21.63 6.03 29.41
C ILE A 264 20.88 6.73 28.29
N THR A 265 20.72 8.04 28.43
CA THR A 265 19.98 8.87 27.44
C THR A 265 20.67 8.78 26.07
N THR A 266 22.01 8.71 26.05
CA THR A 266 22.73 8.64 24.79
C THR A 266 22.62 7.25 24.16
N VAL A 267 22.81 6.21 24.95
CA VAL A 267 22.84 4.85 24.41
C VAL A 267 21.46 4.44 23.92
N LEU A 268 20.41 4.79 24.66
CA LEU A 268 19.06 4.42 24.22
C LEU A 268 18.71 5.11 22.92
N THR A 269 19.01 6.41 22.80
CA THR A 269 18.76 7.12 21.56
C THR A 269 19.57 6.54 20.41
N MET A 270 20.81 6.14 20.69
CA MET A 270 21.65 5.55 19.64
C MET A 270 21.05 4.23 19.16
N THR A 271 20.59 3.38 20.09
CA THR A 271 19.96 2.13 19.70
C THR A 271 18.71 2.37 18.87
N THR A 272 17.86 3.31 19.31
CA THR A 272 16.64 3.58 18.57
C THR A 272 16.94 4.13 17.18
N GLN A 273 17.99 4.96 17.07
CA GLN A 273 18.33 5.51 15.76
C GLN A 273 18.91 4.44 14.85
N SER A 274 19.69 3.51 15.39
CA SER A 274 20.16 2.39 14.59
C SER A 274 19.00 1.52 14.12
N SER A 275 18.02 1.31 14.99
CA SER A 275 16.82 0.56 14.61
C SER A 275 16.09 1.27 13.47
N GLY A 276 15.90 2.58 13.59
CA GLY A 276 15.27 3.32 12.51
C GLY A 276 16.06 3.23 11.22
N SER A 277 17.38 3.32 11.30
CA SER A 277 18.21 3.18 10.12
C SER A 277 17.96 1.84 9.43
N ARG A 278 18.16 0.74 10.17
CA ARG A 278 17.93 -0.57 9.59
C ARG A 278 16.52 -0.71 9.03
N ALA A 279 15.55 -0.05 9.66
CA ALA A 279 14.18 -0.12 9.17
C ALA A 279 14.04 0.58 7.83
N SER A 280 14.72 1.72 7.66
CA SER A 280 14.66 2.44 6.40
C SER A 280 15.33 1.69 5.26
N LEU A 281 16.09 0.65 5.55
CA LEU A 281 16.77 -0.18 4.57
C LEU A 281 16.18 -1.58 4.54
N PRO A 282 16.50 -2.36 3.52
CA PRO A 282 16.05 -3.76 3.47
C PRO A 282 16.96 -4.67 4.28
N LYS A 283 16.71 -5.97 4.21
CA LYS A 283 17.60 -6.98 4.78
C LYS A 283 18.56 -7.45 3.70
N VAL A 284 19.83 -7.62 4.08
CA VAL A 284 20.86 -7.94 3.10
C VAL A 284 22.06 -8.53 3.83
N SER A 285 22.70 -9.50 3.20
CA SER A 285 23.77 -10.24 3.85
C SER A 285 24.96 -9.35 4.15
N TYR A 286 25.57 -8.78 3.11
CA TYR A 286 26.82 -8.05 3.28
C TYR A 286 26.59 -6.82 4.16
N VAL A 287 27.68 -6.14 4.48
CA VAL A 287 27.68 -5.05 5.45
C VAL A 287 27.46 -3.73 4.71
N LYS A 288 26.71 -2.83 5.34
CA LYS A 288 26.41 -1.53 4.78
C LYS A 288 27.21 -0.46 5.52
N ALA A 289 27.77 0.49 4.77
CA ALA A 289 28.60 1.53 5.35
C ALA A 289 27.92 2.21 6.53
N ILE A 290 26.73 2.77 6.30
CA ILE A 290 26.03 3.47 7.37
C ILE A 290 25.85 2.55 8.56
N ASP A 291 25.69 1.25 8.31
CA ASP A 291 25.60 0.31 9.42
C ASP A 291 26.89 0.27 10.21
N ILE A 292 28.03 0.23 9.51
CA ILE A 292 29.33 0.27 10.18
C ILE A 292 29.42 1.50 11.06
N TRP A 293 29.08 2.66 10.50
CA TRP A 293 29.25 3.90 11.25
C TRP A 293 28.31 3.98 12.44
N MET A 294 27.05 3.60 12.25
CA MET A 294 26.12 3.57 13.36
C MET A 294 26.59 2.64 14.46
N ALA A 295 27.08 1.46 14.08
CA ALA A 295 27.51 0.48 15.07
C ALA A 295 28.74 0.98 15.82
N VAL A 296 29.68 1.62 15.12
CA VAL A 296 30.88 2.09 15.81
C VAL A 296 30.56 3.27 16.72
N CYS A 297 29.57 4.10 16.35
CA CYS A 297 29.17 5.17 17.26
C CYS A 297 28.50 4.61 18.51
N LEU A 298 27.60 3.63 18.32
CA LEU A 298 27.06 2.92 19.47
C LEU A 298 28.19 2.32 20.32
N LEU A 299 29.24 1.85 19.66
CA LEU A 299 30.37 1.25 20.36
C LEU A 299 31.13 2.29 21.17
N PHE A 300 31.29 3.49 20.62
CA PHE A 300 31.96 4.55 21.37
C PHE A 300 31.13 4.99 22.57
N VAL A 301 29.81 5.05 22.41
CA VAL A 301 28.95 5.33 23.57
C VAL A 301 29.14 4.26 24.64
N PHE A 302 29.09 2.98 24.21
CA PHE A 302 29.34 1.88 25.14
C PHE A 302 30.66 2.06 25.85
N ALA A 303 31.72 2.37 25.11
CA ALA A 303 33.05 2.45 25.70
C ALA A 303 33.16 3.63 26.66
N ALA A 304 32.50 4.75 26.35
CA ALA A 304 32.54 5.88 27.26
C ALA A 304 31.83 5.56 28.57
N LEU A 305 30.65 4.95 28.48
CA LEU A 305 29.95 4.55 29.71
C LEU A 305 30.75 3.51 30.48
N LEU A 306 31.41 2.60 29.76
CA LEU A 306 32.24 1.59 30.40
C LEU A 306 33.43 2.23 31.11
N GLU A 307 34.00 3.28 30.51
CA GLU A 307 35.12 3.97 31.15
C GLU A 307 34.65 4.72 32.38
N TYR A 308 33.46 5.31 32.34
CA TYR A 308 32.90 5.88 33.56
C TYR A 308 32.74 4.81 34.63
N ALA A 309 32.25 3.63 34.25
CA ALA A 309 32.09 2.56 35.23
C ALA A 309 33.43 2.16 35.83
N ALA A 310 34.46 2.03 35.00
CA ALA A 310 35.78 1.68 35.51
C ALA A 310 36.36 2.79 36.38
N VAL A 311 36.02 4.04 36.08
CA VAL A 311 36.42 5.15 36.94
C VAL A 311 35.79 5.00 38.32
N ASN A 312 34.49 4.73 38.35
CA ASN A 312 33.80 4.52 39.63
C ASN A 312 34.37 3.31 40.35
N PHE A 313 34.80 2.29 39.61
CA PHE A 313 35.40 1.12 40.22
C PHE A 313 36.72 1.46 40.88
N VAL A 314 37.60 2.17 40.17
CA VAL A 314 38.90 2.51 40.73
C VAL A 314 38.75 3.49 41.88
N SER A 315 37.75 4.35 41.83
CA SER A 315 37.55 5.38 42.86
C SER A 315 36.51 4.93 43.90
N ARG A 316 36.84 3.85 44.60
CA ARG A 316 35.97 3.34 45.65
C ARG A 316 34.56 3.08 45.13
N LYS A 322 46.22 7.84 45.97
CA LYS A 322 44.80 7.58 46.24
C LYS A 322 44.12 6.98 45.02
N PHE A 323 42.79 7.01 45.02
CA PHE A 323 41.98 6.49 43.92
C PHE A 323 41.33 7.58 43.09
N VAL A 324 40.86 8.65 43.73
CA VAL A 324 40.27 9.76 42.98
C VAL A 324 41.31 10.38 42.07
N ASP A 325 42.58 10.36 42.47
CA ASP A 325 43.63 10.90 41.62
C ASP A 325 43.71 10.15 40.30
N ARG A 326 43.83 8.82 40.35
CA ARG A 326 43.88 8.02 39.14
C ARG A 326 42.58 8.14 38.35
N ALA A 327 41.45 8.23 39.04
CA ALA A 327 40.18 8.41 38.35
C ALA A 327 40.18 9.70 37.53
N LYS A 328 40.55 10.81 38.15
CA LYS A 328 40.60 12.08 37.42
C LYS A 328 41.61 12.03 36.30
N ARG A 329 42.75 11.36 36.52
CA ARG A 329 43.76 11.26 35.49
C ARG A 329 43.22 10.55 34.25
N ILE A 330 42.61 9.38 34.45
CA ILE A 330 42.10 8.62 33.31
C ILE A 330 40.94 9.36 32.66
N ASP A 331 40.11 10.04 33.45
CA ASP A 331 39.00 10.77 32.87
C ASP A 331 39.49 11.93 32.02
N THR A 332 40.52 12.64 32.46
CA THR A 332 41.08 13.73 31.66
C THR A 332 41.72 13.19 30.39
N ILE A 333 42.50 12.11 30.52
CA ILE A 333 43.11 11.51 29.34
C ILE A 333 42.04 11.13 28.33
N SER A 334 40.93 10.57 28.80
CA SER A 334 39.83 10.21 27.90
C SER A 334 39.24 11.45 27.25
N ARG A 335 38.80 12.40 28.07
CA ARG A 335 38.17 13.61 27.54
C ARG A 335 39.06 14.32 26.53
N ALA A 336 40.38 14.14 26.62
CA ALA A 336 41.29 14.82 25.73
C ALA A 336 41.72 13.98 24.53
N ALA A 337 41.58 12.66 24.58
CA ALA A 337 42.03 11.80 23.48
C ALA A 337 40.90 11.14 22.70
N PHE A 338 39.86 10.67 23.37
CA PHE A 338 38.73 10.04 22.67
C PHE A 338 38.28 10.83 21.46
N PRO A 339 38.12 12.15 21.53
CA PRO A 339 37.76 12.89 20.31
C PRO A 339 38.75 12.68 19.18
N LEU A 340 40.05 12.57 19.48
CA LEU A 340 41.02 12.33 18.43
C LEU A 340 40.88 10.94 17.84
N ALA A 341 40.49 9.95 18.66
CA ALA A 341 40.23 8.62 18.12
C ALA A 341 39.02 8.63 17.20
N PHE A 342 37.93 9.25 17.65
CA PHE A 342 36.78 9.43 16.77
C PHE A 342 37.18 10.14 15.49
N LEU A 343 38.10 11.10 15.59
CA LEU A 343 38.48 11.90 14.43
C LEU A 343 39.29 11.07 13.43
N ILE A 344 40.26 10.29 13.92
CA ILE A 344 41.05 9.46 13.01
C ILE A 344 40.15 8.41 12.37
N PHE A 345 39.25 7.82 13.15
CA PHE A 345 38.32 6.88 12.54
C PHE A 345 37.48 7.55 11.46
N ASN A 346 36.93 8.72 11.76
CA ASN A 346 36.04 9.38 10.82
C ASN A 346 36.78 9.77 9.54
N ILE A 347 38.02 10.25 9.68
CA ILE A 347 38.78 10.64 8.50
C ILE A 347 39.08 9.41 7.64
N PHE A 348 39.50 8.30 8.27
CA PHE A 348 39.71 7.09 7.49
C PHE A 348 38.42 6.64 6.81
N TYR A 349 37.32 6.65 7.55
CA TYR A 349 36.04 6.18 7.04
C TYR A 349 35.63 6.97 5.81
N TRP A 350 35.61 8.30 5.94
CA TRP A 350 35.15 9.13 4.83
C TRP A 350 36.14 9.07 3.66
N ILE A 351 37.44 9.07 3.94
CA ILE A 351 38.43 9.05 2.87
C ILE A 351 38.45 7.73 2.13
N THR A 352 37.96 6.66 2.75
CA THR A 352 37.94 5.35 2.09
C THR A 352 36.59 4.97 1.53
N TYR A 353 35.50 5.61 1.98
CA TYR A 353 34.17 5.33 1.45
C TYR A 353 33.61 6.51 0.64
N LYS A 354 34.42 7.52 0.37
CA LYS A 354 34.02 8.67 -0.45
C LYS A 354 34.80 8.76 -1.75
N ILE A 355 36.12 8.56 -1.70
CA ILE A 355 36.94 8.69 -2.89
C ILE A 355 36.80 7.50 -3.82
N ILE A 356 36.30 6.37 -3.31
CA ILE A 356 36.10 5.19 -4.15
C ILE A 356 34.82 5.31 -4.97
N ARG A 357 33.71 5.62 -4.31
CA ARG A 357 32.43 5.78 -4.98
C ARG A 357 32.48 6.99 -5.93
N LEU B 15 0.38 -20.91 -52.15
CA LEU B 15 1.72 -20.91 -51.55
C LEU B 15 1.89 -19.72 -50.61
N SER B 16 1.10 -18.67 -50.82
CA SER B 16 1.23 -17.46 -50.03
C SER B 16 1.08 -17.80 -48.54
N PRO B 17 1.74 -17.04 -47.66
CA PRO B 17 1.62 -17.34 -46.23
C PRO B 17 0.22 -17.12 -45.69
N SER B 18 -0.45 -16.07 -46.13
CA SER B 18 -1.80 -15.81 -45.62
C SER B 18 -2.75 -16.94 -45.99
N ASP B 19 -2.75 -17.35 -47.26
CA ASP B 19 -3.62 -18.44 -47.68
C ASP B 19 -3.25 -19.74 -46.97
N PHE B 20 -1.95 -19.96 -46.76
CA PHE B 20 -1.53 -21.17 -46.07
C PHE B 20 -2.05 -21.21 -44.64
N LEU B 21 -1.91 -20.10 -43.92
CA LEU B 21 -2.41 -20.04 -42.56
C LEU B 21 -3.93 -20.19 -42.53
N ASP B 22 -4.62 -19.59 -43.50
CA ASP B 22 -6.07 -19.71 -43.56
C ASP B 22 -6.47 -21.17 -43.78
N LYS B 23 -5.73 -21.90 -44.61
CA LYS B 23 -6.00 -23.32 -44.80
C LYS B 23 -5.66 -24.12 -43.54
N LEU B 24 -4.63 -23.70 -42.82
CA LEU B 24 -4.16 -24.46 -41.67
C LEU B 24 -5.10 -24.33 -40.48
N MET B 25 -5.27 -23.11 -39.97
CA MET B 25 -6.10 -22.89 -38.79
C MET B 25 -7.04 -21.69 -38.89
N GLY B 26 -6.95 -20.89 -39.94
CA GLY B 26 -7.81 -19.74 -40.07
C GLY B 26 -9.26 -20.14 -40.31
N ARG B 27 -10.06 -19.14 -40.63
CA ARG B 27 -11.49 -19.36 -40.85
C ARG B 27 -11.74 -20.40 -41.94
N THR B 28 -11.04 -20.28 -43.06
CA THR B 28 -11.24 -21.20 -44.18
C THR B 28 -10.67 -22.58 -43.92
N SER B 29 -9.90 -22.76 -42.85
CA SER B 29 -9.24 -24.05 -42.61
C SER B 29 -10.26 -25.15 -42.42
N GLY B 30 -11.11 -25.02 -41.41
CA GLY B 30 -11.91 -26.11 -40.90
C GLY B 30 -11.48 -26.57 -39.53
N TYR B 31 -10.44 -25.96 -38.97
CA TYR B 31 -9.97 -26.28 -37.63
C TYR B 31 -11.00 -25.84 -36.59
N ASP B 32 -11.02 -26.56 -35.47
CA ASP B 32 -11.88 -26.24 -34.34
C ASP B 32 -11.02 -26.14 -33.10
N ALA B 33 -11.23 -25.09 -32.31
CA ALA B 33 -10.41 -24.82 -31.13
C ALA B 33 -10.93 -25.54 -29.90
N ARG B 34 -12.25 -25.55 -29.69
CA ARG B 34 -12.83 -26.17 -28.51
C ARG B 34 -12.62 -27.68 -28.48
N ILE B 35 -12.11 -28.27 -29.54
CA ILE B 35 -11.93 -29.71 -29.64
C ILE B 35 -10.45 -30.02 -29.44
N ARG B 36 -10.10 -30.57 -28.29
CA ARG B 36 -8.73 -30.97 -28.04
C ARG B 36 -8.30 -32.00 -29.08
N PRO B 37 -6.99 -32.21 -29.22
CA PRO B 37 -6.53 -33.27 -30.13
C PRO B 37 -6.86 -34.66 -29.57
N ASN B 38 -7.16 -35.57 -30.49
CA ASN B 38 -7.50 -36.94 -30.14
C ASN B 38 -8.76 -36.99 -29.29
N PHE B 39 -9.81 -36.33 -29.77
CA PHE B 39 -11.07 -36.28 -29.04
C PHE B 39 -11.68 -37.68 -28.92
N LYS B 40 -12.27 -37.95 -27.78
CA LYS B 40 -12.79 -39.28 -27.46
C LYS B 40 -11.76 -40.35 -27.76
N GLY B 41 -10.54 -40.10 -27.29
CA GLY B 41 -9.44 -41.01 -27.52
C GLY B 41 -8.40 -40.91 -26.41
N PRO B 42 -7.14 -41.21 -26.72
CA PRO B 42 -6.12 -41.14 -25.70
C PRO B 42 -5.88 -39.71 -25.26
N PRO B 43 -5.44 -39.48 -24.03
CA PRO B 43 -5.23 -38.12 -23.56
C PRO B 43 -4.00 -37.47 -24.16
N VAL B 44 -3.80 -36.20 -23.87
CA VAL B 44 -2.65 -35.46 -24.37
C VAL B 44 -1.49 -35.63 -23.41
N ASN B 45 -0.28 -35.58 -23.96
CA ASN B 45 0.95 -35.63 -23.18
C ASN B 45 1.68 -34.31 -23.38
N VAL B 46 1.50 -33.39 -22.44
CA VAL B 46 2.12 -32.07 -22.51
C VAL B 46 3.48 -32.13 -21.84
N THR B 47 4.46 -31.48 -22.46
CA THR B 47 5.81 -31.39 -21.92
C THR B 47 6.05 -29.93 -21.56
N CYS B 48 6.14 -29.65 -20.26
CA CYS B 48 6.21 -28.28 -19.76
C CYS B 48 7.58 -27.99 -19.19
N ASN B 49 8.15 -26.85 -19.57
CA ASN B 49 9.39 -26.34 -19.02
C ASN B 49 9.21 -24.87 -18.71
N ILE B 50 10.20 -24.28 -18.04
CA ILE B 50 10.16 -22.87 -17.69
C ILE B 50 11.58 -22.31 -17.68
N PHE B 51 11.67 -20.98 -17.68
CA PHE B 51 12.92 -20.26 -17.57
C PHE B 51 12.67 -19.07 -16.67
N ILE B 52 13.36 -19.03 -15.53
CA ILE B 52 13.13 -18.02 -14.51
C ILE B 52 14.03 -16.83 -14.81
N ASN B 53 13.46 -15.63 -14.69
CA ASN B 53 14.17 -14.39 -14.96
C ASN B 53 14.32 -13.54 -13.70
N SER B 54 13.22 -13.24 -13.03
CA SER B 54 13.22 -12.45 -11.81
C SER B 54 12.68 -13.29 -10.67
N PHE B 55 13.41 -13.32 -9.56
CA PHE B 55 13.04 -14.13 -8.40
C PHE B 55 13.28 -13.29 -7.16
N GLY B 56 12.24 -13.06 -6.37
CA GLY B 56 12.38 -12.25 -5.18
C GLY B 56 11.04 -11.92 -4.55
N SER B 57 10.99 -10.77 -3.90
CA SER B 57 9.81 -10.36 -3.13
C SER B 57 9.39 -11.47 -2.17
N VAL B 58 10.38 -12.17 -1.61
CA VAL B 58 10.13 -13.25 -0.66
C VAL B 58 9.75 -12.59 0.66
N THR B 59 8.45 -12.46 0.91
CA THR B 59 7.93 -11.76 2.07
C THR B 59 7.31 -12.79 3.00
N GLU B 60 7.94 -13.01 4.15
CA GLU B 60 7.37 -13.93 5.14
C GLU B 60 6.05 -13.42 5.69
N THR B 61 5.76 -12.12 5.56
CA THR B 61 4.49 -11.59 6.03
C THR B 61 3.33 -12.30 5.34
N THR B 62 3.25 -12.18 4.02
CA THR B 62 2.22 -12.83 3.23
C THR B 62 2.56 -14.28 2.90
N MET B 63 3.73 -14.76 3.29
CA MET B 63 4.18 -16.11 2.96
C MET B 63 4.11 -16.35 1.46
N ASP B 64 4.79 -15.47 0.72
CA ASP B 64 4.71 -15.50 -0.72
C ASP B 64 6.06 -15.11 -1.33
N TYR B 65 6.18 -15.36 -2.62
CA TYR B 65 7.35 -14.96 -3.38
C TYR B 65 6.97 -14.73 -4.82
N ARG B 66 7.67 -13.80 -5.47
CA ARG B 66 7.36 -13.39 -6.83
C ARG B 66 8.35 -14.02 -7.80
N VAL B 67 7.84 -14.45 -8.96
CA VAL B 67 8.67 -15.00 -10.01
C VAL B 67 8.16 -14.50 -11.36
N ASN B 68 9.10 -14.25 -12.27
CA ASN B 68 8.80 -13.91 -13.65
C ASN B 68 9.40 -14.99 -14.54
N ILE B 69 8.55 -15.71 -15.26
CA ILE B 69 8.95 -16.95 -15.91
C ILE B 69 8.49 -16.96 -17.36
N PHE B 70 9.37 -17.54 -18.17
CA PHE B 70 9.07 -17.78 -19.59
C PHE B 70 8.55 -19.22 -19.62
N LEU B 71 7.30 -19.45 -19.21
CA LEU B 71 6.70 -20.78 -19.28
C LEU B 71 6.64 -21.26 -20.72
N ARG B 72 6.84 -22.57 -20.91
CA ARG B 72 6.84 -23.20 -22.26
C ARG B 72 6.10 -24.54 -22.19
N GLN B 73 5.19 -24.79 -23.13
CA GLN B 73 4.42 -26.03 -23.18
C GLN B 73 4.47 -26.58 -24.59
N GLN B 74 4.87 -27.84 -24.71
CA GLN B 74 4.92 -28.53 -26.00
C GLN B 74 3.88 -29.64 -26.03
N TRP B 75 3.22 -29.78 -27.17
CA TRP B 75 2.20 -30.81 -27.32
C TRP B 75 1.93 -31.03 -28.81
N ASN B 76 1.51 -32.23 -29.14
CA ASN B 76 1.36 -32.65 -30.54
C ASN B 76 -0.12 -32.80 -30.87
N ASP B 77 -0.59 -31.99 -31.81
CA ASP B 77 -1.94 -32.09 -32.34
C ASP B 77 -1.84 -32.40 -33.83
N SER B 78 -2.28 -33.59 -34.22
CA SER B 78 -2.07 -34.07 -35.58
C SER B 78 -2.86 -33.28 -36.62
N ARG B 79 -3.67 -32.31 -36.22
CA ARG B 79 -4.38 -31.49 -37.19
C ARG B 79 -3.49 -30.46 -37.85
N LEU B 80 -2.31 -30.20 -37.30
CA LEU B 80 -1.36 -29.22 -37.83
C LEU B 80 -0.16 -29.97 -38.39
N ALA B 81 -0.27 -30.37 -39.65
CA ALA B 81 0.80 -31.10 -40.32
C ALA B 81 0.70 -30.79 -41.81
N TYR B 82 1.80 -30.31 -42.39
CA TYR B 82 1.78 -29.80 -43.76
C TYR B 82 3.06 -30.23 -44.46
N SER B 83 3.12 -29.94 -45.76
CA SER B 83 4.34 -30.14 -46.54
C SER B 83 4.66 -28.97 -47.47
N GLU B 84 3.76 -27.99 -47.62
CA GLU B 84 4.04 -26.86 -48.51
C GLU B 84 5.32 -26.15 -48.09
N TYR B 85 5.33 -25.58 -46.89
CA TYR B 85 6.53 -24.95 -46.35
C TYR B 85 7.47 -26.03 -45.82
N PRO B 86 8.59 -26.30 -46.51
CA PRO B 86 9.44 -27.42 -46.10
C PRO B 86 10.21 -27.18 -44.82
N ASP B 87 10.14 -25.98 -44.26
CA ASP B 87 10.88 -25.69 -43.02
C ASP B 87 10.37 -26.58 -41.90
N ASP B 88 11.28 -27.33 -41.28
CA ASP B 88 10.90 -28.24 -40.20
C ASP B 88 10.09 -27.51 -39.14
N SER B 89 10.59 -26.37 -38.68
CA SER B 89 9.90 -25.54 -37.71
C SER B 89 9.25 -24.36 -38.42
N LEU B 90 8.64 -23.47 -37.63
CA LEU B 90 7.91 -22.35 -38.19
C LEU B 90 7.56 -21.38 -37.07
N ASP B 91 7.70 -20.09 -37.34
CA ASP B 91 7.35 -19.03 -36.40
C ASP B 91 6.07 -18.36 -36.83
N LEU B 92 5.15 -18.17 -35.88
CA LEU B 92 3.86 -17.56 -36.13
C LEU B 92 3.71 -16.31 -35.29
N ASP B 93 2.58 -15.63 -35.49
CA ASP B 93 2.30 -14.40 -34.76
C ASP B 93 1.33 -14.68 -33.63
N PRO B 94 1.61 -14.21 -32.41
CA PRO B 94 0.69 -14.46 -31.29
C PRO B 94 -0.75 -14.01 -31.53
N SER B 95 -0.96 -13.17 -32.54
CA SER B 95 -2.29 -12.60 -32.75
C SER B 95 -3.34 -13.70 -32.91
N MET B 96 -3.19 -14.54 -33.93
CA MET B 96 -4.16 -15.61 -34.17
C MET B 96 -3.92 -16.84 -33.31
N LEU B 97 -2.95 -16.78 -32.39
CA LEU B 97 -2.68 -17.92 -31.52
C LEU B 97 -3.96 -18.47 -30.90
N ASP B 98 -4.83 -17.58 -30.42
CA ASP B 98 -6.03 -18.01 -29.72
C ASP B 98 -6.91 -18.93 -30.55
N SER B 99 -6.63 -19.08 -31.84
CA SER B 99 -7.45 -19.96 -32.68
C SER B 99 -7.16 -21.43 -32.42
N ILE B 100 -5.96 -21.78 -32.00
CA ILE B 100 -5.59 -23.17 -31.77
C ILE B 100 -5.98 -23.56 -30.35
N TRP B 101 -6.00 -24.86 -30.09
CA TRP B 101 -6.31 -25.40 -28.77
C TRP B 101 -5.07 -25.27 -27.90
N LYS B 102 -5.06 -24.29 -27.02
CA LYS B 102 -4.00 -24.17 -26.03
C LYS B 102 -4.49 -24.76 -24.71
N PRO B 103 -3.78 -25.71 -24.12
CA PRO B 103 -4.36 -26.47 -23.01
C PRO B 103 -4.59 -25.60 -21.78
N ASP B 104 -5.66 -25.91 -21.07
CA ASP B 104 -5.95 -25.22 -19.82
C ASP B 104 -4.82 -25.48 -18.83
N LEU B 105 -4.65 -24.53 -17.90
CA LEU B 105 -3.55 -24.60 -16.96
C LEU B 105 -3.67 -23.51 -15.91
N PHE B 106 -3.10 -23.74 -14.73
CA PHE B 106 -3.08 -22.73 -13.68
C PHE B 106 -2.07 -23.13 -12.63
N PHE B 107 -1.85 -22.23 -11.68
CA PHE B 107 -0.91 -22.40 -10.60
C PHE B 107 -1.68 -22.41 -9.29
N ALA B 108 -1.93 -23.61 -8.76
CA ALA B 108 -2.78 -23.76 -7.59
C ALA B 108 -2.27 -23.01 -6.38
N ASN B 109 -1.01 -22.58 -6.40
CA ASN B 109 -0.39 -21.88 -5.27
C ASN B 109 -0.07 -20.43 -5.62
N GLU B 110 -0.98 -19.78 -6.34
CA GLU B 110 -0.83 -18.38 -6.71
C GLU B 110 -1.88 -17.55 -5.99
N LYS B 111 -1.46 -16.44 -5.41
CA LYS B 111 -2.37 -15.47 -4.80
C LYS B 111 -2.85 -14.47 -5.82
N GLY B 112 -1.94 -13.92 -6.61
CA GLY B 112 -2.29 -13.03 -7.70
C GLY B 112 -1.32 -13.17 -8.85
N ALA B 113 -1.85 -13.48 -10.03
CA ALA B 113 -1.03 -13.69 -11.22
C ALA B 113 -1.34 -12.62 -12.26
N ASN B 114 -0.41 -12.44 -13.17
CA ASN B 114 -0.54 -11.39 -14.18
C ASN B 114 0.14 -11.84 -15.46
N PHE B 115 -0.34 -11.29 -16.57
CA PHE B 115 0.31 -11.42 -17.86
C PHE B 115 1.32 -10.29 -18.02
N HIS B 116 1.85 -10.12 -19.23
CA HIS B 116 2.63 -8.94 -19.57
C HIS B 116 2.28 -8.54 -21.00
N ASP B 117 1.71 -7.35 -21.15
CA ASP B 117 1.24 -6.82 -22.43
C ASP B 117 1.95 -5.50 -22.67
N VAL B 118 3.06 -5.55 -23.40
CA VAL B 118 3.86 -4.36 -23.69
C VAL B 118 4.26 -4.41 -25.16
N THR B 119 3.60 -3.60 -25.99
CA THR B 119 3.91 -3.46 -27.41
C THR B 119 3.46 -4.66 -28.21
N THR B 120 3.05 -5.73 -27.54
CA THR B 120 2.47 -6.91 -28.18
C THR B 120 2.20 -7.91 -27.07
N ASP B 121 1.38 -8.91 -27.38
CA ASP B 121 1.15 -10.00 -26.45
C ASP B 121 2.41 -10.85 -26.36
N ASN B 122 2.93 -11.01 -25.14
CA ASN B 122 4.14 -11.79 -24.91
C ASN B 122 3.80 -13.27 -25.05
N LYS B 123 3.97 -13.79 -26.26
CA LYS B 123 3.77 -15.20 -26.51
C LYS B 123 4.70 -15.65 -27.63
N LEU B 124 4.86 -16.97 -27.75
CA LEU B 124 5.69 -17.60 -28.81
C LEU B 124 5.00 -18.88 -29.28
N LEU B 125 4.63 -18.94 -30.57
CA LEU B 125 3.93 -20.07 -31.16
C LEU B 125 4.81 -20.66 -32.25
N ARG B 126 5.53 -21.73 -31.92
CA ARG B 126 6.46 -22.36 -32.85
C ARG B 126 5.91 -23.72 -33.23
N ILE B 127 5.65 -23.91 -34.52
CA ILE B 127 5.05 -25.14 -35.02
C ILE B 127 6.08 -25.89 -35.86
N SER B 128 6.05 -27.21 -35.76
CA SER B 128 6.92 -28.08 -36.52
C SER B 128 6.18 -28.55 -37.78
N LYS B 129 6.79 -29.49 -38.50
CA LYS B 129 6.18 -30.03 -39.70
C LYS B 129 5.10 -31.07 -39.39
N ASN B 130 5.14 -31.67 -38.21
CA ASN B 130 4.19 -32.71 -37.84
C ASN B 130 3.08 -32.22 -36.92
N GLY B 131 3.35 -31.18 -36.12
CA GLY B 131 2.33 -30.63 -35.24
C GLY B 131 2.79 -30.49 -33.81
N LYS B 132 4.09 -30.62 -33.57
CA LYS B 132 4.61 -30.50 -32.22
C LYS B 132 4.62 -29.04 -31.79
N VAL B 133 3.42 -28.49 -31.55
CA VAL B 133 3.30 -27.10 -31.17
C VAL B 133 4.10 -26.82 -29.92
N LEU B 134 4.71 -25.63 -29.88
CA LEU B 134 5.40 -25.11 -28.71
C LEU B 134 4.83 -23.73 -28.43
N TYR B 135 4.37 -23.52 -27.19
CA TYR B 135 3.65 -22.33 -26.79
C TYR B 135 4.36 -21.74 -25.58
N SER B 136 4.99 -20.58 -25.79
CA SER B 136 5.72 -19.85 -24.73
C SER B 136 4.86 -18.69 -24.24
N ILE B 137 4.90 -18.42 -22.94
CA ILE B 137 4.09 -17.37 -22.32
C ILE B 137 4.87 -16.81 -21.14
N ARG B 138 4.96 -15.49 -21.07
CA ARG B 138 5.71 -14.82 -20.03
C ARG B 138 4.75 -14.35 -18.94
N LEU B 139 4.98 -14.83 -17.71
CA LEU B 139 4.07 -14.56 -16.61
C LEU B 139 4.83 -14.01 -15.42
N THR B 140 4.11 -13.26 -14.59
CA THR B 140 4.55 -12.89 -13.25
C THR B 140 3.58 -13.50 -12.25
N LEU B 141 4.12 -14.07 -11.18
CA LEU B 141 3.35 -14.88 -10.26
C LEU B 141 3.75 -14.55 -8.83
N THR B 142 2.77 -14.22 -8.00
CA THR B 142 2.96 -14.04 -6.57
C THR B 142 2.54 -15.34 -5.88
N LEU B 143 3.39 -16.34 -5.99
CA LEU B 143 3.06 -17.66 -5.47
C LEU B 143 3.19 -17.67 -3.95
N SER B 144 2.63 -18.71 -3.34
CA SER B 144 2.61 -18.87 -1.89
C SER B 144 3.29 -20.17 -1.50
N CYS B 145 4.13 -20.10 -0.48
CA CYS B 145 4.80 -21.28 0.06
C CYS B 145 4.84 -21.22 1.58
N PRO B 146 4.09 -22.06 2.28
CA PRO B 146 4.09 -21.99 3.75
C PRO B 146 5.47 -22.30 4.31
N MET B 147 5.79 -21.63 5.42
CA MET B 147 7.12 -21.64 6.00
C MET B 147 7.08 -22.22 7.40
N ASP B 148 8.16 -22.90 7.78
CA ASP B 148 8.35 -23.45 9.11
C ASP B 148 9.58 -22.78 9.71
N LEU B 149 9.33 -21.77 10.56
CA LEU B 149 10.39 -20.94 11.11
C LEU B 149 10.86 -21.41 12.48
N LYS B 150 10.71 -22.70 12.79
CA LYS B 150 11.20 -23.21 14.06
C LYS B 150 12.68 -22.90 14.23
N ASN B 151 13.43 -22.85 13.13
CA ASN B 151 14.82 -22.38 13.11
C ASN B 151 14.89 -21.34 12.00
N PHE B 152 14.55 -20.10 12.33
CA PHE B 152 14.26 -19.10 11.32
C PHE B 152 15.51 -18.62 10.57
N PRO B 153 16.48 -18.01 11.23
CA PRO B 153 17.58 -17.40 10.47
C PRO B 153 18.39 -18.42 9.70
N MET B 154 18.50 -19.65 10.21
CA MET B 154 19.17 -20.74 9.52
C MET B 154 18.20 -21.67 8.83
N ASP B 155 17.04 -21.15 8.42
CA ASP B 155 16.00 -22.00 7.86
C ASP B 155 16.33 -22.43 6.44
N VAL B 156 15.90 -23.65 6.11
CA VAL B 156 16.01 -24.20 4.76
C VAL B 156 14.58 -24.38 4.27
N GLN B 157 14.05 -23.38 3.57
CA GLN B 157 12.65 -23.36 3.18
C GLN B 157 12.45 -24.05 1.84
N THR B 158 11.33 -24.74 1.70
CA THR B 158 10.94 -25.42 0.48
C THR B 158 9.74 -24.69 -0.10
N CYS B 159 9.95 -23.93 -1.16
CA CYS B 159 8.88 -23.14 -1.77
C CYS B 159 8.53 -23.75 -3.12
N THR B 160 7.24 -23.95 -3.36
CA THR B 160 6.77 -24.80 -4.44
C THR B 160 6.14 -23.97 -5.56
N MET B 161 6.08 -24.60 -6.72
CA MET B 161 5.30 -24.11 -7.85
C MET B 161 4.57 -25.31 -8.43
N GLN B 162 3.25 -25.21 -8.52
CA GLN B 162 2.38 -26.32 -8.94
C GLN B 162 1.68 -25.94 -10.24
N LEU B 163 2.13 -26.52 -11.35
CA LEU B 163 1.41 -26.43 -12.61
C LEU B 163 0.33 -27.50 -12.63
N GLU B 164 -0.92 -27.09 -12.86
CA GLU B 164 -2.04 -28.02 -12.70
C GLU B 164 -3.15 -27.62 -13.66
N SER B 165 -3.73 -28.62 -14.31
CA SER B 165 -4.87 -28.38 -15.18
C SER B 165 -6.12 -28.11 -14.34
N PHE B 166 -7.10 -27.45 -14.97
CA PHE B 166 -8.35 -27.08 -14.24
C PHE B 166 -9.58 -27.71 -14.89
N GLY B 167 -9.73 -27.60 -16.21
CA GLY B 167 -10.92 -28.11 -16.84
C GLY B 167 -10.78 -29.53 -17.33
N TYR B 168 -9.71 -29.80 -18.06
CA TYR B 168 -9.47 -31.12 -18.62
C TYR B 168 -8.84 -32.02 -17.57
N THR B 169 -9.38 -33.22 -17.42
CA THR B 169 -8.93 -34.16 -16.40
C THR B 169 -7.73 -34.96 -16.92
N MET B 170 -7.22 -35.86 -16.07
CA MET B 170 -6.13 -36.73 -16.48
C MET B 170 -6.55 -37.71 -17.56
N ASN B 171 -7.87 -37.93 -17.73
CA ASN B 171 -8.36 -38.78 -18.80
C ASN B 171 -8.25 -38.12 -20.16
N ASP B 172 -7.97 -36.81 -20.22
CA ASP B 172 -7.80 -36.11 -21.48
C ASP B 172 -6.58 -35.21 -21.54
N LEU B 173 -5.90 -34.95 -20.42
CA LEU B 173 -4.79 -34.02 -20.39
C LEU B 173 -3.83 -34.43 -19.28
N ILE B 174 -2.58 -34.69 -19.64
CA ILE B 174 -1.57 -35.21 -18.71
C ILE B 174 -0.32 -34.36 -18.84
N PHE B 175 -0.01 -33.58 -17.80
CA PHE B 175 1.25 -32.85 -17.76
C PHE B 175 2.39 -33.77 -17.32
N GLU B 176 3.60 -33.40 -17.72
CA GLU B 176 4.81 -34.09 -17.26
C GLU B 176 6.01 -33.28 -17.70
N TRP B 177 7.03 -33.26 -16.84
CA TRP B 177 8.19 -32.39 -17.04
C TRP B 177 8.97 -32.73 -18.30
N LEU B 178 9.97 -31.92 -18.61
CA LEU B 178 10.95 -32.24 -19.62
C LEU B 178 12.01 -33.16 -19.05
N SER B 179 12.75 -33.83 -19.93
CA SER B 179 13.79 -34.75 -19.49
C SER B 179 15.10 -34.04 -19.22
N ASP B 180 15.53 -33.14 -20.11
CA ASP B 180 16.79 -32.43 -19.98
C ASP B 180 16.51 -30.94 -19.80
N GLY B 181 16.92 -30.41 -18.66
CA GLY B 181 16.76 -29.00 -18.36
C GLY B 181 15.30 -28.58 -18.38
N PRO B 182 14.49 -29.19 -17.51
CA PRO B 182 13.08 -28.80 -17.46
C PRO B 182 12.86 -27.45 -16.81
N VAL B 183 13.56 -27.17 -15.72
CA VAL B 183 13.50 -25.89 -15.02
C VAL B 183 14.87 -25.25 -15.11
N GLN B 184 14.92 -24.03 -15.62
CA GLN B 184 16.15 -23.28 -15.82
C GLN B 184 16.15 -22.03 -14.96
N VAL B 185 17.24 -21.28 -15.02
CA VAL B 185 17.38 -20.02 -14.32
C VAL B 185 18.31 -19.13 -15.14
N ALA B 186 18.30 -17.84 -14.83
CA ALA B 186 19.08 -16.85 -15.57
C ALA B 186 20.47 -16.75 -14.95
N GLU B 187 21.50 -16.99 -15.77
CA GLU B 187 22.87 -16.86 -15.30
C GLU B 187 23.09 -15.48 -14.73
N GLY B 188 23.36 -15.39 -13.43
CA GLY B 188 23.54 -14.12 -12.76
C GLY B 188 22.37 -13.77 -11.87
N LEU B 189 21.73 -14.79 -11.31
CA LEU B 189 20.58 -14.61 -10.43
C LEU B 189 21.04 -14.73 -8.98
N THR B 190 20.78 -13.69 -8.19
CA THR B 190 21.11 -13.69 -6.77
C THR B 190 20.03 -12.95 -6.01
N LEU B 191 19.62 -13.50 -4.90
CA LEU B 191 18.62 -12.88 -4.06
C LEU B 191 19.28 -12.10 -2.94
N PRO B 192 18.60 -11.08 -2.42
CA PRO B 192 19.19 -10.30 -1.32
C PRO B 192 19.49 -11.16 -0.09
N GLN B 193 18.46 -11.81 0.43
CA GLN B 193 18.61 -12.59 1.65
C GLN B 193 19.14 -13.99 1.36
N PHE B 194 18.39 -14.78 0.60
CA PHE B 194 18.68 -16.20 0.45
C PHE B 194 19.73 -16.44 -0.62
N ILE B 195 20.00 -17.71 -0.87
CA ILE B 195 20.87 -18.16 -1.96
C ILE B 195 20.16 -19.36 -2.59
N LEU B 196 19.64 -19.19 -3.79
CA LEU B 196 18.87 -20.24 -4.43
C LEU B 196 19.77 -21.41 -4.80
N LYS B 197 19.38 -22.60 -4.37
CA LYS B 197 20.15 -23.81 -4.68
C LYS B 197 19.96 -24.20 -6.13
N GLU B 198 20.95 -24.94 -6.65
CA GLU B 198 20.90 -25.46 -8.01
C GLU B 198 20.19 -26.80 -8.09
N GLU B 199 19.86 -27.41 -6.96
CA GLU B 199 19.21 -28.72 -6.92
C GLU B 199 17.72 -28.51 -6.63
N LYS B 200 16.92 -28.43 -7.69
CA LYS B 200 15.49 -28.32 -7.57
C LYS B 200 14.86 -29.71 -7.58
N GLU B 201 13.77 -29.86 -6.84
CA GLU B 201 13.06 -31.14 -6.77
C GLU B 201 11.86 -31.11 -7.71
N LEU B 202 11.64 -32.23 -8.40
CA LEU B 202 10.57 -32.35 -9.37
C LEU B 202 9.68 -33.53 -8.98
N GLY B 203 8.37 -33.35 -9.12
CA GLY B 203 7.47 -34.45 -8.82
C GLY B 203 6.07 -34.15 -9.29
N TYR B 204 5.19 -35.13 -9.08
CA TYR B 204 3.76 -34.98 -9.32
C TYR B 204 3.05 -34.74 -8.00
N CYS B 205 1.94 -34.02 -8.06
CA CYS B 205 1.06 -33.88 -6.91
C CYS B 205 -0.29 -34.54 -7.14
N THR B 206 -0.78 -34.51 -8.37
CA THR B 206 -1.98 -35.22 -8.79
C THR B 206 -3.16 -34.95 -7.86
N LYS B 207 -3.61 -33.70 -7.86
CA LYS B 207 -4.83 -33.34 -7.14
C LYS B 207 -5.97 -34.24 -7.56
N HIS B 208 -6.73 -34.72 -6.57
CA HIS B 208 -7.90 -35.57 -6.81
C HIS B 208 -9.08 -34.98 -6.06
N TYR B 209 -9.80 -34.07 -6.71
CA TYR B 209 -10.99 -33.48 -6.13
C TYR B 209 -12.17 -34.45 -6.31
N ASN B 210 -13.38 -33.97 -6.02
CA ASN B 210 -14.55 -34.82 -6.16
C ASN B 210 -15.03 -34.90 -7.60
N THR B 211 -14.79 -33.86 -8.40
CA THR B 211 -15.22 -33.88 -9.80
C THR B 211 -14.42 -34.88 -10.63
N GLY B 212 -13.21 -35.20 -10.22
CA GLY B 212 -12.40 -36.14 -10.95
C GLY B 212 -10.94 -35.99 -10.59
N LYS B 213 -10.10 -36.74 -11.29
CA LYS B 213 -8.67 -36.76 -11.05
C LYS B 213 -8.01 -35.75 -11.99
N PHE B 214 -7.53 -34.65 -11.43
CA PHE B 214 -6.85 -33.61 -12.19
C PHE B 214 -5.35 -33.81 -12.11
N THR B 215 -4.69 -33.78 -13.26
CA THR B 215 -3.24 -33.91 -13.28
C THR B 215 -2.60 -32.65 -12.71
N CYS B 216 -1.30 -32.76 -12.43
CA CYS B 216 -0.62 -31.73 -11.65
C CYS B 216 0.87 -31.99 -11.68
N ILE B 217 1.62 -30.96 -11.29
CA ILE B 217 3.08 -31.00 -11.21
C ILE B 217 3.49 -30.24 -9.96
N GLU B 218 4.76 -30.39 -9.59
CA GLU B 218 5.29 -29.70 -8.43
C GLU B 218 6.79 -29.58 -8.58
N VAL B 219 7.29 -28.35 -8.63
CA VAL B 219 8.72 -28.08 -8.61
C VAL B 219 9.02 -27.33 -7.32
N LYS B 220 9.90 -27.90 -6.50
CA LYS B 220 10.24 -27.36 -5.20
C LYS B 220 11.63 -26.74 -5.26
N PHE B 221 11.70 -25.44 -4.98
CA PHE B 221 12.97 -24.74 -4.85
C PHE B 221 13.36 -24.71 -3.38
N HIS B 222 14.59 -25.11 -3.10
CA HIS B 222 15.15 -24.98 -1.76
C HIS B 222 15.83 -23.63 -1.62
N LEU B 223 15.53 -22.94 -0.51
CA LEU B 223 16.05 -21.61 -0.25
C LEU B 223 16.74 -21.61 1.10
N GLU B 224 18.04 -21.32 1.09
CA GLU B 224 18.82 -21.19 2.32
C GLU B 224 18.98 -19.71 2.64
N ARG B 225 18.68 -19.34 3.87
CA ARG B 225 18.68 -17.95 4.29
C ARG B 225 20.06 -17.57 4.80
N GLN B 226 20.66 -16.56 4.19
CA GLN B 226 21.96 -16.08 4.63
C GLN B 226 21.83 -15.35 5.95
N MET B 227 22.59 -15.79 6.94
CA MET B 227 22.47 -15.23 8.28
C MET B 227 23.05 -13.83 8.39
N GLY B 228 23.87 -13.41 7.42
CA GLY B 228 24.64 -12.19 7.51
C GLY B 228 23.94 -11.01 8.17
N TYR B 229 22.73 -10.69 7.71
CA TYR B 229 22.04 -9.51 8.22
C TYR B 229 21.69 -9.68 9.69
N TYR B 230 20.94 -10.74 10.02
CA TYR B 230 20.56 -10.97 11.40
C TYR B 230 21.77 -11.13 12.29
N LEU B 231 22.89 -11.56 11.74
CA LEU B 231 24.11 -11.74 12.51
C LEU B 231 24.75 -10.41 12.85
N ILE B 232 24.92 -9.55 11.86
CA ILE B 232 25.57 -8.26 12.08
C ILE B 232 24.60 -7.28 12.72
N GLN B 233 23.35 -7.69 12.91
CA GLN B 233 22.35 -6.79 13.46
C GLN B 233 21.79 -7.19 14.81
N MET B 234 21.77 -8.48 15.16
CA MET B 234 21.18 -8.92 16.42
C MET B 234 22.18 -9.63 17.32
N TYR B 235 22.84 -10.68 16.81
CA TYR B 235 23.70 -11.48 17.66
C TYR B 235 24.91 -10.69 18.15
N ILE B 236 25.56 -9.95 17.25
CA ILE B 236 26.73 -9.16 17.65
C ILE B 236 26.34 -8.11 18.68
N PRO B 237 25.28 -7.32 18.50
CA PRO B 237 24.83 -6.44 19.58
C PRO B 237 24.62 -7.20 20.88
N SER B 238 23.72 -8.19 20.88
CA SER B 238 23.45 -8.93 22.11
C SER B 238 24.73 -9.36 22.80
N LEU B 239 25.73 -9.80 22.02
CA LEU B 239 26.99 -10.21 22.61
C LEU B 239 27.69 -9.04 23.27
N LEU B 240 27.83 -7.91 22.57
CA LEU B 240 28.45 -6.75 23.17
C LEU B 240 27.72 -6.34 24.46
N ILE B 241 26.40 -6.46 24.46
CA ILE B 241 25.61 -6.08 25.62
C ILE B 241 25.91 -7.01 26.78
N VAL B 242 26.04 -8.31 26.50
CA VAL B 242 26.39 -9.26 27.55
C VAL B 242 27.78 -8.97 28.08
N ILE B 243 28.70 -8.54 27.21
CA ILE B 243 30.04 -8.19 27.68
C ILE B 243 29.99 -6.98 28.60
N LEU B 244 29.16 -5.99 28.24
CA LEU B 244 28.97 -4.85 29.14
C LEU B 244 28.41 -5.31 30.47
N SER B 245 27.45 -6.24 30.46
CA SER B 245 26.89 -6.76 31.69
C SER B 245 27.93 -7.48 32.52
N TRP B 246 28.89 -8.13 31.86
CA TRP B 246 29.95 -8.80 32.61
C TRP B 246 30.94 -7.80 33.19
N VAL B 247 31.19 -6.70 32.47
CA VAL B 247 31.95 -5.61 33.07
C VAL B 247 31.23 -5.12 34.33
N SER B 248 29.90 -5.01 34.26
CA SER B 248 29.13 -4.63 35.43
C SER B 248 29.32 -5.64 36.56
N PHE B 249 29.26 -6.93 36.26
CA PHE B 249 29.64 -7.95 37.24
C PHE B 249 30.96 -7.57 37.90
N TRP B 250 31.97 -7.21 37.11
CA TRP B 250 33.29 -6.87 37.64
C TRP B 250 33.29 -5.41 38.09
N ILE B 251 32.57 -5.14 39.17
CA ILE B 251 32.49 -3.82 39.77
C ILE B 251 32.32 -3.97 41.28
N ASN B 252 32.73 -2.94 42.02
CA ASN B 252 32.55 -2.89 43.45
C ASN B 252 31.06 -2.83 43.79
N MET B 253 30.75 -2.85 45.09
CA MET B 253 29.37 -2.88 45.55
C MET B 253 28.80 -1.48 45.78
N ASP B 254 29.63 -0.50 46.11
CA ASP B 254 29.17 0.84 46.45
C ASP B 254 28.97 1.73 45.23
N ALA B 255 28.89 1.16 44.03
CA ALA B 255 28.68 1.92 42.80
C ALA B 255 27.28 1.75 42.26
N ALA B 256 26.29 1.72 43.16
CA ALA B 256 24.90 1.48 42.83
C ALA B 256 24.48 2.18 41.54
N PRO B 257 24.63 3.51 41.44
CA PRO B 257 24.19 4.19 40.21
C PRO B 257 24.84 3.64 38.95
N ALA B 258 26.16 3.43 38.97
CA ALA B 258 26.86 3.02 37.76
C ALA B 258 26.46 1.61 37.34
N ARG B 259 26.53 0.66 38.27
CA ARG B 259 26.17 -0.72 37.95
C ARG B 259 24.72 -0.81 37.49
N VAL B 260 23.82 -0.09 38.17
CA VAL B 260 22.41 -0.13 37.80
C VAL B 260 22.21 0.47 36.41
N ALA B 261 22.87 1.59 36.12
CA ALA B 261 22.79 2.18 34.79
C ALA B 261 23.25 1.21 33.72
N LEU B 262 24.37 0.52 33.97
CA LEU B 262 24.89 -0.42 32.99
C LEU B 262 23.89 -1.56 32.77
N GLY B 263 23.40 -2.15 33.85
CA GLY B 263 22.45 -3.24 33.72
C GLY B 263 21.19 -2.83 32.99
N ILE B 264 20.68 -1.63 33.28
CA ILE B 264 19.44 -1.20 32.65
C ILE B 264 19.66 -0.84 31.19
N THR B 265 20.80 -0.22 30.86
CA THR B 265 21.15 -0.01 29.47
C THR B 265 21.15 -1.34 28.72
N THR B 266 21.79 -2.34 29.29
CA THR B 266 21.82 -3.66 28.65
C THR B 266 20.42 -4.20 28.44
N VAL B 267 19.60 -4.19 29.49
CA VAL B 267 18.25 -4.74 29.40
C VAL B 267 17.45 -4.01 28.32
N LEU B 268 17.54 -2.68 28.30
CA LEU B 268 16.71 -1.90 27.39
C LEU B 268 17.13 -2.09 25.94
N THR B 269 18.44 -2.09 25.67
CA THR B 269 18.88 -2.34 24.30
C THR B 269 18.53 -3.76 23.87
N MET B 270 18.58 -4.71 24.81
CA MET B 270 18.15 -6.08 24.49
C MET B 270 16.68 -6.10 24.11
N THR B 271 15.85 -5.39 24.87
CA THR B 271 14.42 -5.33 24.55
C THR B 271 14.20 -4.69 23.19
N THR B 272 14.96 -3.64 22.87
CA THR B 272 14.81 -3.00 21.56
C THR B 272 15.16 -3.98 20.44
N GLN B 273 16.27 -4.71 20.59
CA GLN B 273 16.64 -5.67 19.56
C GLN B 273 15.61 -6.78 19.43
N SER B 274 15.05 -7.22 20.55
CA SER B 274 14.03 -8.27 20.51
C SER B 274 12.77 -7.79 19.82
N SER B 275 12.34 -6.57 20.13
CA SER B 275 11.19 -5.98 19.44
C SER B 275 11.45 -5.90 17.95
N GLY B 276 12.64 -5.44 17.55
CA GLY B 276 12.96 -5.39 16.14
C GLY B 276 12.86 -6.75 15.47
N SER B 277 13.50 -7.75 16.06
CA SER B 277 13.46 -9.09 15.51
C SER B 277 12.04 -9.58 15.35
N ARG B 278 11.27 -9.55 16.44
CA ARG B 278 9.86 -10.06 16.44
C ARG B 278 8.94 -9.19 15.58
N ALA B 279 9.37 -7.99 15.20
CA ALA B 279 8.53 -7.11 14.40
C ALA B 279 8.84 -7.16 12.91
N SER B 280 10.05 -7.56 12.53
CA SER B 280 10.37 -7.74 11.13
C SER B 280 9.83 -9.04 10.56
N LEU B 281 8.92 -9.71 11.27
CA LEU B 281 8.44 -11.03 10.95
C LEU B 281 6.92 -11.07 10.98
N PRO B 282 6.32 -12.16 10.52
CA PRO B 282 4.87 -12.32 10.64
C PRO B 282 4.48 -12.75 12.04
N LYS B 283 3.18 -12.98 12.23
CA LYS B 283 2.63 -13.46 13.49
C LYS B 283 2.47 -14.97 13.43
N VAL B 284 2.95 -15.65 14.45
CA VAL B 284 2.92 -17.12 14.49
C VAL B 284 2.66 -17.57 15.92
N SER B 285 2.59 -18.89 16.12
CA SER B 285 2.25 -19.47 17.41
C SER B 285 3.40 -20.18 18.09
N TYR B 286 4.46 -20.53 17.37
CA TYR B 286 5.57 -21.26 17.94
C TYR B 286 6.74 -20.32 18.21
N VAL B 287 7.85 -20.89 18.69
CA VAL B 287 9.01 -20.13 19.12
C VAL B 287 10.02 -20.09 17.99
N LYS B 288 10.59 -18.91 17.75
CA LYS B 288 11.63 -18.74 16.76
C LYS B 288 13.00 -18.73 17.44
N ALA B 289 14.01 -19.18 16.70
CA ALA B 289 15.35 -19.30 17.26
C ALA B 289 15.88 -17.94 17.71
N ILE B 290 15.70 -16.91 16.86
CA ILE B 290 16.15 -15.57 17.23
C ILE B 290 15.52 -15.17 18.56
N ASP B 291 14.25 -15.53 18.77
CA ASP B 291 13.59 -15.24 20.03
C ASP B 291 14.26 -15.99 21.18
N ILE B 292 14.61 -17.26 20.95
CA ILE B 292 15.31 -18.03 21.98
C ILE B 292 16.57 -17.29 22.41
N TRP B 293 17.42 -16.95 21.44
CA TRP B 293 18.69 -16.30 21.76
C TRP B 293 18.47 -14.97 22.46
N MET B 294 17.53 -14.16 21.94
CA MET B 294 17.32 -12.83 22.51
C MET B 294 16.83 -12.94 23.94
N ALA B 295 15.86 -13.83 24.19
CA ALA B 295 15.35 -13.99 25.55
C ALA B 295 16.40 -14.56 26.48
N VAL B 296 17.27 -15.42 25.97
CA VAL B 296 18.34 -15.98 26.82
C VAL B 296 19.30 -14.88 27.25
N CYS B 297 19.70 -14.03 26.31
CA CYS B 297 20.59 -12.92 26.66
C CYS B 297 19.88 -11.95 27.59
N LEU B 298 18.58 -11.73 27.38
CA LEU B 298 17.82 -10.88 28.28
C LEU B 298 17.82 -11.43 29.69
N LEU B 299 17.62 -12.74 29.83
CA LEU B 299 17.67 -13.35 31.15
C LEU B 299 19.06 -13.27 31.75
N PHE B 300 20.11 -13.35 30.92
CA PHE B 300 21.46 -13.18 31.43
C PHE B 300 21.64 -11.79 32.06
N VAL B 301 21.28 -10.75 31.32
CA VAL B 301 21.46 -9.40 31.85
C VAL B 301 20.56 -9.16 33.05
N PHE B 302 19.35 -9.73 33.04
CA PHE B 302 18.47 -9.59 34.19
C PHE B 302 19.05 -10.29 35.40
N ALA B 303 19.71 -11.42 35.20
CA ALA B 303 20.39 -12.09 36.30
C ALA B 303 21.55 -11.26 36.81
N ALA B 304 22.22 -10.52 35.92
CA ALA B 304 23.26 -9.59 36.37
C ALA B 304 22.67 -8.54 37.29
N LEU B 305 21.58 -7.91 36.86
CA LEU B 305 20.95 -6.88 37.69
C LEU B 305 20.50 -7.47 39.03
N LEU B 306 19.90 -8.66 38.99
CA LEU B 306 19.44 -9.29 40.22
C LEU B 306 20.61 -9.72 41.11
N GLU B 307 21.75 -10.04 40.51
CA GLU B 307 22.94 -10.36 41.29
C GLU B 307 23.44 -9.12 42.02
N TYR B 308 23.45 -7.98 41.34
CA TYR B 308 23.77 -6.74 42.03
C TYR B 308 22.80 -6.50 43.18
N ALA B 309 21.51 -6.69 42.93
CA ALA B 309 20.52 -6.50 43.99
C ALA B 309 20.79 -7.43 45.16
N ALA B 310 21.16 -8.67 44.88
CA ALA B 310 21.42 -9.63 45.95
C ALA B 310 22.62 -9.21 46.77
N VAL B 311 23.70 -8.77 46.12
CA VAL B 311 24.86 -8.35 46.88
C VAL B 311 24.55 -7.11 47.70
N ASN B 312 23.72 -6.20 47.17
CA ASN B 312 23.37 -5.01 47.94
C ASN B 312 22.49 -5.36 49.12
N PHE B 313 21.62 -6.35 48.98
CA PHE B 313 20.82 -6.80 50.12
C PHE B 313 21.69 -7.48 51.16
N VAL B 314 22.68 -8.26 50.72
CA VAL B 314 23.53 -8.98 51.65
C VAL B 314 24.45 -8.02 52.40
N SER B 315 24.89 -6.95 51.74
CA SER B 315 25.78 -5.99 52.36
C SER B 315 25.18 -5.45 53.66
N ARG B 316 24.05 -4.76 53.55
CA ARG B 316 23.39 -4.20 54.72
C ARG B 316 21.92 -3.92 54.43
N LYS B 322 31.72 -10.62 59.38
CA LYS B 322 31.48 -9.73 58.26
C LYS B 322 30.71 -10.43 57.16
N PHE B 323 29.92 -9.67 56.41
CA PHE B 323 29.14 -10.19 55.29
C PHE B 323 29.67 -9.77 53.93
N VAL B 324 30.34 -8.62 53.85
CA VAL B 324 30.89 -8.16 52.59
C VAL B 324 31.92 -9.16 52.04
N ASP B 325 32.54 -9.95 52.91
CA ASP B 325 33.46 -10.98 52.45
C ASP B 325 32.74 -12.00 51.58
N ARG B 326 31.67 -12.61 52.12
CA ARG B 326 30.89 -13.55 51.33
C ARG B 326 30.23 -12.86 50.13
N ALA B 327 29.92 -11.57 50.27
CA ALA B 327 29.35 -10.83 49.15
C ALA B 327 30.34 -10.77 47.99
N LYS B 328 31.57 -10.35 48.25
CA LYS B 328 32.59 -10.34 47.22
C LYS B 328 32.88 -11.75 46.71
N ARG B 329 32.75 -12.75 47.60
CA ARG B 329 32.93 -14.14 47.16
C ARG B 329 31.90 -14.50 46.09
N ILE B 330 30.63 -14.21 46.35
CA ILE B 330 29.60 -14.52 45.35
C ILE B 330 29.77 -13.65 44.11
N ASP B 331 30.28 -12.42 44.28
CA ASP B 331 30.53 -11.58 43.13
C ASP B 331 31.56 -12.22 42.20
N THR B 332 32.69 -12.66 42.77
CA THR B 332 33.70 -13.35 41.98
C THR B 332 33.16 -14.64 41.39
N ILE B 333 32.33 -15.35 42.15
CA ILE B 333 31.75 -16.60 41.65
C ILE B 333 30.91 -16.32 40.42
N SER B 334 30.06 -15.30 40.48
CA SER B 334 29.25 -14.94 39.32
C SER B 334 30.13 -14.50 38.16
N ARG B 335 31.15 -13.69 38.44
CA ARG B 335 32.03 -13.23 37.37
C ARG B 335 32.67 -14.41 36.65
N ALA B 336 33.09 -15.43 37.39
CA ALA B 336 33.73 -16.58 36.77
C ALA B 336 32.74 -17.60 36.21
N ALA B 337 31.47 -17.52 36.59
CA ALA B 337 30.47 -18.51 36.17
C ALA B 337 29.68 -18.03 34.95
N PHE B 338 29.07 -16.85 35.03
CA PHE B 338 28.18 -16.44 33.95
C PHE B 338 28.85 -16.41 32.59
N PRO B 339 30.12 -16.03 32.45
CA PRO B 339 30.78 -16.23 31.15
C PRO B 339 30.77 -17.69 30.73
N LEU B 340 30.97 -18.60 31.68
CA LEU B 340 30.96 -20.02 31.35
C LEU B 340 29.57 -20.48 30.96
N ALA B 341 28.54 -20.00 31.65
CA ALA B 341 27.17 -20.36 31.29
C ALA B 341 26.83 -19.84 29.90
N PHE B 342 27.26 -18.61 29.59
CA PHE B 342 26.99 -18.07 28.26
C PHE B 342 27.75 -18.83 27.20
N LEU B 343 28.97 -19.26 27.49
CA LEU B 343 29.71 -20.11 26.55
C LEU B 343 28.97 -21.41 26.31
N ILE B 344 28.46 -22.04 27.38
CA ILE B 344 27.74 -23.29 27.24
C ILE B 344 26.51 -23.09 26.37
N PHE B 345 25.74 -22.03 26.65
CA PHE B 345 24.54 -21.76 25.86
C PHE B 345 24.90 -21.52 24.40
N ASN B 346 25.91 -20.69 24.15
CA ASN B 346 26.35 -20.41 22.78
C ASN B 346 26.68 -21.69 22.05
N ILE B 347 27.49 -22.55 22.67
CA ILE B 347 27.94 -23.77 22.02
C ILE B 347 26.75 -24.69 21.74
N PHE B 348 25.93 -24.95 22.75
CA PHE B 348 24.76 -25.80 22.56
C PHE B 348 23.88 -25.27 21.43
N TYR B 349 23.54 -23.98 21.50
CA TYR B 349 22.69 -23.35 20.50
C TYR B 349 23.25 -23.54 19.09
N TRP B 350 24.52 -23.17 18.90
CA TRP B 350 25.06 -23.18 17.55
C TRP B 350 25.24 -24.60 17.02
N ILE B 351 25.64 -25.54 17.87
CA ILE B 351 25.79 -26.90 17.37
C ILE B 351 24.44 -27.52 17.07
N THR B 352 23.38 -27.12 17.79
CA THR B 352 22.09 -27.74 17.55
C THR B 352 21.35 -27.12 16.38
N TYR B 353 21.63 -25.86 16.06
CA TYR B 353 20.95 -25.24 14.91
C TYR B 353 21.78 -25.30 13.63
N LYS B 354 23.06 -24.96 13.68
CA LYS B 354 23.84 -24.72 12.47
C LYS B 354 24.76 -25.87 12.10
N ILE B 355 24.81 -26.94 12.89
CA ILE B 355 25.73 -28.05 12.65
C ILE B 355 25.01 -29.36 12.43
N ILE B 356 24.03 -29.69 13.27
CA ILE B 356 23.30 -30.95 13.17
C ILE B 356 21.94 -30.75 12.50
N ARG B 357 21.78 -29.67 11.74
CA ARG B 357 20.50 -29.39 11.10
C ARG B 357 20.69 -28.46 9.91
N LEU C 15 -20.00 -37.41 -38.33
CA LEU C 15 -20.37 -36.65 -37.14
C LEU C 15 -19.12 -36.18 -36.39
N SER C 16 -18.73 -34.93 -36.64
CA SER C 16 -17.61 -34.37 -35.91
C SER C 16 -18.11 -33.58 -34.71
N PRO C 17 -17.30 -33.47 -33.65
CA PRO C 17 -17.77 -32.77 -32.44
C PRO C 17 -18.09 -31.30 -32.67
N SER C 18 -17.54 -30.69 -33.72
CA SER C 18 -17.87 -29.30 -34.01
C SER C 18 -19.37 -29.16 -34.30
N ASP C 19 -19.87 -29.94 -35.26
CA ASP C 19 -21.30 -29.93 -35.55
C ASP C 19 -22.11 -30.37 -34.34
N PHE C 20 -21.55 -31.22 -33.49
CA PHE C 20 -22.25 -31.65 -32.29
C PHE C 20 -22.49 -30.47 -31.35
N LEU C 21 -21.41 -29.76 -30.99
CA LEU C 21 -21.56 -28.58 -30.16
C LEU C 21 -22.43 -27.52 -30.83
N ASP C 22 -22.39 -27.45 -32.16
CA ASP C 22 -23.24 -26.49 -32.86
C ASP C 22 -24.72 -26.85 -32.70
N LYS C 23 -25.07 -28.12 -32.88
CA LYS C 23 -26.44 -28.56 -32.69
C LYS C 23 -26.86 -28.55 -31.23
N LEU C 24 -25.90 -28.52 -30.31
CA LEU C 24 -26.20 -28.49 -28.88
C LEU C 24 -26.45 -27.08 -28.38
N MET C 25 -25.46 -26.20 -28.52
CA MET C 25 -25.53 -24.85 -27.99
C MET C 25 -25.03 -23.77 -28.94
N GLY C 26 -24.44 -24.13 -30.08
CA GLY C 26 -23.86 -23.14 -30.96
C GLY C 26 -24.89 -22.29 -31.67
N ARG C 27 -24.54 -21.78 -32.86
CA ARG C 27 -25.45 -20.95 -33.62
C ARG C 27 -26.82 -21.60 -33.78
N THR C 28 -26.86 -22.92 -33.84
CA THR C 28 -28.10 -23.67 -33.95
C THR C 28 -28.58 -24.06 -32.56
N SER C 29 -29.56 -24.96 -32.51
CA SER C 29 -30.18 -25.50 -31.30
C SER C 29 -31.16 -24.52 -30.67
N GLY C 30 -31.28 -23.29 -31.17
CA GLY C 30 -32.22 -22.33 -30.62
C GLY C 30 -32.06 -22.16 -29.11
N TYR C 31 -30.84 -22.35 -28.61
CA TYR C 31 -30.56 -22.23 -27.19
C TYR C 31 -30.08 -20.80 -26.92
N ASP C 32 -30.93 -20.01 -26.27
CA ASP C 32 -30.62 -18.61 -25.96
C ASP C 32 -30.25 -18.54 -24.48
N ALA C 33 -28.96 -18.35 -24.20
CA ALA C 33 -28.50 -18.25 -22.83
C ALA C 33 -29.22 -17.18 -22.04
N ARG C 34 -29.81 -16.19 -22.72
CA ARG C 34 -30.52 -15.13 -22.01
C ARG C 34 -31.74 -15.67 -21.29
N ILE C 35 -32.33 -16.75 -21.77
CA ILE C 35 -33.57 -17.30 -21.25
C ILE C 35 -33.22 -18.48 -20.37
N ARG C 36 -33.40 -18.32 -19.05
CA ARG C 36 -33.18 -19.41 -18.13
C ARG C 36 -34.12 -20.57 -18.45
N PRO C 37 -33.81 -21.77 -18.00
CA PRO C 37 -34.72 -22.90 -18.22
C PRO C 37 -35.99 -22.78 -17.39
N ASN C 38 -37.01 -23.48 -17.83
CA ASN C 38 -38.32 -23.48 -17.17
C ASN C 38 -38.86 -22.05 -17.08
N PHE C 39 -38.78 -21.33 -18.19
CA PHE C 39 -39.25 -19.95 -18.22
C PHE C 39 -40.74 -19.91 -17.89
N LYS C 40 -41.12 -18.94 -17.07
CA LYS C 40 -42.48 -18.84 -16.53
C LYS C 40 -42.88 -20.13 -15.81
N GLY C 41 -41.89 -20.91 -15.39
CA GLY C 41 -42.14 -22.14 -14.69
C GLY C 41 -41.45 -22.14 -13.33
N PRO C 42 -41.28 -23.32 -12.74
CA PRO C 42 -40.61 -23.40 -11.43
C PRO C 42 -39.19 -22.88 -11.52
N PRO C 43 -38.54 -22.64 -10.40
CA PRO C 43 -37.20 -22.05 -10.40
C PRO C 43 -36.14 -23.09 -10.78
N VAL C 44 -34.89 -22.65 -10.76
CA VAL C 44 -33.75 -23.47 -11.11
C VAL C 44 -33.02 -23.80 -9.81
N ASN C 45 -33.20 -25.03 -9.33
CA ASN C 45 -32.61 -25.45 -8.06
C ASN C 45 -31.13 -25.76 -8.29
N VAL C 46 -30.26 -24.88 -7.80
CA VAL C 46 -28.82 -24.99 -7.97
C VAL C 46 -28.23 -25.60 -6.71
N THR C 47 -27.33 -26.56 -6.88
CA THR C 47 -26.57 -27.13 -5.78
C THR C 47 -25.13 -26.66 -5.95
N CYS C 48 -24.67 -25.81 -5.04
CA CYS C 48 -23.37 -25.19 -5.14
C CYS C 48 -22.51 -25.58 -3.95
N ASN C 49 -21.36 -26.19 -4.22
CA ASN C 49 -20.38 -26.51 -3.20
C ASN C 49 -19.06 -25.83 -3.54
N ILE C 50 -18.12 -25.92 -2.60
CA ILE C 50 -16.92 -25.10 -2.62
C ILE C 50 -15.71 -25.95 -2.27
N PHE C 51 -14.57 -25.56 -2.82
CA PHE C 51 -13.26 -26.04 -2.40
C PHE C 51 -12.42 -24.84 -2.04
N ILE C 52 -11.81 -24.88 -0.86
CA ILE C 52 -10.98 -23.80 -0.34
C ILE C 52 -9.53 -24.24 -0.50
N ASN C 53 -8.80 -23.55 -1.37
CA ASN C 53 -7.40 -23.88 -1.62
C ASN C 53 -6.45 -23.11 -0.72
N SER C 54 -6.79 -21.87 -0.38
CA SER C 54 -5.96 -21.06 0.48
C SER C 54 -6.84 -20.18 1.35
N PHE C 55 -6.27 -19.72 2.46
CA PHE C 55 -7.00 -18.93 3.44
C PHE C 55 -5.99 -18.15 4.25
N GLY C 56 -6.20 -16.84 4.37
CA GLY C 56 -5.27 -16.02 5.11
C GLY C 56 -5.55 -14.55 4.89
N SER C 57 -4.52 -13.74 5.11
CA SER C 57 -4.61 -12.26 4.99
C SER C 57 -5.83 -11.78 5.78
N VAL C 58 -6.04 -12.40 6.95
CA VAL C 58 -7.19 -12.05 7.85
C VAL C 58 -6.75 -10.86 8.70
N THR C 59 -6.67 -9.67 8.10
CA THR C 59 -6.22 -8.47 8.84
C THR C 59 -7.38 -7.95 9.69
N GLU C 60 -7.15 -7.84 11.00
CA GLU C 60 -8.17 -7.35 11.97
C GLU C 60 -8.47 -5.87 11.68
N THR C 61 -7.45 -5.10 11.27
CA THR C 61 -7.63 -3.65 10.99
C THR C 61 -8.64 -3.46 9.84
N THR C 62 -8.51 -4.26 8.78
CA THR C 62 -9.44 -4.16 7.62
C THR C 62 -10.71 -4.97 7.90
N MET C 63 -10.69 -5.81 8.94
CA MET C 63 -11.85 -6.66 9.32
C MET C 63 -12.31 -7.52 8.13
N ASP C 64 -11.38 -8.10 7.39
CA ASP C 64 -11.72 -8.96 6.22
C ASP C 64 -10.80 -10.18 6.19
N TYR C 65 -10.98 -11.05 5.20
CA TYR C 65 -10.18 -12.26 5.05
C TYR C 65 -10.21 -12.69 3.59
N ARG C 66 -9.08 -13.21 3.13
CA ARG C 66 -8.87 -13.54 1.73
C ARG C 66 -8.97 -15.06 1.55
N VAL C 67 -9.73 -15.47 0.54
CA VAL C 67 -9.89 -16.88 0.21
C VAL C 67 -9.67 -17.07 -1.29
N ASN C 68 -9.06 -18.18 -1.65
CA ASN C 68 -8.91 -18.60 -3.05
C ASN C 68 -9.68 -19.91 -3.20
N ILE C 69 -10.88 -19.83 -3.77
CA ILE C 69 -11.83 -20.92 -3.74
C ILE C 69 -12.14 -21.34 -5.18
N PHE C 70 -12.71 -22.54 -5.27
CA PHE C 70 -13.08 -23.19 -6.55
C PHE C 70 -14.59 -23.42 -6.50
N LEU C 71 -15.38 -22.36 -6.67
CA LEU C 71 -16.86 -22.54 -6.61
C LEU C 71 -17.24 -23.51 -7.72
N ARG C 72 -18.00 -24.55 -7.37
CA ARG C 72 -18.43 -25.57 -8.37
C ARG C 72 -19.93 -25.79 -8.16
N GLN C 73 -20.73 -25.08 -8.95
CA GLN C 73 -22.18 -25.15 -8.82
C GLN C 73 -22.76 -25.93 -9.99
N GLN C 74 -23.75 -26.78 -9.70
CA GLN C 74 -24.40 -27.57 -10.73
C GLN C 74 -25.91 -27.38 -10.65
N TRP C 75 -26.57 -27.73 -11.75
CA TRP C 75 -28.01 -27.60 -11.84
C TRP C 75 -28.50 -28.48 -12.98
N ASN C 76 -29.79 -28.80 -12.94
CA ASN C 76 -30.40 -29.72 -13.90
C ASN C 76 -31.35 -28.92 -14.78
N ASP C 77 -30.80 -28.33 -15.84
CA ASP C 77 -31.59 -27.69 -16.86
C ASP C 77 -31.86 -28.67 -18.01
N SER C 78 -32.64 -28.20 -18.98
CA SER C 78 -33.03 -29.00 -20.13
C SER C 78 -32.34 -28.48 -21.38
N ARG C 79 -32.71 -29.05 -22.52
CA ARG C 79 -32.19 -28.67 -23.84
C ARG C 79 -30.66 -28.62 -23.87
N LEU C 80 -30.00 -29.32 -22.95
CA LEU C 80 -28.58 -29.64 -23.06
C LEU C 80 -28.31 -31.13 -23.09
N ALA C 81 -29.29 -31.96 -22.76
CA ALA C 81 -29.14 -33.40 -22.87
C ALA C 81 -28.97 -33.79 -24.33
N TYR C 82 -28.74 -35.07 -24.57
CA TYR C 82 -28.45 -35.57 -25.91
C TYR C 82 -28.42 -37.09 -25.86
N SER C 83 -28.23 -37.68 -27.05
CA SER C 83 -28.07 -39.13 -27.17
C SER C 83 -26.93 -39.48 -28.12
N GLU C 84 -26.13 -38.51 -28.54
CA GLU C 84 -25.06 -38.80 -29.51
C GLU C 84 -23.92 -39.55 -28.84
N TYR C 85 -23.43 -39.06 -27.70
CA TYR C 85 -22.35 -39.70 -26.98
C TYR C 85 -22.93 -40.52 -25.85
N PRO C 86 -22.88 -41.86 -25.89
CA PRO C 86 -23.52 -42.65 -24.83
C PRO C 86 -22.89 -42.43 -23.47
N ASP C 87 -21.67 -41.89 -23.40
CA ASP C 87 -21.04 -41.66 -22.10
C ASP C 87 -21.89 -40.72 -21.27
N ASP C 88 -22.12 -41.10 -20.00
CA ASP C 88 -22.95 -40.28 -19.12
C ASP C 88 -22.33 -38.91 -18.92
N SER C 89 -21.09 -38.87 -18.44
CA SER C 89 -20.40 -37.61 -18.19
C SER C 89 -19.78 -37.08 -19.48
N LEU C 90 -19.37 -35.81 -19.44
CA LEU C 90 -18.82 -35.16 -20.62
C LEU C 90 -18.20 -33.84 -20.22
N ASP C 91 -17.03 -33.55 -20.75
CA ASP C 91 -16.32 -32.30 -20.50
C ASP C 91 -16.13 -31.55 -21.82
N LEU C 92 -16.35 -30.25 -21.79
CA LEU C 92 -16.26 -29.40 -22.96
C LEU C 92 -15.16 -28.36 -22.77
N ASP C 93 -14.99 -27.52 -23.78
CA ASP C 93 -14.01 -26.45 -23.70
C ASP C 93 -14.61 -25.27 -22.92
N PRO C 94 -13.93 -24.74 -21.92
CA PRO C 94 -14.49 -23.61 -21.15
C PRO C 94 -14.93 -22.44 -22.02
N SER C 95 -14.47 -22.38 -23.27
CA SER C 95 -14.85 -21.26 -24.13
C SER C 95 -16.36 -21.18 -24.31
N MET C 96 -17.02 -22.32 -24.50
CA MET C 96 -18.47 -22.32 -24.68
C MET C 96 -19.21 -21.98 -23.40
N LEU C 97 -18.53 -21.94 -22.26
CA LEU C 97 -19.20 -21.64 -21.00
C LEU C 97 -19.91 -20.29 -21.06
N ASP C 98 -19.34 -19.33 -21.78
CA ASP C 98 -19.95 -18.01 -21.87
C ASP C 98 -21.15 -17.99 -22.80
N SER C 99 -21.32 -19.02 -23.64
CA SER C 99 -22.41 -19.05 -24.61
C SER C 99 -23.68 -19.69 -24.08
N ILE C 100 -23.66 -20.23 -22.87
CA ILE C 100 -24.84 -20.85 -22.27
C ILE C 100 -25.27 -20.06 -21.05
N TRP C 101 -26.37 -20.47 -20.43
CA TRP C 101 -26.89 -19.77 -19.27
C TRP C 101 -26.07 -20.12 -18.04
N LYS C 102 -25.39 -19.13 -17.48
CA LYS C 102 -24.67 -19.28 -16.22
C LYS C 102 -25.43 -18.54 -15.14
N PRO C 103 -25.80 -19.18 -14.03
CA PRO C 103 -26.59 -18.48 -13.02
C PRO C 103 -25.90 -17.21 -12.55
N ASP C 104 -26.72 -16.26 -12.10
CA ASP C 104 -26.26 -14.97 -11.65
C ASP C 104 -26.17 -15.00 -10.13
N LEU C 105 -24.95 -15.00 -9.60
CA LEU C 105 -24.74 -14.98 -8.17
C LEU C 105 -23.53 -14.12 -7.84
N PHE C 106 -23.50 -13.68 -6.59
CA PHE C 106 -22.42 -12.87 -6.06
C PHE C 106 -22.25 -13.19 -4.59
N PHE C 107 -21.25 -12.55 -3.98
CA PHE C 107 -20.96 -12.69 -2.56
C PHE C 107 -21.31 -11.37 -1.87
N ALA C 108 -22.39 -11.39 -1.10
CA ALA C 108 -22.95 -10.17 -0.53
C ALA C 108 -22.08 -9.56 0.56
N ASN C 109 -20.98 -10.18 0.92
CA ASN C 109 -20.06 -9.63 1.92
C ASN C 109 -18.64 -9.63 1.38
N GLU C 110 -18.47 -9.21 0.13
CA GLU C 110 -17.16 -9.11 -0.49
C GLU C 110 -16.75 -7.66 -0.63
N LYS C 111 -15.45 -7.41 -0.51
CA LYS C 111 -14.85 -6.10 -0.73
C LYS C 111 -14.19 -6.01 -2.10
N GLY C 112 -13.35 -6.98 -2.43
CA GLY C 112 -12.73 -7.05 -3.74
C GLY C 112 -12.58 -8.49 -4.17
N ALA C 113 -13.14 -8.83 -5.34
CA ALA C 113 -13.15 -10.19 -5.83
C ALA C 113 -12.68 -10.21 -7.27
N ASN C 114 -12.03 -11.30 -7.66
CA ASN C 114 -11.57 -11.43 -9.03
C ASN C 114 -11.48 -12.90 -9.42
N PHE C 115 -11.41 -13.12 -10.73
CA PHE C 115 -11.14 -14.43 -11.29
C PHE C 115 -9.64 -14.66 -11.28
N HIS C 116 -9.19 -15.70 -11.99
CA HIS C 116 -7.77 -15.96 -12.16
C HIS C 116 -7.58 -16.52 -13.57
N ASP C 117 -7.05 -15.70 -14.47
CA ASP C 117 -6.81 -16.08 -15.86
C ASP C 117 -5.30 -16.12 -16.09
N VAL C 118 -4.77 -17.33 -16.27
CA VAL C 118 -3.36 -17.55 -16.56
C VAL C 118 -3.26 -18.70 -17.55
N THR C 119 -2.90 -18.38 -18.79
CA THR C 119 -2.80 -19.34 -19.88
C THR C 119 -4.17 -19.80 -20.36
N THR C 120 -5.22 -19.44 -19.61
CA THR C 120 -6.59 -19.64 -20.03
C THR C 120 -7.50 -19.15 -18.92
N ASP C 121 -8.72 -18.75 -19.26
CA ASP C 121 -9.69 -18.41 -18.23
C ASP C 121 -9.97 -19.65 -17.39
N ASN C 122 -9.65 -19.57 -16.10
CA ASN C 122 -9.74 -20.73 -15.22
C ASN C 122 -11.19 -21.04 -14.87
N LYS C 123 -11.83 -21.88 -15.68
CA LYS C 123 -13.21 -22.28 -15.43
C LYS C 123 -13.45 -23.63 -16.08
N LEU C 124 -14.33 -24.42 -15.47
CA LEU C 124 -14.63 -25.77 -15.87
C LEU C 124 -16.10 -25.89 -16.18
N LEU C 125 -16.41 -26.55 -17.29
CA LEU C 125 -17.77 -26.89 -17.67
C LEU C 125 -17.87 -28.39 -17.87
N ARG C 126 -18.90 -29.00 -17.29
CA ARG C 126 -19.13 -30.42 -17.45
C ARG C 126 -20.62 -30.65 -17.67
N ILE C 127 -20.92 -31.62 -18.54
CA ILE C 127 -22.28 -31.91 -18.95
C ILE C 127 -22.54 -33.39 -18.72
N SER C 128 -23.82 -33.74 -18.64
CA SER C 128 -24.25 -35.12 -18.50
C SER C 128 -25.27 -35.42 -19.59
N LYS C 129 -25.75 -36.67 -19.61
CA LYS C 129 -26.72 -37.10 -20.61
C LYS C 129 -28.14 -36.79 -20.21
N ASN C 130 -28.41 -36.62 -18.92
CA ASN C 130 -29.75 -36.34 -18.43
C ASN C 130 -30.10 -34.86 -18.46
N GLY C 131 -29.12 -33.99 -18.68
CA GLY C 131 -29.31 -32.55 -18.68
C GLY C 131 -28.54 -31.82 -17.61
N LYS C 132 -27.99 -32.54 -16.63
CA LYS C 132 -27.24 -31.91 -15.56
C LYS C 132 -26.09 -31.08 -16.13
N VAL C 133 -25.65 -30.11 -15.35
CA VAL C 133 -24.55 -29.22 -15.74
C VAL C 133 -23.77 -28.87 -14.50
N LEU C 134 -22.45 -28.76 -14.65
CA LEU C 134 -21.55 -28.36 -13.59
C LEU C 134 -20.64 -27.25 -14.11
N TYR C 135 -20.47 -26.22 -13.29
CA TYR C 135 -19.72 -25.02 -13.68
C TYR C 135 -18.87 -24.64 -12.48
N SER C 136 -17.55 -24.72 -12.62
CA SER C 136 -16.61 -24.56 -11.53
C SER C 136 -15.61 -23.47 -11.90
N ILE C 137 -15.72 -22.32 -11.26
CA ILE C 137 -14.94 -21.14 -11.63
C ILE C 137 -14.08 -20.75 -10.44
N ARG C 138 -12.77 -20.84 -10.61
CA ARG C 138 -11.85 -20.40 -9.58
C ARG C 138 -12.05 -18.91 -9.30
N LEU C 139 -11.82 -18.52 -8.05
CA LEU C 139 -12.07 -17.15 -7.63
C LEU C 139 -11.17 -16.81 -6.46
N THR C 140 -10.93 -15.52 -6.28
CA THR C 140 -10.24 -14.99 -5.11
C THR C 140 -11.07 -13.85 -4.55
N LEU C 141 -11.46 -13.98 -3.28
CA LEU C 141 -12.42 -13.09 -2.64
C LEU C 141 -11.82 -12.51 -1.38
N THR C 142 -11.88 -11.19 -1.25
CA THR C 142 -11.48 -10.49 -0.04
C THR C 142 -12.74 -10.15 0.76
N LEU C 143 -13.28 -11.16 1.43
CA LEU C 143 -14.55 -11.02 2.11
C LEU C 143 -14.39 -10.18 3.37
N SER C 144 -15.54 -9.78 3.93
CA SER C 144 -15.60 -8.96 5.13
C SER C 144 -16.18 -9.77 6.28
N CYS C 145 -15.60 -9.57 7.46
CA CYS C 145 -16.04 -10.26 8.66
C CYS C 145 -15.98 -9.27 9.83
N PRO C 146 -17.06 -9.10 10.57
CA PRO C 146 -17.02 -8.20 11.74
C PRO C 146 -16.48 -8.91 12.97
N MET C 147 -15.61 -8.20 13.70
CA MET C 147 -14.91 -8.75 14.84
C MET C 147 -15.42 -8.13 16.14
N ASP C 148 -15.51 -8.94 17.18
CA ASP C 148 -15.78 -8.49 18.54
C ASP C 148 -14.52 -8.75 19.35
N LEU C 149 -13.64 -7.74 19.43
CA LEU C 149 -12.33 -7.89 20.03
C LEU C 149 -12.33 -7.65 21.53
N LYS C 150 -13.48 -7.80 22.20
CA LYS C 150 -13.52 -7.57 23.64
C LYS C 150 -12.51 -8.46 24.36
N ASN C 151 -12.21 -9.62 23.80
CA ASN C 151 -11.14 -10.49 24.28
C ASN C 151 -10.31 -10.84 23.05
N PHE C 152 -9.33 -10.00 22.75
CA PHE C 152 -8.68 -10.00 21.44
C PHE C 152 -7.75 -11.19 21.26
N PRO C 153 -6.75 -11.39 22.13
CA PRO C 153 -5.82 -12.51 21.92
C PRO C 153 -6.47 -13.87 22.10
N MET C 154 -7.66 -13.94 22.68
CA MET C 154 -8.40 -15.20 22.85
C MET C 154 -9.83 -14.94 22.34
N ASP C 155 -10.03 -15.14 21.04
CA ASP C 155 -11.33 -14.89 20.43
C ASP C 155 -11.62 -15.99 19.42
N VAL C 156 -12.91 -16.33 19.30
CA VAL C 156 -13.39 -17.30 18.33
C VAL C 156 -14.31 -16.53 17.38
N GLN C 157 -13.78 -16.15 16.23
CA GLN C 157 -14.52 -15.35 15.26
C GLN C 157 -15.33 -16.25 14.33
N THR C 158 -16.55 -15.83 14.04
CA THR C 158 -17.43 -16.52 13.11
C THR C 158 -17.43 -15.75 11.81
N CYS C 159 -16.44 -16.05 10.96
CA CYS C 159 -16.33 -15.39 9.68
C CYS C 159 -17.30 -16.01 8.69
N THR C 160 -18.14 -15.19 8.08
CA THR C 160 -19.23 -15.67 7.26
C THR C 160 -18.99 -15.34 5.79
N MET C 161 -19.35 -16.29 4.94
CA MET C 161 -19.35 -16.12 3.49
C MET C 161 -20.76 -16.37 2.99
N GLN C 162 -21.30 -15.41 2.25
CA GLN C 162 -22.67 -15.44 1.77
C GLN C 162 -22.67 -15.49 0.24
N LEU C 163 -23.34 -16.50 -0.31
CA LEU C 163 -23.63 -16.57 -1.73
C LEU C 163 -25.09 -16.22 -1.95
N GLU C 164 -25.36 -15.32 -2.89
CA GLU C 164 -26.72 -14.89 -3.16
C GLU C 164 -26.86 -14.63 -4.65
N SER C 165 -28.06 -14.24 -5.07
CA SER C 165 -28.37 -13.98 -6.46
C SER C 165 -28.63 -12.49 -6.67
N PHE C 166 -28.76 -12.12 -7.94
CA PHE C 166 -29.02 -10.74 -8.33
C PHE C 166 -29.69 -10.75 -9.69
N GLY C 167 -30.94 -10.29 -9.74
CA GLY C 167 -31.71 -10.34 -10.96
C GLY C 167 -32.52 -11.60 -11.13
N TYR C 168 -32.50 -12.50 -10.16
CA TYR C 168 -33.28 -13.73 -10.22
C TYR C 168 -33.80 -14.00 -8.82
N THR C 169 -35.11 -13.89 -8.63
CA THR C 169 -35.70 -14.00 -7.31
C THR C 169 -35.73 -15.45 -6.85
N MET C 170 -36.13 -15.66 -5.60
CA MET C 170 -36.30 -17.00 -5.09
C MET C 170 -37.38 -17.77 -5.84
N ASN C 171 -38.25 -17.06 -6.55
CA ASN C 171 -39.26 -17.70 -7.39
C ASN C 171 -38.67 -18.22 -8.70
N ASP C 172 -37.43 -17.85 -9.02
CA ASP C 172 -36.80 -18.28 -10.27
C ASP C 172 -35.40 -18.84 -10.10
N LEU C 173 -34.75 -18.63 -8.95
CA LEU C 173 -33.40 -19.15 -8.74
C LEU C 173 -33.15 -19.23 -7.24
N ILE C 174 -33.02 -20.45 -6.72
CA ILE C 174 -32.73 -20.68 -5.31
C ILE C 174 -31.47 -21.53 -5.21
N PHE C 175 -30.58 -21.15 -4.30
CA PHE C 175 -29.35 -21.89 -4.05
C PHE C 175 -29.50 -22.69 -2.77
N GLU C 176 -29.36 -24.01 -2.88
CA GLU C 176 -29.41 -24.91 -1.74
C GLU C 176 -28.11 -25.70 -1.69
N TRP C 177 -27.46 -25.69 -0.52
CA TRP C 177 -26.17 -26.33 -0.39
C TRP C 177 -26.26 -27.81 -0.73
N LEU C 178 -25.09 -28.42 -0.87
CA LEU C 178 -25.00 -29.85 -1.11
C LEU C 178 -25.02 -30.60 0.21
N SER C 179 -25.63 -31.78 0.21
CA SER C 179 -25.85 -32.50 1.45
C SER C 179 -24.54 -33.02 2.04
N ASP C 180 -23.75 -33.72 1.23
CA ASP C 180 -22.54 -34.38 1.69
C ASP C 180 -21.31 -33.60 1.26
N GLY C 181 -20.43 -33.32 2.23
CA GLY C 181 -19.17 -32.66 1.96
C GLY C 181 -19.31 -31.44 1.07
N PRO C 182 -20.11 -30.47 1.48
CA PRO C 182 -20.27 -29.27 0.65
C PRO C 182 -19.07 -28.36 0.68
N VAL C 183 -18.50 -28.12 1.86
CA VAL C 183 -17.32 -27.26 2.02
C VAL C 183 -16.12 -28.16 2.30
N GLN C 184 -15.05 -27.96 1.54
CA GLN C 184 -13.85 -28.76 1.66
C GLN C 184 -12.66 -27.83 1.89
N VAL C 185 -11.52 -28.44 2.19
CA VAL C 185 -10.28 -27.70 2.43
C VAL C 185 -9.11 -28.56 2.01
N ALA C 186 -8.00 -27.91 1.69
CA ALA C 186 -6.79 -28.63 1.31
C ALA C 186 -6.15 -29.27 2.53
N GLU C 187 -5.51 -30.41 2.30
CA GLU C 187 -4.87 -31.14 3.40
C GLU C 187 -3.80 -30.29 4.07
N GLY C 188 -2.78 -29.90 3.31
CA GLY C 188 -1.68 -29.13 3.87
C GLY C 188 -1.99 -27.66 4.05
N LEU C 189 -3.11 -27.36 4.69
CA LEU C 189 -3.50 -25.98 4.96
C LEU C 189 -2.94 -25.55 6.30
N THR C 190 -2.42 -24.33 6.37
CA THR C 190 -1.76 -23.82 7.56
C THR C 190 -2.05 -22.33 7.69
N LEU C 191 -2.75 -21.94 8.76
CA LEU C 191 -2.94 -20.53 9.06
C LEU C 191 -1.87 -20.08 10.05
N PRO C 192 -1.21 -18.95 9.83
CA PRO C 192 -0.12 -18.55 10.73
C PRO C 192 -0.60 -18.16 12.10
N GLN C 193 -1.58 -17.25 12.17
CA GLN C 193 -2.07 -16.73 13.44
C GLN C 193 -3.18 -17.60 14.00
N PHE C 194 -4.27 -17.74 13.26
CA PHE C 194 -5.45 -18.43 13.75
C PHE C 194 -5.34 -19.93 13.51
N ILE C 195 -6.38 -20.65 13.94
CA ILE C 195 -6.55 -22.06 13.69
C ILE C 195 -7.99 -22.26 13.24
N LEU C 196 -8.17 -23.09 12.21
CA LEU C 196 -9.45 -23.30 11.57
C LEU C 196 -10.05 -24.63 12.02
N LYS C 197 -11.36 -24.63 12.23
CA LYS C 197 -12.06 -25.81 12.69
C LYS C 197 -12.50 -26.68 11.51
N GLU C 198 -12.85 -27.92 11.83
CA GLU C 198 -13.42 -28.83 10.85
C GLU C 198 -14.93 -28.74 10.78
N GLU C 199 -15.55 -27.89 11.58
CA GLU C 199 -16.99 -27.72 11.63
C GLU C 199 -17.36 -26.36 11.07
N LYS C 200 -18.11 -26.36 9.98
CA LYS C 200 -18.64 -25.14 9.37
C LYS C 200 -20.14 -25.09 9.60
N GLU C 201 -20.67 -23.89 9.79
CA GLU C 201 -22.10 -23.71 10.04
C GLU C 201 -22.78 -23.24 8.76
N LEU C 202 -23.65 -24.08 8.20
CA LEU C 202 -24.36 -23.77 6.98
C LEU C 202 -25.78 -23.30 7.29
N GLY C 203 -26.23 -22.27 6.59
CA GLY C 203 -27.56 -21.76 6.86
C GLY C 203 -28.08 -20.93 5.71
N TYR C 204 -29.32 -20.47 5.87
CA TYR C 204 -29.99 -19.60 4.91
C TYR C 204 -30.17 -18.24 5.55
N CYS C 205 -29.73 -17.17 4.86
CA CYS C 205 -30.02 -15.83 5.33
C CYS C 205 -31.22 -15.22 4.62
N THR C 206 -31.52 -15.69 3.41
CA THR C 206 -32.75 -15.35 2.69
C THR C 206 -33.04 -13.86 2.74
N LYS C 207 -32.15 -13.09 2.13
CA LYS C 207 -32.31 -11.64 2.12
C LYS C 207 -33.63 -11.24 1.48
N HIS C 208 -34.22 -10.17 2.02
CA HIS C 208 -35.46 -9.61 1.50
C HIS C 208 -35.24 -8.12 1.28
N TYR C 209 -35.15 -7.71 0.02
CA TYR C 209 -34.97 -6.32 -0.34
C TYR C 209 -36.32 -5.69 -0.65
N ASN C 210 -36.32 -4.45 -1.11
CA ASN C 210 -37.54 -3.77 -1.51
C ASN C 210 -38.01 -4.20 -2.89
N THR C 211 -37.20 -4.95 -3.64
CA THR C 211 -37.64 -5.47 -4.93
C THR C 211 -38.49 -6.72 -4.74
N GLY C 212 -37.92 -7.75 -4.14
CA GLY C 212 -38.63 -8.98 -3.87
C GLY C 212 -37.92 -9.80 -2.81
N LYS C 213 -37.90 -11.12 -3.00
CA LYS C 213 -37.19 -12.03 -2.10
C LYS C 213 -36.03 -12.65 -2.88
N PHE C 214 -34.82 -12.37 -2.44
CA PHE C 214 -33.60 -12.92 -3.04
C PHE C 214 -33.09 -14.07 -2.17
N THR C 215 -32.68 -15.15 -2.82
CA THR C 215 -32.15 -16.29 -2.09
C THR C 215 -30.76 -15.99 -1.55
N CYS C 216 -30.26 -16.89 -0.72
CA CYS C 216 -29.02 -16.67 -0.01
C CYS C 216 -28.64 -17.91 0.75
N ILE C 217 -27.33 -18.10 0.93
CA ILE C 217 -26.82 -19.24 1.67
C ILE C 217 -25.47 -18.85 2.24
N GLU C 218 -25.24 -19.21 3.50
CA GLU C 218 -24.08 -18.69 4.23
C GLU C 218 -23.36 -19.83 4.94
N VAL C 219 -22.04 -19.79 4.86
CA VAL C 219 -21.18 -20.66 5.64
C VAL C 219 -20.45 -19.82 6.67
N LYS C 220 -20.31 -20.37 7.87
CA LYS C 220 -19.62 -19.72 8.97
C LYS C 220 -18.42 -20.58 9.36
N PHE C 221 -17.23 -20.02 9.18
CA PHE C 221 -15.99 -20.63 9.64
C PHE C 221 -15.68 -20.09 11.03
N HIS C 222 -15.26 -20.98 11.92
CA HIS C 222 -14.86 -20.61 13.27
C HIS C 222 -13.35 -20.54 13.33
N LEU C 223 -12.82 -19.33 13.43
CA LEU C 223 -11.38 -19.11 13.55
C LEU C 223 -11.04 -18.86 15.01
N GLU C 224 -10.18 -19.70 15.58
CA GLU C 224 -9.77 -19.55 16.97
C GLU C 224 -8.34 -19.03 17.00
N ARG C 225 -8.13 -17.93 17.69
CA ARG C 225 -6.84 -17.25 17.66
C ARG C 225 -5.83 -17.95 18.56
N GLN C 226 -4.57 -17.95 18.13
CA GLN C 226 -3.47 -18.48 18.93
C GLN C 226 -2.82 -17.34 19.71
N MET C 227 -2.61 -17.57 21.00
CA MET C 227 -2.01 -16.54 21.86
C MET C 227 -0.51 -16.47 21.74
N GLY C 228 0.10 -17.27 20.86
CA GLY C 228 1.54 -17.40 20.81
C GLY C 228 2.30 -16.11 20.56
N TYR C 229 2.09 -15.50 19.39
CA TYR C 229 2.87 -14.32 19.04
C TYR C 229 2.57 -13.17 20.00
N TYR C 230 1.30 -12.89 20.24
CA TYR C 230 0.93 -11.78 21.10
C TYR C 230 1.52 -11.96 22.49
N LEU C 231 1.55 -13.20 22.98
CA LEU C 231 2.13 -13.48 24.30
C LEU C 231 3.63 -13.24 24.27
N ILE C 232 4.34 -13.88 23.34
CA ILE C 232 5.79 -13.80 23.31
C ILE C 232 6.27 -12.38 22.99
N GLN C 233 5.40 -11.54 22.43
CA GLN C 233 5.79 -10.20 22.03
C GLN C 233 5.43 -9.13 23.05
N MET C 234 4.24 -9.20 23.65
CA MET C 234 3.79 -8.19 24.60
C MET C 234 3.86 -8.67 26.04
N TYR C 235 3.23 -9.80 26.34
CA TYR C 235 3.06 -10.23 27.72
C TYR C 235 4.38 -10.49 28.41
N ILE C 236 5.28 -11.23 27.77
CA ILE C 236 6.51 -11.68 28.41
C ILE C 236 7.44 -10.48 28.64
N PRO C 237 7.67 -9.63 27.64
CA PRO C 237 8.49 -8.44 27.91
C PRO C 237 7.86 -7.51 28.92
N SER C 238 6.53 -7.35 28.89
CA SER C 238 5.87 -6.53 29.90
C SER C 238 6.14 -7.08 31.30
N LEU C 239 6.02 -8.40 31.45
CA LEU C 239 6.28 -9.02 32.76
C LEU C 239 7.73 -8.81 33.19
N LEU C 240 8.66 -8.96 32.26
CA LEU C 240 10.07 -8.79 32.62
C LEU C 240 10.36 -7.36 33.02
N ILE C 241 9.74 -6.39 32.33
CA ILE C 241 9.92 -4.99 32.70
C ILE C 241 9.29 -4.71 34.06
N VAL C 242 8.15 -5.34 34.34
CA VAL C 242 7.50 -5.17 35.64
C VAL C 242 8.40 -5.69 36.75
N ILE C 243 9.06 -6.82 36.52
CA ILE C 243 9.97 -7.36 37.52
C ILE C 243 11.19 -6.45 37.66
N LEU C 244 11.67 -5.90 36.54
CA LEU C 244 12.75 -4.93 36.61
C LEU C 244 12.36 -3.77 37.51
N SER C 245 11.11 -3.32 37.41
CA SER C 245 10.63 -2.27 38.30
C SER C 245 10.61 -2.74 39.74
N TRP C 246 10.04 -3.92 39.97
CA TRP C 246 9.99 -4.48 41.32
C TRP C 246 11.38 -4.50 41.96
N VAL C 247 12.42 -4.69 41.15
CA VAL C 247 13.78 -4.72 41.69
C VAL C 247 14.07 -3.51 42.55
N SER C 248 13.43 -2.38 42.25
CA SER C 248 13.71 -1.14 42.98
C SER C 248 13.52 -1.29 44.48
N PHE C 249 12.76 -2.28 44.93
CA PHE C 249 12.52 -2.46 46.35
C PHE C 249 13.67 -3.13 47.07
N TRP C 250 14.52 -3.88 46.35
CA TRP C 250 15.66 -4.53 46.99
C TRP C 250 16.84 -3.57 47.16
N ILE C 251 16.90 -2.52 46.34
CA ILE C 251 18.04 -1.62 46.40
C ILE C 251 18.06 -0.89 47.73
N ASN C 252 19.25 -0.41 48.11
CA ASN C 252 19.39 0.40 49.31
C ASN C 252 18.70 1.74 49.11
N MET C 253 18.06 2.24 50.17
CA MET C 253 17.32 3.48 50.07
C MET C 253 18.22 4.67 49.79
N ASP C 254 19.50 4.60 50.19
CA ASP C 254 20.41 5.72 49.97
C ASP C 254 20.78 5.88 48.51
N ALA C 255 20.71 4.81 47.71
CA ALA C 255 21.01 4.89 46.28
C ALA C 255 19.79 5.41 45.52
N ALA C 256 19.45 6.66 45.82
CA ALA C 256 18.29 7.27 45.18
C ALA C 256 18.41 7.34 43.66
N PRO C 257 19.54 7.78 43.10
CA PRO C 257 19.61 7.90 41.62
C PRO C 257 19.37 6.58 40.90
N ALA C 258 19.89 5.48 41.45
CA ALA C 258 19.69 4.18 40.82
C ALA C 258 18.21 3.87 40.66
N ARG C 259 17.47 3.86 41.78
CA ARG C 259 16.05 3.57 41.72
C ARG C 259 15.30 4.59 40.87
N VAL C 260 15.72 5.86 40.89
CA VAL C 260 15.05 6.88 40.08
C VAL C 260 15.16 6.52 38.61
N ALA C 261 16.39 6.35 38.13
CA ALA C 261 16.61 6.00 36.73
C ALA C 261 15.88 4.71 36.38
N LEU C 262 15.90 3.73 37.28
CA LEU C 262 15.25 2.45 37.02
C LEU C 262 13.75 2.65 36.80
N GLY C 263 13.08 3.33 37.74
CA GLY C 263 11.65 3.56 37.59
C GLY C 263 11.31 4.36 36.35
N ILE C 264 12.11 5.39 36.05
CA ILE C 264 11.84 6.22 34.89
C ILE C 264 11.96 5.41 33.61
N THR C 265 13.03 4.60 33.51
CA THR C 265 13.20 3.78 32.32
C THR C 265 12.07 2.77 32.18
N THR C 266 11.66 2.15 33.29
CA THR C 266 10.54 1.22 33.24
C THR C 266 9.29 1.90 32.72
N VAL C 267 8.97 3.08 33.25
CA VAL C 267 7.77 3.79 32.83
C VAL C 267 7.85 4.11 31.34
N LEU C 268 8.97 4.66 30.89
CA LEU C 268 9.08 5.07 29.49
C LEU C 268 8.95 3.87 28.56
N THR C 269 9.67 2.78 28.85
CA THR C 269 9.63 1.62 27.97
C THR C 269 8.25 0.98 27.98
N MET C 270 7.59 0.94 29.13
CA MET C 270 6.25 0.39 29.17
C MET C 270 5.27 1.25 28.38
N THR C 271 5.41 2.57 28.45
CA THR C 271 4.54 3.44 27.67
C THR C 271 4.77 3.23 26.18
N THR C 272 6.03 3.12 25.76
CA THR C 272 6.31 2.88 24.35
C THR C 272 5.72 1.56 23.89
N GLN C 273 5.94 0.50 24.67
CA GLN C 273 5.41 -0.81 24.31
C GLN C 273 3.88 -0.78 24.21
N SER C 274 3.23 -0.14 25.18
CA SER C 274 1.78 -0.05 25.19
C SER C 274 1.28 0.72 23.97
N SER C 275 1.88 1.88 23.70
CA SER C 275 1.45 2.68 22.56
C SER C 275 1.59 1.89 21.26
N GLY C 276 2.73 1.24 21.07
CA GLY C 276 2.93 0.44 19.87
C GLY C 276 1.91 -0.65 19.73
N SER C 277 1.79 -1.50 20.76
CA SER C 277 0.86 -2.62 20.69
C SER C 277 -0.57 -2.17 20.47
N ARG C 278 -0.93 -1.01 21.05
CA ARG C 278 -2.31 -0.54 20.92
C ARG C 278 -2.56 0.04 19.53
N ALA C 279 -1.63 0.83 19.01
CA ALA C 279 -1.83 1.45 17.71
C ALA C 279 -1.76 0.44 16.58
N SER C 280 -1.01 -0.66 16.77
CA SER C 280 -1.00 -1.70 15.76
C SER C 280 -2.38 -2.29 15.52
N LEU C 281 -3.26 -2.22 16.52
CA LEU C 281 -4.63 -2.70 16.39
C LEU C 281 -5.50 -1.64 15.74
N PRO C 282 -6.72 -1.99 15.34
CA PRO C 282 -7.63 -1.01 14.76
C PRO C 282 -8.22 -0.09 15.82
N LYS C 283 -8.94 0.91 15.34
CA LYS C 283 -9.60 1.88 16.21
C LYS C 283 -11.00 1.36 16.55
N VAL C 284 -11.23 1.12 17.85
CA VAL C 284 -12.50 0.57 18.30
C VAL C 284 -12.81 1.13 19.68
N SER C 285 -14.10 1.26 19.97
CA SER C 285 -14.52 1.78 21.27
C SER C 285 -14.43 0.70 22.35
N TYR C 286 -15.03 -0.47 22.11
CA TYR C 286 -15.00 -1.54 23.10
C TYR C 286 -13.58 -1.84 23.52
N VAL C 287 -13.36 -1.91 24.83
CA VAL C 287 -12.03 -2.12 25.38
C VAL C 287 -11.62 -3.57 25.18
N LYS C 288 -10.32 -3.80 25.08
CA LYS C 288 -9.76 -5.12 24.83
C LYS C 288 -8.95 -5.58 26.03
N ALA C 289 -8.75 -6.90 26.11
CA ALA C 289 -7.99 -7.46 27.23
C ALA C 289 -6.55 -7.00 27.21
N ILE C 290 -5.95 -6.91 26.03
CA ILE C 290 -4.56 -6.47 25.94
C ILE C 290 -4.43 -5.06 26.50
N ASP C 291 -5.44 -4.22 26.28
CA ASP C 291 -5.45 -2.90 26.89
C ASP C 291 -5.42 -3.03 28.40
N ILE C 292 -6.23 -3.94 28.96
CA ILE C 292 -6.24 -4.14 30.40
C ILE C 292 -4.85 -4.50 30.89
N TRP C 293 -4.21 -5.46 30.23
CA TRP C 293 -2.91 -5.93 30.69
C TRP C 293 -1.87 -4.82 30.63
N MET C 294 -1.76 -4.14 29.48
CA MET C 294 -0.76 -3.09 29.36
C MET C 294 -1.03 -1.96 30.35
N ALA C 295 -2.30 -1.63 30.58
CA ALA C 295 -2.61 -0.55 31.51
C ALA C 295 -2.28 -0.94 32.94
N VAL C 296 -2.54 -2.21 33.33
CA VAL C 296 -2.25 -2.60 34.70
C VAL C 296 -0.75 -2.73 34.91
N CYS C 297 0.00 -3.14 33.88
CA CYS C 297 1.46 -3.16 34.01
C CYS C 297 2.00 -1.75 34.13
N LEU C 298 1.46 -0.81 33.35
CA LEU C 298 1.80 0.60 33.52
C LEU C 298 1.52 1.06 34.94
N LEU C 299 0.35 0.69 35.47
CA LEU C 299 0.01 1.06 36.84
C LEU C 299 1.00 0.47 37.83
N PHE C 300 1.46 -0.76 37.60
CA PHE C 300 2.38 -1.39 38.54
C PHE C 300 3.74 -0.72 38.52
N VAL C 301 4.24 -0.38 37.33
CA VAL C 301 5.50 0.36 37.25
C VAL C 301 5.36 1.70 37.96
N PHE C 302 4.30 2.45 37.64
CA PHE C 302 4.06 3.71 38.33
C PHE C 302 3.93 3.50 39.83
N ALA C 303 3.43 2.33 40.25
CA ALA C 303 3.24 2.08 41.67
C ALA C 303 4.58 1.84 42.37
N ALA C 304 5.49 1.14 41.72
CA ALA C 304 6.83 1.00 42.28
C ALA C 304 7.51 2.36 42.38
N LEU C 305 7.40 3.17 41.33
CA LEU C 305 7.99 4.52 41.37
C LEU C 305 7.38 5.33 42.51
N LEU C 306 6.06 5.28 42.64
CA LEU C 306 5.39 6.03 43.69
C LEU C 306 5.71 5.48 45.08
N GLU C 307 5.98 4.19 45.19
CA GLU C 307 6.43 3.62 46.46
C GLU C 307 7.78 4.19 46.85
N TYR C 308 8.70 4.24 45.90
CA TYR C 308 9.99 4.89 46.17
C TYR C 308 9.77 6.33 46.61
N ALA C 309 8.92 7.06 45.89
CA ALA C 309 8.65 8.45 46.24
C ALA C 309 8.07 8.56 47.65
N ALA C 310 7.16 7.67 48.01
CA ALA C 310 6.51 7.77 49.32
C ALA C 310 7.44 7.38 50.45
N VAL C 311 8.34 6.42 50.22
CA VAL C 311 9.31 6.10 51.25
C VAL C 311 10.28 7.26 51.45
N ASN C 312 10.64 7.95 50.35
CA ASN C 312 11.43 9.17 50.51
C ASN C 312 10.66 10.21 51.31
N PHE C 313 9.39 10.39 51.00
CA PHE C 313 8.55 11.34 51.74
C PHE C 313 8.50 10.99 53.21
N VAL C 314 8.46 9.69 53.53
CA VAL C 314 8.42 9.26 54.92
C VAL C 314 9.74 9.60 55.61
N SER C 315 10.85 9.06 55.09
CA SER C 315 12.14 9.24 55.74
C SER C 315 12.65 10.67 55.62
N ARG C 316 12.91 11.11 54.39
CA ARG C 316 13.45 12.45 54.15
C ARG C 316 13.01 12.98 52.80
N LYS C 322 15.25 7.73 63.38
CA LYS C 322 14.99 6.29 63.26
C LYS C 322 13.89 6.01 62.25
N PHE C 323 13.45 7.04 61.52
CA PHE C 323 12.43 6.86 60.49
C PHE C 323 12.87 5.87 59.43
N VAL C 324 14.18 5.62 59.30
CA VAL C 324 14.65 4.63 58.34
C VAL C 324 14.03 3.27 58.64
N ASP C 325 13.71 3.01 59.90
CA ASP C 325 13.06 1.74 60.24
C ASP C 325 11.72 1.61 59.53
N ARG C 326 10.85 2.60 59.69
CA ARG C 326 9.54 2.57 59.02
C ARG C 326 9.71 2.59 57.51
N ALA C 327 10.69 3.33 57.02
CA ALA C 327 10.93 3.37 55.57
C ALA C 327 11.25 1.98 55.04
N LYS C 328 12.21 1.30 55.67
CA LYS C 328 12.56 -0.04 55.23
C LYS C 328 11.42 -1.02 55.45
N ARG C 329 10.59 -0.78 56.47
CA ARG C 329 9.44 -1.65 56.71
C ARG C 329 8.46 -1.57 55.54
N ILE C 330 8.09 -0.36 55.14
CA ILE C 330 7.18 -0.21 54.01
C ILE C 330 7.83 -0.72 52.73
N ASP C 331 9.15 -0.52 52.61
CA ASP C 331 9.84 -0.98 51.41
C ASP C 331 9.78 -2.50 51.29
N THR C 332 10.10 -3.21 52.37
CA THR C 332 10.07 -4.67 52.32
C THR C 332 8.64 -5.19 52.21
N ILE C 333 7.68 -4.50 52.83
CA ILE C 333 6.28 -4.87 52.67
C ILE C 333 5.90 -4.83 51.19
N SER C 334 6.30 -3.76 50.51
CA SER C 334 6.05 -3.67 49.08
C SER C 334 6.75 -4.79 48.33
N ARG C 335 8.04 -4.99 48.61
CA ARG C 335 8.82 -5.98 47.89
C ARG C 335 8.24 -7.39 48.04
N ALA C 336 7.58 -7.66 49.16
CA ALA C 336 7.02 -8.98 49.42
C ALA C 336 5.53 -9.08 49.16
N ALA C 337 4.87 -7.96 48.85
CA ALA C 337 3.43 -7.97 48.59
C ALA C 337 3.09 -7.71 47.13
N PHE C 338 3.71 -6.72 46.49
CA PHE C 338 3.34 -6.37 45.12
C PHE C 338 3.35 -7.57 44.18
N PRO C 339 4.38 -8.42 44.16
CA PRO C 339 4.30 -9.63 43.32
C PRO C 339 3.11 -10.50 43.66
N LEU C 340 2.69 -10.53 44.92
CA LEU C 340 1.53 -11.33 45.30
C LEU C 340 0.27 -10.82 44.64
N ALA C 341 0.04 -9.51 44.70
CA ALA C 341 -1.14 -8.94 44.04
C ALA C 341 -1.05 -9.12 42.54
N PHE C 342 0.14 -8.97 41.97
CA PHE C 342 0.30 -9.18 40.52
C PHE C 342 -0.09 -10.60 40.14
N LEU C 343 0.36 -11.58 40.92
CA LEU C 343 0.06 -12.98 40.61
C LEU C 343 -1.42 -13.27 40.77
N ILE C 344 -2.04 -12.74 41.83
CA ILE C 344 -3.48 -12.93 42.02
C ILE C 344 -4.24 -12.36 40.83
N PHE C 345 -3.88 -11.12 40.43
CA PHE C 345 -4.54 -10.52 39.29
C PHE C 345 -4.31 -11.32 38.03
N ASN C 346 -3.10 -11.89 37.87
CA ASN C 346 -2.81 -12.67 36.68
C ASN C 346 -3.71 -13.89 36.58
N ILE C 347 -3.82 -14.64 37.68
CA ILE C 347 -4.67 -15.82 37.65
C ILE C 347 -6.13 -15.42 37.43
N PHE C 348 -6.57 -14.34 38.08
CA PHE C 348 -7.94 -13.88 37.87
C PHE C 348 -8.19 -13.52 36.40
N TYR C 349 -7.28 -12.75 35.82
CA TYR C 349 -7.38 -12.32 34.43
C TYR C 349 -7.44 -13.52 33.50
N TRP C 350 -6.55 -14.50 33.70
CA TRP C 350 -6.51 -15.64 32.80
C TRP C 350 -7.74 -16.52 32.96
N ILE C 351 -8.24 -16.69 34.19
CA ILE C 351 -9.44 -17.52 34.36
C ILE C 351 -10.69 -16.82 33.88
N THR C 352 -10.69 -15.48 33.77
CA THR C 352 -11.84 -14.79 33.27
C THR C 352 -11.80 -14.55 31.76
N TYR C 353 -10.62 -14.59 31.15
CA TYR C 353 -10.51 -14.37 29.71
C TYR C 353 -10.26 -15.64 28.90
N LYS C 354 -9.76 -16.70 29.53
CA LYS C 354 -9.36 -17.90 28.80
C LYS C 354 -10.34 -19.05 28.94
N ILE C 355 -11.23 -19.02 29.93
CA ILE C 355 -12.14 -20.12 30.15
C ILE C 355 -13.19 -20.22 29.04
N ILE C 356 -13.44 -19.12 28.32
CA ILE C 356 -14.46 -19.15 27.26
C ILE C 356 -14.17 -20.24 26.26
N ARG C 357 -12.90 -20.56 26.05
CA ARG C 357 -12.52 -21.61 25.11
C ARG C 357 -12.67 -22.99 25.75
N LEU D 15 -44.17 -14.47 -29.17
CA LEU D 15 -44.63 -15.69 -28.51
C LEU D 15 -43.51 -16.35 -27.72
N SER D 16 -42.64 -17.06 -28.42
CA SER D 16 -41.54 -17.73 -27.76
C SER D 16 -40.60 -16.69 -27.15
N PRO D 17 -40.02 -16.99 -25.97
CA PRO D 17 -39.18 -15.98 -25.31
C PRO D 17 -38.03 -15.50 -26.17
N SER D 18 -37.46 -16.36 -27.00
CA SER D 18 -36.38 -15.93 -27.89
C SER D 18 -36.89 -14.96 -28.95
N ASP D 19 -37.86 -15.40 -29.75
CA ASP D 19 -38.46 -14.49 -30.72
C ASP D 19 -39.11 -13.31 -30.03
N PHE D 20 -39.54 -13.48 -28.78
CA PHE D 20 -40.11 -12.37 -28.03
C PHE D 20 -39.08 -11.28 -27.78
N LEU D 21 -37.96 -11.63 -27.14
CA LEU D 21 -36.91 -10.67 -26.89
C LEU D 21 -36.19 -10.25 -28.16
N ASP D 22 -36.45 -10.89 -29.29
CA ASP D 22 -35.98 -10.36 -30.57
C ASP D 22 -36.93 -9.28 -31.10
N LYS D 23 -38.22 -9.60 -31.21
CA LYS D 23 -39.24 -8.63 -31.56
C LYS D 23 -39.23 -7.43 -30.62
N LEU D 24 -38.69 -7.59 -29.41
CA LEU D 24 -38.58 -6.53 -28.43
C LEU D 24 -37.13 -6.20 -28.19
N MET D 25 -36.81 -4.91 -28.26
CA MET D 25 -35.46 -4.40 -27.99
C MET D 25 -34.39 -5.32 -28.55
N GLY D 26 -34.59 -5.79 -29.79
CA GLY D 26 -33.62 -6.63 -30.45
C GLY D 26 -33.38 -6.14 -31.87
N ARG D 27 -32.37 -6.74 -32.51
CA ARG D 27 -31.98 -6.31 -33.84
C ARG D 27 -33.14 -6.40 -34.83
N THR D 28 -34.13 -7.26 -34.56
CA THR D 28 -35.30 -7.32 -35.41
C THR D 28 -36.28 -6.18 -35.15
N SER D 29 -36.24 -5.59 -33.96
CA SER D 29 -37.13 -4.49 -33.61
C SER D 29 -36.57 -3.16 -34.09
N GLY D 30 -37.45 -2.17 -34.16
CA GLY D 30 -37.07 -0.81 -34.47
C GLY D 30 -36.45 -0.05 -33.32
N TYR D 31 -36.02 -0.75 -32.27
CA TYR D 31 -35.44 -0.10 -31.11
C TYR D 31 -34.13 0.59 -31.48
N ASP D 32 -33.84 1.68 -30.78
CA ASP D 32 -32.60 2.43 -30.95
C ASP D 32 -32.13 2.87 -29.57
N ALA D 33 -31.21 2.11 -28.98
CA ALA D 33 -30.73 2.38 -27.64
C ALA D 33 -29.85 3.61 -27.55
N ARG D 34 -29.54 4.27 -28.66
CA ARG D 34 -28.69 5.45 -28.66
C ARG D 34 -29.47 6.73 -28.41
N ILE D 35 -30.70 6.64 -27.94
CA ILE D 35 -31.53 7.80 -27.66
C ILE D 35 -32.31 7.57 -26.38
N ARG D 36 -32.90 8.64 -25.89
CA ARG D 36 -33.78 8.59 -24.73
C ARG D 36 -35.23 8.46 -25.18
N PRO D 37 -36.13 8.09 -24.27
CA PRO D 37 -37.55 8.04 -24.64
C PRO D 37 -38.05 9.39 -25.12
N ASN D 38 -39.13 9.34 -25.90
CA ASN D 38 -39.79 10.53 -26.45
C ASN D 38 -38.77 11.61 -26.84
N PHE D 39 -37.87 11.26 -27.74
CA PHE D 39 -36.87 12.21 -28.24
C PHE D 39 -37.56 13.46 -28.75
N LYS D 40 -36.95 14.62 -28.49
CA LYS D 40 -37.56 15.91 -28.80
C LYS D 40 -38.92 16.04 -28.12
N GLY D 41 -38.90 15.96 -26.80
CA GLY D 41 -40.10 16.04 -26.00
C GLY D 41 -39.79 16.38 -24.56
N PRO D 42 -40.63 15.93 -23.63
CA PRO D 42 -40.37 16.20 -22.22
C PRO D 42 -39.24 15.34 -21.69
N PRO D 43 -38.63 15.72 -20.58
CA PRO D 43 -37.55 14.93 -20.00
C PRO D 43 -38.10 13.72 -19.25
N VAL D 44 -37.19 12.95 -18.70
CA VAL D 44 -37.53 11.73 -17.96
C VAL D 44 -37.62 12.05 -16.48
N ASN D 45 -38.53 11.42 -15.72
CA ASN D 45 -38.50 11.53 -14.23
C ASN D 45 -37.98 10.20 -13.63
N VAL D 46 -36.66 10.08 -13.45
CA VAL D 46 -35.95 8.91 -12.92
C VAL D 46 -36.05 8.93 -11.41
N THR D 47 -36.50 7.81 -10.83
CA THR D 47 -36.56 7.65 -9.39
C THR D 47 -35.41 6.76 -8.95
N CYS D 48 -34.54 7.28 -8.10
CA CYS D 48 -33.36 6.55 -7.64
C CYS D 48 -33.53 6.14 -6.19
N ASN D 49 -32.89 5.02 -5.85
CA ASN D 49 -32.90 4.54 -4.48
C ASN D 49 -31.75 3.55 -4.30
N ILE D 50 -31.08 3.62 -3.16
CA ILE D 50 -29.89 2.81 -2.91
C ILE D 50 -30.10 1.98 -1.66
N PHE D 51 -29.61 0.74 -1.70
CA PHE D 51 -29.58 -0.15 -0.55
C PHE D 51 -28.14 -0.38 -0.17
N ILE D 52 -27.76 0.04 1.02
CA ILE D 52 -26.39 -0.11 1.48
C ILE D 52 -26.18 -1.50 2.05
N ASN D 53 -24.97 -2.01 1.90
CA ASN D 53 -24.58 -3.31 2.43
C ASN D 53 -23.44 -3.21 3.43
N SER D 54 -22.39 -2.47 3.10
CA SER D 54 -21.26 -2.26 3.99
C SER D 54 -20.96 -0.78 4.08
N PHE D 55 -20.11 -0.44 5.05
CA PHE D 55 -19.76 0.96 5.30
C PHE D 55 -18.48 0.97 6.12
N GLY D 56 -17.43 1.55 5.58
CA GLY D 56 -16.17 1.56 6.29
C GLY D 56 -15.11 2.34 5.55
N SER D 57 -13.86 2.08 5.92
CA SER D 57 -12.69 2.78 5.36
C SER D 57 -12.74 4.27 5.61
N VAL D 58 -13.58 4.72 6.55
CA VAL D 58 -13.67 6.14 6.86
C VAL D 58 -12.34 6.57 7.47
N THR D 59 -11.57 7.35 6.72
CA THR D 59 -10.22 7.73 7.12
C THR D 59 -10.05 9.22 6.90
N GLU D 60 -9.69 9.94 7.97
CA GLU D 60 -9.46 11.37 7.85
C GLU D 60 -8.20 11.70 7.07
N THR D 61 -7.35 10.71 6.80
CA THR D 61 -6.13 10.96 6.04
C THR D 61 -6.47 11.36 4.61
N THR D 62 -7.23 10.53 3.92
CA THR D 62 -7.65 10.80 2.55
C THR D 62 -9.01 11.48 2.48
N MET D 63 -9.71 11.64 3.61
CA MET D 63 -11.04 12.24 3.63
C MET D 63 -11.97 11.51 2.68
N ASP D 64 -12.18 10.23 2.97
CA ASP D 64 -12.95 9.35 2.11
C ASP D 64 -13.80 8.41 2.96
N TYR D 65 -14.66 7.66 2.28
CA TYR D 65 -15.41 6.60 2.93
C TYR D 65 -15.93 5.64 1.86
N ARG D 66 -15.96 4.36 2.21
CA ARG D 66 -16.26 3.29 1.27
C ARG D 66 -17.67 2.76 1.50
N VAL D 67 -18.36 2.46 0.41
CA VAL D 67 -19.70 1.87 0.49
C VAL D 67 -19.90 0.95 -0.71
N ASN D 68 -20.54 -0.19 -0.47
CA ASN D 68 -20.99 -1.08 -1.52
C ASN D 68 -22.51 -1.06 -1.52
N ILE D 69 -23.09 -0.59 -2.62
CA ILE D 69 -24.51 -0.25 -2.67
C ILE D 69 -25.16 -0.91 -3.87
N PHE D 70 -26.43 -1.28 -3.70
CA PHE D 70 -27.26 -1.84 -4.76
C PHE D 70 -28.13 -0.70 -5.30
N LEU D 71 -27.51 0.15 -6.10
CA LEU D 71 -28.23 1.28 -6.67
C LEU D 71 -29.38 0.79 -7.54
N ARG D 72 -30.44 1.60 -7.61
CA ARG D 72 -31.65 1.24 -8.33
C ARG D 72 -32.24 2.48 -8.97
N GLN D 73 -32.61 2.37 -10.24
CA GLN D 73 -33.20 3.47 -10.99
C GLN D 73 -34.45 2.94 -11.69
N GLN D 74 -35.59 3.55 -11.41
CA GLN D 74 -36.82 3.25 -12.11
C GLN D 74 -37.16 4.42 -13.03
N TRP D 75 -37.61 4.10 -14.24
CA TRP D 75 -37.98 5.14 -15.19
C TRP D 75 -38.97 4.56 -16.20
N ASN D 76 -39.32 5.38 -17.18
CA ASN D 76 -40.32 5.05 -18.19
C ASN D 76 -39.67 4.97 -19.57
N ASP D 77 -40.04 3.93 -20.32
CA ASP D 77 -39.58 3.75 -21.69
C ASP D 77 -40.76 3.15 -22.46
N SER D 78 -41.46 3.99 -23.22
CA SER D 78 -42.71 3.58 -23.83
C SER D 78 -42.54 2.44 -24.82
N ARG D 79 -41.36 2.27 -25.40
CA ARG D 79 -41.18 1.25 -26.42
C ARG D 79 -41.31 -0.15 -25.83
N LEU D 80 -40.79 -0.35 -24.62
CA LEU D 80 -40.75 -1.68 -24.03
C LEU D 80 -42.13 -2.19 -23.60
N ALA D 81 -43.15 -1.35 -23.61
CA ALA D 81 -44.49 -1.81 -23.26
C ALA D 81 -44.92 -2.92 -24.21
N TYR D 82 -45.42 -4.01 -23.64
CA TYR D 82 -45.77 -5.19 -24.41
C TYR D 82 -47.15 -5.67 -23.98
N SER D 83 -47.70 -6.61 -24.77
CA SER D 83 -49.02 -7.15 -24.48
C SER D 83 -49.12 -8.64 -24.74
N GLU D 84 -47.99 -9.34 -24.91
CA GLU D 84 -48.06 -10.78 -25.16
C GLU D 84 -48.33 -11.58 -23.89
N TYR D 85 -47.79 -11.15 -22.76
CA TYR D 85 -47.88 -11.93 -21.53
C TYR D 85 -48.93 -11.35 -20.60
N PRO D 86 -49.67 -12.19 -19.87
CA PRO D 86 -50.62 -11.66 -18.88
C PRO D 86 -49.95 -11.03 -17.68
N ASP D 87 -48.69 -11.40 -17.38
CA ASP D 87 -48.02 -10.86 -16.22
C ASP D 87 -47.77 -9.36 -16.37
N ASP D 88 -47.73 -8.67 -15.24
CA ASP D 88 -47.49 -7.23 -15.23
C ASP D 88 -46.00 -6.90 -15.12
N SER D 89 -45.28 -7.65 -14.30
CA SER D 89 -43.85 -7.44 -14.08
C SER D 89 -43.08 -8.65 -14.57
N LEU D 90 -41.91 -8.40 -15.15
CA LEU D 90 -41.09 -9.43 -15.76
C LEU D 90 -39.63 -9.22 -15.38
N ASP D 91 -38.92 -10.33 -15.21
CA ASP D 91 -37.49 -10.32 -14.92
C ASP D 91 -36.74 -10.82 -16.15
N LEU D 92 -35.65 -10.12 -16.49
CA LEU D 92 -34.88 -10.41 -17.68
C LEU D 92 -33.44 -10.76 -17.31
N ASP D 93 -32.63 -10.98 -18.34
CA ASP D 93 -31.24 -11.36 -18.16
C ASP D 93 -30.37 -10.12 -18.24
N PRO D 94 -29.48 -9.87 -17.27
CA PRO D 94 -28.59 -8.71 -17.36
C PRO D 94 -27.93 -8.52 -18.71
N SER D 95 -27.67 -9.63 -19.42
CA SER D 95 -26.99 -9.54 -20.71
C SER D 95 -27.78 -8.73 -21.72
N MET D 96 -29.11 -8.60 -21.54
CA MET D 96 -29.90 -7.76 -22.42
C MET D 96 -29.83 -6.29 -22.03
N LEU D 97 -29.35 -5.99 -20.81
CA LEU D 97 -29.28 -4.61 -20.36
C LEU D 97 -28.54 -3.73 -21.36
N ASP D 98 -27.44 -4.24 -21.91
CA ASP D 98 -26.61 -3.44 -22.82
C ASP D 98 -27.31 -3.11 -24.12
N SER D 99 -28.53 -3.59 -24.34
CA SER D 99 -29.25 -3.34 -25.58
C SER D 99 -30.39 -2.34 -25.41
N ILE D 100 -30.68 -1.90 -24.19
CA ILE D 100 -31.72 -0.91 -23.95
C ILE D 100 -31.06 0.40 -23.55
N TRP D 101 -31.88 1.45 -23.49
CA TRP D 101 -31.39 2.74 -23.03
C TRP D 101 -31.00 2.65 -21.56
N LYS D 102 -30.08 3.55 -21.17
CA LYS D 102 -29.65 3.65 -19.79
C LYS D 102 -29.31 5.10 -19.54
N PRO D 103 -29.75 5.68 -18.42
CA PRO D 103 -29.44 7.09 -18.16
C PRO D 103 -28.05 7.27 -17.59
N ASP D 104 -27.24 8.10 -18.24
CA ASP D 104 -25.90 8.37 -17.72
C ASP D 104 -25.99 8.88 -16.29
N LEU D 105 -25.08 8.41 -15.45
CA LEU D 105 -25.14 8.70 -14.03
C LEU D 105 -23.77 8.52 -13.43
N PHE D 106 -23.35 9.47 -12.59
CA PHE D 106 -22.09 9.36 -11.90
C PHE D 106 -22.20 10.05 -10.54
N PHE D 107 -21.21 9.76 -9.70
CA PHE D 107 -21.13 10.30 -8.35
C PHE D 107 -20.02 11.35 -8.33
N ALA D 108 -20.42 12.62 -8.37
CA ALA D 108 -19.47 13.72 -8.51
C ALA D 108 -18.47 13.80 -7.37
N ASN D 109 -18.68 13.06 -6.29
CA ASN D 109 -17.79 13.08 -5.13
C ASN D 109 -17.12 11.73 -4.93
N GLU D 110 -16.66 11.12 -6.02
CA GLU D 110 -15.98 9.84 -5.97
C GLU D 110 -14.51 10.01 -6.36
N LYS D 111 -13.70 9.09 -5.87
CA LYS D 111 -12.29 8.98 -6.23
C LYS D 111 -11.96 7.65 -6.89
N GLY D 112 -12.57 6.57 -6.41
CA GLY D 112 -12.44 5.27 -7.01
C GLY D 112 -13.75 4.52 -6.92
N ALA D 113 -14.21 3.99 -8.05
CA ALA D 113 -15.51 3.33 -8.13
C ALA D 113 -15.42 2.18 -9.10
N ASN D 114 -16.13 1.10 -8.78
CA ASN D 114 -16.06 -0.09 -9.62
C ASN D 114 -17.33 -0.92 -9.50
N PHE D 115 -17.61 -1.66 -10.57
CA PHE D 115 -18.63 -2.69 -10.56
C PHE D 115 -18.09 -3.89 -9.79
N HIS D 116 -18.82 -5.00 -9.86
CA HIS D 116 -18.33 -6.27 -9.35
C HIS D 116 -18.64 -7.36 -10.36
N ASP D 117 -17.62 -8.08 -10.80
CA ASP D 117 -17.75 -9.13 -11.81
C ASP D 117 -17.30 -10.44 -11.17
N VAL D 118 -18.26 -11.24 -10.72
CA VAL D 118 -18.00 -12.55 -10.15
C VAL D 118 -19.11 -13.49 -10.62
N THR D 119 -18.76 -14.37 -11.55
CA THR D 119 -19.71 -15.31 -12.14
C THR D 119 -20.66 -14.63 -13.10
N THR D 120 -20.63 -13.29 -13.13
CA THR D 120 -21.49 -12.52 -14.03
C THR D 120 -21.18 -11.04 -13.87
N ASP D 121 -21.88 -10.19 -14.61
CA ASP D 121 -21.93 -8.76 -14.34
C ASP D 121 -23.14 -8.52 -13.45
N ASN D 122 -22.90 -8.19 -12.19
CA ASN D 122 -23.98 -8.10 -11.21
C ASN D 122 -24.92 -6.96 -11.57
N LYS D 123 -26.08 -7.31 -12.12
CA LYS D 123 -27.09 -6.32 -12.46
C LYS D 123 -28.46 -6.95 -12.27
N LEU D 124 -29.50 -6.13 -12.45
CA LEU D 124 -30.88 -6.59 -12.39
C LEU D 124 -31.71 -5.69 -13.28
N LEU D 125 -32.63 -6.28 -14.03
CA LEU D 125 -33.38 -5.54 -15.04
C LEU D 125 -34.83 -6.07 -15.04
N ARG D 126 -35.70 -5.37 -14.31
CA ARG D 126 -37.12 -5.68 -14.31
C ARG D 126 -37.85 -4.74 -15.26
N ILE D 127 -38.95 -5.23 -15.82
CA ILE D 127 -39.72 -4.48 -16.80
C ILE D 127 -41.20 -4.75 -16.55
N SER D 128 -41.96 -3.67 -16.33
CA SER D 128 -43.40 -3.80 -16.11
C SER D 128 -44.15 -3.58 -17.41
N LYS D 129 -45.38 -4.11 -17.45
CA LYS D 129 -46.18 -4.06 -18.67
C LYS D 129 -46.36 -2.64 -19.17
N ASN D 130 -46.32 -1.65 -18.26
CA ASN D 130 -46.48 -0.26 -18.63
C ASN D 130 -45.16 0.38 -19.08
N GLY D 131 -44.15 -0.42 -19.41
CA GLY D 131 -42.87 0.09 -19.81
C GLY D 131 -41.98 0.54 -18.67
N LYS D 132 -42.49 0.56 -17.44
CA LYS D 132 -41.70 0.98 -16.29
C LYS D 132 -40.51 0.06 -16.10
N VAL D 133 -39.33 0.57 -16.36
CA VAL D 133 -38.10 -0.19 -16.24
C VAL D 133 -37.50 0.04 -14.86
N LEU D 134 -36.84 -0.99 -14.34
CA LEU D 134 -36.12 -0.95 -13.07
C LEU D 134 -34.75 -1.56 -13.31
N TYR D 135 -33.72 -0.74 -13.20
CA TYR D 135 -32.34 -1.16 -13.44
C TYR D 135 -31.55 -1.01 -12.15
N SER D 136 -31.05 -2.12 -11.63
CA SER D 136 -30.27 -2.13 -10.40
C SER D 136 -28.87 -2.60 -10.69
N ILE D 137 -27.91 -1.97 -10.03
CA ILE D 137 -26.49 -2.22 -10.27
C ILE D 137 -25.75 -2.16 -8.93
N ARG D 138 -24.85 -3.11 -8.72
CA ARG D 138 -24.02 -3.12 -7.54
C ARG D 138 -22.74 -2.34 -7.80
N LEU D 139 -22.37 -1.48 -6.86
CA LEU D 139 -21.23 -0.60 -7.04
C LEU D 139 -20.49 -0.42 -5.74
N THR D 140 -19.16 -0.47 -5.81
CA THR D 140 -18.30 -0.17 -4.67
C THR D 140 -17.63 1.17 -4.93
N LEU D 141 -17.70 2.06 -3.93
CA LEU D 141 -17.40 3.47 -4.11
C LEU D 141 -16.55 3.95 -2.96
N THR D 142 -15.40 4.56 -3.28
CA THR D 142 -14.56 5.24 -2.31
C THR D 142 -14.79 6.74 -2.43
N LEU D 143 -15.92 7.19 -1.88
CA LEU D 143 -16.32 8.58 -1.99
C LEU D 143 -15.43 9.47 -1.13
N SER D 144 -15.60 10.78 -1.32
CA SER D 144 -14.83 11.79 -0.60
C SER D 144 -15.76 12.63 0.27
N CYS D 145 -15.25 13.05 1.41
CA CYS D 145 -16.02 13.86 2.35
C CYS D 145 -15.15 14.94 2.96
N PRO D 146 -15.34 16.21 2.60
CA PRO D 146 -14.60 17.28 3.30
C PRO D 146 -14.95 17.32 4.77
N MET D 147 -13.99 17.01 5.62
CA MET D 147 -14.23 16.82 7.05
C MET D 147 -13.75 18.05 7.82
N ASP D 148 -14.61 18.57 8.68
CA ASP D 148 -14.28 19.69 9.56
C ASP D 148 -13.98 19.13 10.94
N LEU D 149 -12.72 19.23 11.35
CA LEU D 149 -12.25 18.61 12.59
C LEU D 149 -12.06 19.64 13.70
N LYS D 150 -12.90 20.68 13.73
CA LYS D 150 -12.82 21.65 14.82
C LYS D 150 -12.91 20.95 16.17
N ASN D 151 -13.75 19.92 16.27
CA ASN D 151 -13.92 19.11 17.48
C ASN D 151 -13.79 17.64 17.04
N PHE D 152 -12.55 17.17 16.95
CA PHE D 152 -12.25 15.89 16.30
C PHE D 152 -12.82 14.70 17.07
N PRO D 153 -12.37 14.42 18.29
CA PRO D 153 -12.81 13.20 18.97
C PRO D 153 -14.31 13.10 19.15
N MET D 154 -15.01 14.23 19.21
CA MET D 154 -16.47 14.26 19.27
C MET D 154 -16.94 15.19 18.16
N ASP D 155 -17.13 14.63 16.97
CA ASP D 155 -17.54 15.39 15.81
C ASP D 155 -18.84 14.82 15.25
N VAL D 156 -19.53 15.64 14.47
CA VAL D 156 -20.74 15.24 13.75
C VAL D 156 -20.49 15.60 12.29
N GLN D 157 -19.97 14.64 11.53
CA GLN D 157 -19.61 14.89 10.14
C GLN D 157 -20.86 14.88 9.26
N THR D 158 -20.67 15.20 7.99
CA THR D 158 -21.76 15.36 7.05
C THR D 158 -21.44 14.68 5.73
N CYS D 159 -20.92 13.46 5.80
CA CYS D 159 -20.59 12.71 4.60
C CYS D 159 -21.73 12.76 3.60
N THR D 160 -21.39 13.01 2.34
CA THR D 160 -22.37 13.22 1.28
C THR D 160 -22.24 12.16 0.21
N MET D 161 -23.32 12.00 -0.55
CA MET D 161 -23.32 11.20 -1.76
C MET D 161 -24.14 11.92 -2.80
N GLN D 162 -23.53 12.21 -3.95
CA GLN D 162 -24.17 12.93 -5.04
C GLN D 162 -24.39 12.00 -6.22
N LEU D 163 -25.54 12.15 -6.87
CA LEU D 163 -25.86 11.47 -8.11
C LEU D 163 -26.15 12.53 -9.15
N GLU D 164 -25.66 12.35 -10.37
CA GLU D 164 -26.00 13.32 -11.40
C GLU D 164 -25.58 12.80 -12.76
N SER D 165 -26.31 13.25 -13.78
CA SER D 165 -25.99 12.88 -15.15
C SER D 165 -24.74 13.62 -15.62
N PHE D 166 -24.23 13.20 -16.77
CA PHE D 166 -23.07 13.84 -17.37
C PHE D 166 -23.22 14.16 -18.85
N GLY D 167 -24.16 13.53 -19.56
CA GLY D 167 -24.33 13.77 -20.97
C GLY D 167 -25.76 14.12 -21.34
N TYR D 168 -26.63 14.17 -20.33
CA TYR D 168 -28.03 14.51 -20.52
C TYR D 168 -28.39 15.62 -19.55
N THR D 169 -28.95 16.70 -20.07
CA THR D 169 -29.23 17.88 -19.28
C THR D 169 -30.63 17.84 -18.69
N MET D 170 -30.93 18.85 -17.85
CA MET D 170 -32.23 18.91 -17.20
C MET D 170 -33.36 18.94 -18.21
N ASN D 171 -33.12 19.53 -19.40
CA ASN D 171 -34.15 19.56 -20.43
C ASN D 171 -34.52 18.16 -20.91
N ASP D 172 -33.66 17.17 -20.66
CA ASP D 172 -33.90 15.81 -21.13
C ASP D 172 -33.92 14.77 -20.03
N LEU D 173 -33.15 14.95 -18.96
CA LEU D 173 -33.09 13.99 -17.86
C LEU D 173 -33.24 14.73 -16.54
N ILE D 174 -34.02 14.14 -15.62
CA ILE D 174 -34.27 14.73 -14.31
C ILE D 174 -34.28 13.60 -13.30
N PHE D 175 -33.28 13.57 -12.42
CA PHE D 175 -33.27 12.61 -11.33
C PHE D 175 -34.19 13.07 -10.21
N GLU D 176 -34.71 12.10 -9.45
CA GLU D 176 -35.55 12.38 -8.31
C GLU D 176 -35.43 11.21 -7.33
N TRP D 177 -35.47 11.53 -6.04
CA TRP D 177 -35.47 10.49 -5.03
C TRP D 177 -36.79 9.72 -5.08
N LEU D 178 -36.87 8.67 -4.27
CA LEU D 178 -38.09 7.90 -4.11
C LEU D 178 -38.84 8.39 -2.87
N SER D 179 -40.16 8.45 -2.98
CA SER D 179 -40.96 9.01 -1.90
C SER D 179 -40.75 8.24 -0.60
N ASP D 180 -41.02 6.93 -0.62
CA ASP D 180 -40.92 6.10 0.57
C ASP D 180 -39.74 5.15 0.44
N GLY D 181 -38.96 5.03 1.51
CA GLY D 181 -37.82 4.14 1.55
C GLY D 181 -36.89 4.33 0.38
N PRO D 182 -36.34 5.53 0.23
CA PRO D 182 -35.38 5.77 -0.86
C PRO D 182 -33.99 5.27 -0.52
N VAL D 183 -33.64 5.27 0.76
CA VAL D 183 -32.32 4.85 1.22
C VAL D 183 -32.52 3.95 2.43
N GLN D 184 -31.96 2.74 2.36
CA GLN D 184 -32.05 1.76 3.42
C GLN D 184 -30.67 1.43 3.96
N VAL D 185 -30.63 0.58 4.97
CA VAL D 185 -29.38 0.07 5.54
C VAL D 185 -29.62 -1.36 5.98
N ALA D 186 -28.65 -2.22 5.70
CA ALA D 186 -28.81 -3.64 6.00
C ALA D 186 -28.82 -3.88 7.50
N GLU D 187 -29.77 -4.67 7.96
CA GLU D 187 -29.87 -5.00 9.38
C GLU D 187 -28.56 -5.58 9.88
N GLY D 188 -28.24 -5.32 11.15
CA GLY D 188 -27.03 -5.79 11.75
C GLY D 188 -25.79 -5.00 11.37
N LEU D 189 -25.92 -3.94 10.59
CA LEU D 189 -24.77 -3.15 10.20
C LEU D 189 -24.23 -2.39 11.41
N THR D 190 -22.93 -2.52 11.64
CA THR D 190 -22.24 -1.81 12.70
C THR D 190 -20.95 -1.20 12.14
N LEU D 191 -20.50 -0.15 12.80
CA LEU D 191 -19.27 0.54 12.42
C LEU D 191 -18.24 0.44 13.53
N PRO D 192 -16.95 0.52 13.19
CA PRO D 192 -15.92 0.33 14.21
C PRO D 192 -15.94 1.38 15.32
N GLN D 193 -15.83 2.67 14.94
CA GLN D 193 -15.82 3.75 15.91
C GLN D 193 -16.76 4.88 15.52
N PHE D 194 -17.69 4.63 14.61
CA PHE D 194 -18.69 5.60 14.22
C PHE D 194 -20.08 5.05 14.52
N ILE D 195 -21.06 5.94 14.53
CA ILE D 195 -22.45 5.59 14.84
C ILE D 195 -23.30 6.22 13.74
N LEU D 196 -23.63 5.43 12.73
CA LEU D 196 -24.51 5.91 11.67
C LEU D 196 -25.86 6.30 12.23
N LYS D 197 -26.39 7.44 11.79
CA LYS D 197 -27.66 7.96 12.25
C LYS D 197 -28.73 7.72 11.19
N GLU D 198 -29.95 7.47 11.63
CA GLU D 198 -31.07 7.24 10.73
C GLU D 198 -31.62 8.53 10.13
N GLU D 199 -31.04 9.69 10.48
CA GLU D 199 -31.47 10.97 9.93
C GLU D 199 -30.62 11.26 8.71
N LYS D 200 -30.98 10.65 7.58
CA LYS D 200 -30.29 10.83 6.31
C LYS D 200 -31.07 11.89 5.53
N GLU D 201 -30.53 13.10 5.49
CA GLU D 201 -31.27 14.22 4.90
C GLU D 201 -30.99 14.32 3.41
N LEU D 202 -32.04 14.35 2.61
CA LEU D 202 -31.92 14.40 1.16
C LEU D 202 -31.96 15.85 0.67
N GLY D 203 -31.59 16.03 -0.59
CA GLY D 203 -31.64 17.36 -1.17
C GLY D 203 -31.20 17.33 -2.61
N TYR D 204 -31.28 18.51 -3.24
CA TYR D 204 -30.86 18.72 -4.61
C TYR D 204 -29.64 19.63 -4.62
N CYS D 205 -28.61 19.24 -5.37
CA CYS D 205 -27.45 20.13 -5.52
C CYS D 205 -27.53 20.94 -6.80
N THR D 206 -28.18 20.40 -7.82
CA THR D 206 -28.44 21.08 -9.09
C THR D 206 -27.20 21.80 -9.61
N LYS D 207 -26.20 20.98 -9.97
CA LYS D 207 -24.97 21.51 -10.51
C LYS D 207 -25.25 22.40 -11.71
N HIS D 208 -24.56 23.55 -11.76
CA HIS D 208 -24.67 24.50 -12.85
C HIS D 208 -23.27 24.73 -13.41
N TYR D 209 -23.02 24.20 -14.60
CA TYR D 209 -21.71 24.28 -15.24
C TYR D 209 -21.76 25.29 -16.38
N ASN D 210 -20.60 25.49 -17.01
CA ASN D 210 -20.49 26.35 -18.18
C ASN D 210 -20.87 25.64 -19.47
N THR D 211 -21.53 24.48 -19.36
CA THR D 211 -22.01 23.74 -20.52
C THR D 211 -23.51 23.48 -20.50
N GLY D 212 -24.14 23.45 -19.35
CA GLY D 212 -25.56 23.24 -19.29
C GLY D 212 -26.05 23.30 -17.86
N LYS D 213 -27.29 22.86 -17.67
CA LYS D 213 -27.94 22.81 -16.36
C LYS D 213 -28.15 21.34 -16.02
N PHE D 214 -27.14 20.71 -15.45
CA PHE D 214 -27.20 19.30 -15.12
C PHE D 214 -28.05 19.06 -13.87
N THR D 215 -28.91 18.06 -13.94
CA THR D 215 -29.70 17.69 -12.78
C THR D 215 -28.84 16.95 -11.77
N CYS D 216 -29.38 16.77 -10.57
CA CYS D 216 -28.58 16.27 -9.47
C CYS D 216 -29.47 15.82 -8.32
N ILE D 217 -28.89 14.98 -7.47
CA ILE D 217 -29.50 14.50 -6.24
C ILE D 217 -28.38 14.34 -5.23
N GLU D 218 -28.72 14.46 -3.94
CA GLU D 218 -27.72 14.25 -2.92
C GLU D 218 -28.37 13.75 -1.66
N VAL D 219 -27.65 12.88 -0.95
CA VAL D 219 -28.06 12.36 0.34
C VAL D 219 -26.93 12.58 1.33
N LYS D 220 -27.27 13.09 2.51
CA LYS D 220 -26.30 13.42 3.54
C LYS D 220 -26.53 12.52 4.74
N PHE D 221 -25.53 11.72 5.07
CA PHE D 221 -25.51 10.93 6.29
C PHE D 221 -24.93 11.76 7.43
N HIS D 222 -25.28 11.39 8.65
CA HIS D 222 -24.78 12.05 9.85
C HIS D 222 -24.02 11.02 10.68
N LEU D 223 -22.71 11.17 10.73
CA LEU D 223 -21.83 10.26 11.46
C LEU D 223 -21.50 10.85 12.82
N GLU D 224 -21.83 10.11 13.87
CA GLU D 224 -21.55 10.50 15.25
C GLU D 224 -20.40 9.64 15.74
N ARG D 225 -19.21 10.21 15.77
CA ARG D 225 -18.02 9.46 16.16
C ARG D 225 -18.14 8.94 17.59
N GLN D 226 -17.45 7.84 17.84
CA GLN D 226 -17.33 7.26 19.17
C GLN D 226 -16.01 7.71 19.80
N MET D 227 -16.06 8.02 21.09
CA MET D 227 -14.89 8.51 21.81
C MET D 227 -14.36 7.51 22.82
N GLY D 228 -14.78 6.24 22.74
CA GLY D 228 -14.27 5.24 23.66
C GLY D 228 -12.78 4.98 23.46
N TYR D 229 -12.36 4.86 22.20
CA TYR D 229 -10.96 4.64 21.90
C TYR D 229 -10.11 5.79 22.41
N TYR D 230 -10.49 7.02 22.06
CA TYR D 230 -9.73 8.18 22.51
C TYR D 230 -9.75 8.31 24.02
N LEU D 231 -10.85 7.92 24.65
CA LEU D 231 -10.91 7.94 26.11
C LEU D 231 -9.88 6.99 26.71
N ILE D 232 -9.95 5.72 26.33
CA ILE D 232 -9.10 4.71 26.96
C ILE D 232 -7.67 4.74 26.44
N GLN D 233 -7.36 5.57 25.45
CA GLN D 233 -6.00 5.63 24.93
C GLN D 233 -5.30 6.96 25.20
N MET D 234 -6.01 8.09 25.16
CA MET D 234 -5.41 9.40 25.34
C MET D 234 -5.91 10.11 26.59
N TYR D 235 -7.22 10.31 26.71
CA TYR D 235 -7.76 11.16 27.76
C TYR D 235 -7.47 10.58 29.14
N ILE D 236 -7.82 9.30 29.34
CA ILE D 236 -7.62 8.69 30.64
C ILE D 236 -6.15 8.61 31.01
N PRO D 237 -5.25 8.17 30.12
CA PRO D 237 -3.82 8.21 30.47
C PRO D 237 -3.32 9.60 30.82
N SER D 238 -3.70 10.61 30.04
CA SER D 238 -3.26 11.97 30.35
C SER D 238 -3.75 12.40 31.72
N LEU D 239 -5.04 12.17 31.98
CA LEU D 239 -5.62 12.57 33.26
C LEU D 239 -4.94 11.86 34.42
N LEU D 240 -4.67 10.56 34.26
CA LEU D 240 -3.99 9.81 35.32
C LEU D 240 -2.57 10.32 35.53
N ILE D 241 -1.87 10.65 34.44
CA ILE D 241 -0.51 11.16 34.56
C ILE D 241 -0.51 12.47 35.32
N VAL D 242 -1.46 13.34 35.03
CA VAL D 242 -1.51 14.63 35.71
C VAL D 242 -1.87 14.43 37.19
N ILE D 243 -2.84 13.57 37.47
CA ILE D 243 -3.22 13.32 38.86
C ILE D 243 -2.09 12.68 39.63
N LEU D 244 -1.22 11.94 38.94
CA LEU D 244 -0.01 11.43 39.58
C LEU D 244 0.95 12.56 39.88
N SER D 245 1.31 13.34 38.86
CA SER D 245 2.23 14.45 39.05
C SER D 245 1.82 15.31 40.23
N TRP D 246 0.51 15.49 40.42
CA TRP D 246 0.05 16.35 41.52
C TRP D 246 0.58 15.89 42.88
N VAL D 247 0.89 14.59 43.04
CA VAL D 247 1.33 14.11 44.33
C VAL D 247 2.66 14.76 44.73
N SER D 248 3.46 15.17 43.75
CA SER D 248 4.72 15.82 44.03
C SER D 248 4.56 17.03 44.94
N PHE D 249 3.41 17.70 44.86
CA PHE D 249 3.19 18.88 45.69
C PHE D 249 3.05 18.50 47.16
N TRP D 250 2.35 17.40 47.45
CA TRP D 250 2.18 16.97 48.83
C TRP D 250 3.49 16.58 49.48
N ILE D 251 4.52 16.32 48.69
CA ILE D 251 5.80 15.85 49.21
C ILE D 251 6.63 17.03 49.69
N ASN D 252 7.41 16.81 50.74
CA ASN D 252 8.29 17.83 51.27
C ASN D 252 9.35 18.22 50.25
N MET D 253 9.79 19.47 50.31
CA MET D 253 10.82 19.96 49.41
C MET D 253 12.17 19.27 49.65
N ASP D 254 12.32 18.54 50.75
CA ASP D 254 13.58 17.85 51.01
C ASP D 254 13.70 16.59 50.17
N ALA D 255 12.59 15.86 50.00
CA ALA D 255 12.59 14.62 49.22
C ALA D 255 12.60 14.97 47.74
N ALA D 256 13.74 15.52 47.30
CA ALA D 256 13.88 15.91 45.90
C ALA D 256 13.71 14.75 44.93
N PRO D 257 14.49 13.67 45.03
CA PRO D 257 14.41 12.62 43.99
C PRO D 257 13.00 12.14 43.70
N ALA D 258 12.17 12.00 44.74
CA ALA D 258 10.79 11.59 44.52
C ALA D 258 10.08 12.55 43.57
N ARG D 259 10.05 13.83 43.92
CA ARG D 259 9.30 14.81 43.13
C ARG D 259 9.89 14.96 41.74
N VAL D 260 11.22 14.96 41.63
CA VAL D 260 11.83 15.14 40.31
C VAL D 260 11.52 13.95 39.43
N ALA D 261 11.59 12.73 39.98
CA ALA D 261 11.25 11.55 39.18
C ALA D 261 9.80 11.59 38.74
N LEU D 262 8.89 11.92 39.66
CA LEU D 262 7.48 12.00 39.29
C LEU D 262 7.29 13.01 38.16
N GLY D 263 7.77 14.24 38.35
CA GLY D 263 7.58 15.25 37.33
C GLY D 263 8.19 14.87 35.99
N ILE D 264 9.40 14.31 36.02
CA ILE D 264 10.12 14.04 34.78
C ILE D 264 9.46 12.91 34.01
N THR D 265 9.09 11.82 34.70
CA THR D 265 8.42 10.73 34.01
C THR D 265 7.05 11.17 33.50
N THR D 266 6.35 12.01 34.28
CA THR D 266 5.05 12.50 33.83
C THR D 266 5.20 13.33 32.56
N VAL D 267 6.17 14.25 32.53
CA VAL D 267 6.36 15.08 31.34
C VAL D 267 6.76 14.21 30.15
N LEU D 268 7.62 13.22 30.38
CA LEU D 268 8.08 12.39 29.27
C LEU D 268 6.93 11.59 28.67
N THR D 269 6.14 10.92 29.52
CA THR D 269 5.02 10.15 29.00
C THR D 269 3.98 11.05 28.35
N MET D 270 3.78 12.25 28.90
CA MET D 270 2.80 13.16 28.32
C MET D 270 3.24 13.64 26.94
N THR D 271 4.53 13.98 26.78
CA THR D 271 4.99 14.40 25.47
C THR D 271 5.01 13.25 24.48
N THR D 272 5.25 12.02 24.95
CA THR D 272 5.13 10.86 24.06
C THR D 272 3.70 10.72 23.56
N GLN D 273 2.73 10.78 24.47
CA GLN D 273 1.34 10.71 24.06
C GLN D 273 0.99 11.83 23.10
N SER D 274 1.47 13.04 23.38
CA SER D 274 1.18 14.17 22.50
C SER D 274 1.73 13.92 21.10
N SER D 275 3.02 13.60 21.00
CA SER D 275 3.62 13.37 19.69
C SER D 275 2.88 12.26 18.95
N GLY D 276 2.59 11.16 19.63
CA GLY D 276 1.91 10.04 18.98
C GLY D 276 0.54 10.43 18.46
N SER D 277 -0.33 10.89 19.37
CA SER D 277 -1.70 11.22 19.01
C SER D 277 -1.80 12.47 18.15
N ARG D 278 -0.70 13.20 17.95
CA ARG D 278 -0.70 14.36 17.05
C ARG D 278 -0.18 14.01 15.67
N ALA D 279 0.79 13.10 15.57
CA ALA D 279 1.31 12.68 14.28
C ALA D 279 0.48 11.58 13.65
N SER D 280 -0.30 10.83 14.44
CA SER D 280 -1.18 9.82 13.88
C SER D 280 -2.42 10.40 13.25
N LEU D 281 -2.55 11.72 13.21
CA LEU D 281 -3.70 12.43 12.67
C LEU D 281 -3.35 13.05 11.32
N PRO D 282 -4.36 13.49 10.56
CA PRO D 282 -4.07 14.20 9.31
C PRO D 282 -3.40 15.53 9.56
N LYS D 283 -3.08 16.26 8.50
CA LYS D 283 -2.36 17.53 8.58
C LYS D 283 -3.35 18.66 8.33
N VAL D 284 -3.73 19.36 9.40
CA VAL D 284 -4.70 20.44 9.33
C VAL D 284 -4.14 21.65 10.07
N SER D 285 -4.43 22.84 9.55
CA SER D 285 -3.95 24.06 10.17
C SER D 285 -4.78 24.41 11.41
N TYR D 286 -6.11 24.41 11.27
CA TYR D 286 -6.98 24.81 12.36
C TYR D 286 -6.72 23.99 13.62
N VAL D 287 -7.15 24.49 14.76
CA VAL D 287 -6.90 23.83 16.02
C VAL D 287 -7.87 22.66 16.19
N LYS D 288 -7.55 21.78 17.14
CA LYS D 288 -8.36 20.60 17.41
C LYS D 288 -8.51 20.43 18.93
N ALA D 289 -9.68 19.94 19.34
CA ALA D 289 -9.96 19.78 20.76
C ALA D 289 -8.95 18.86 21.41
N ILE D 290 -8.64 17.73 20.76
CA ILE D 290 -7.68 16.79 21.33
C ILE D 290 -6.32 17.46 21.51
N ASP D 291 -5.94 18.30 20.56
CA ASP D 291 -4.67 19.01 20.70
C ASP D 291 -4.72 20.00 21.84
N ILE D 292 -5.86 20.70 22.01
CA ILE D 292 -6.02 21.58 23.16
C ILE D 292 -5.81 20.82 24.45
N TRP D 293 -6.46 19.65 24.57
CA TRP D 293 -6.37 18.88 25.80
C TRP D 293 -4.95 18.40 26.04
N MET D 294 -4.30 17.86 25.01
CA MET D 294 -2.93 17.40 25.17
C MET D 294 -2.02 18.53 25.60
N ALA D 295 -2.16 19.69 24.94
CA ALA D 295 -1.33 20.83 25.29
C ALA D 295 -1.59 21.28 26.72
N VAL D 296 -2.85 21.26 27.16
CA VAL D 296 -3.17 21.76 28.49
C VAL D 296 -2.66 20.81 29.56
N CYS D 297 -2.72 19.50 29.32
CA CYS D 297 -2.18 18.57 30.30
C CYS D 297 -0.65 18.64 30.33
N LEU D 298 -0.02 18.67 29.15
CA LEU D 298 1.41 18.91 29.09
C LEU D 298 1.78 20.15 29.86
N LEU D 299 0.99 21.22 29.74
CA LEU D 299 1.30 22.47 30.41
C LEU D 299 1.07 22.38 31.91
N PHE D 300 0.06 21.61 32.35
CA PHE D 300 -0.14 21.40 33.77
C PHE D 300 1.07 20.72 34.40
N VAL D 301 1.54 19.65 33.78
CA VAL D 301 2.69 18.93 34.35
C VAL D 301 3.96 19.78 34.23
N PHE D 302 4.07 20.53 33.13
CA PHE D 302 5.18 21.47 32.97
C PHE D 302 5.19 22.49 34.08
N ALA D 303 4.00 22.98 34.46
CA ALA D 303 3.91 23.98 35.52
C ALA D 303 4.20 23.36 36.88
N ALA D 304 3.82 22.10 37.07
CA ALA D 304 4.23 21.41 38.29
C ALA D 304 5.74 21.36 38.40
N LEU D 305 6.42 21.02 37.30
CA LEU D 305 7.88 20.96 37.32
C LEU D 305 8.47 22.34 37.58
N LEU D 306 8.00 23.36 36.85
CA LEU D 306 8.48 24.71 37.06
C LEU D 306 8.19 25.19 38.48
N GLU D 307 7.12 24.68 39.09
CA GLU D 307 6.80 25.04 40.47
C GLU D 307 7.81 24.43 41.43
N TYR D 308 8.16 23.17 41.22
CA TYR D 308 9.23 22.58 42.04
C TYR D 308 10.52 23.37 41.87
N ALA D 309 10.81 23.83 40.64
CA ALA D 309 12.01 24.62 40.41
C ALA D 309 11.95 25.94 41.17
N ALA D 310 10.81 26.62 41.11
CA ALA D 310 10.65 27.87 41.84
C ALA D 310 10.76 27.66 43.34
N VAL D 311 10.28 26.52 43.84
CA VAL D 311 10.42 26.22 45.26
C VAL D 311 11.89 26.04 45.62
N ASN D 312 12.62 25.27 44.80
CA ASN D 312 14.05 25.11 45.03
C ASN D 312 14.75 26.48 45.04
N PHE D 313 14.35 27.38 44.14
CA PHE D 313 14.99 28.68 44.08
C PHE D 313 14.67 29.51 45.32
N VAL D 314 13.40 29.54 45.71
CA VAL D 314 12.99 30.32 46.88
C VAL D 314 13.72 29.82 48.12
N SER D 315 13.61 28.52 48.40
CA SER D 315 14.33 27.94 49.53
C SER D 315 15.80 27.75 49.16
N ARG D 316 16.55 28.83 49.16
CA ARG D 316 17.97 28.77 48.80
C ARG D 316 18.73 27.79 49.68
N LYS D 322 10.99 33.07 57.23
CA LYS D 322 12.04 32.31 56.57
C LYS D 322 11.62 31.91 55.17
N PHE D 323 12.54 31.26 54.45
CA PHE D 323 12.23 30.85 53.08
C PHE D 323 11.47 29.53 53.05
N VAL D 324 11.76 28.63 53.99
CA VAL D 324 11.04 27.36 54.05
C VAL D 324 9.55 27.60 54.23
N ASP D 325 9.18 28.68 54.92
CA ASP D 325 7.77 28.99 55.11
C ASP D 325 7.11 29.30 53.78
N ARG D 326 7.74 30.17 52.98
CA ARG D 326 7.19 30.49 51.66
C ARG D 326 7.16 29.25 50.77
N ALA D 327 8.17 28.40 50.87
CA ALA D 327 8.19 27.18 50.08
C ALA D 327 7.01 26.29 50.41
N LYS D 328 6.78 26.05 51.71
CA LYS D 328 5.65 25.22 52.11
C LYS D 328 4.32 25.86 51.76
N ARG D 329 4.24 27.20 51.86
CA ARG D 329 3.01 27.89 51.50
C ARG D 329 2.69 27.70 50.02
N ILE D 330 3.69 27.88 49.16
CA ILE D 330 3.48 27.66 47.74
C ILE D 330 3.16 26.20 47.47
N ASP D 331 3.77 25.28 48.23
CA ASP D 331 3.49 23.87 48.03
C ASP D 331 2.03 23.55 48.30
N THR D 332 1.51 24.03 49.44
CA THR D 332 0.10 23.77 49.76
C THR D 332 -0.82 24.49 48.78
N ILE D 333 -0.47 25.73 48.39
CA ILE D 333 -1.28 26.45 47.41
C ILE D 333 -1.39 25.65 46.13
N SER D 334 -0.27 25.13 45.64
CA SER D 334 -0.29 24.33 44.42
C SER D 334 -1.10 23.06 44.62
N ARG D 335 -0.85 22.35 45.71
CA ARG D 335 -1.53 21.08 45.95
C ARG D 335 -3.04 21.26 46.00
N ALA D 336 -3.52 22.39 46.52
CA ALA D 336 -4.95 22.64 46.62
C ALA D 336 -5.53 23.39 45.44
N ALA D 337 -4.70 23.94 44.56
CA ALA D 337 -5.18 24.70 43.41
C ALA D 337 -5.13 23.90 42.12
N PHE D 338 -3.96 23.35 41.77
CA PHE D 338 -3.82 22.67 40.49
C PHE D 338 -4.90 21.63 40.25
N PRO D 339 -5.25 20.77 41.20
CA PRO D 339 -6.46 19.96 41.02
C PRO D 339 -7.68 20.79 40.69
N LEU D 340 -7.83 21.95 41.34
CA LEU D 340 -8.98 22.80 41.07
C LEU D 340 -8.89 23.43 39.68
N ALA D 341 -7.69 23.83 39.27
CA ALA D 341 -7.51 24.36 37.92
C ALA D 341 -7.89 23.32 36.88
N PHE D 342 -7.41 22.09 37.05
CA PHE D 342 -7.77 21.02 36.14
C PHE D 342 -9.26 20.76 36.17
N LEU D 343 -9.88 20.84 37.35
CA LEU D 343 -11.31 20.61 37.45
C LEU D 343 -12.09 21.64 36.65
N ILE D 344 -11.76 22.92 36.84
CA ILE D 344 -12.49 23.97 36.12
C ILE D 344 -12.25 23.87 34.62
N PHE D 345 -11.00 23.62 34.22
CA PHE D 345 -10.70 23.49 32.81
C PHE D 345 -11.45 22.32 32.19
N ASN D 346 -11.45 21.17 32.88
CA ASN D 346 -12.15 20.00 32.40
C ASN D 346 -13.64 20.27 32.30
N ILE D 347 -14.20 21.01 33.26
CA ILE D 347 -15.61 21.34 33.23
C ILE D 347 -15.93 22.14 31.97
N PHE D 348 -15.19 23.23 31.75
CA PHE D 348 -15.43 24.04 30.56
C PHE D 348 -15.24 23.21 29.30
N TYR D 349 -14.19 22.39 29.26
CA TYR D 349 -13.89 21.58 28.08
C TYR D 349 -15.06 20.67 27.73
N TRP D 350 -15.45 19.81 28.67
CA TRP D 350 -16.54 18.88 28.39
C TRP D 350 -17.83 19.61 28.10
N ILE D 351 -18.17 20.64 28.89
CA ILE D 351 -19.45 21.31 28.75
C ILE D 351 -19.51 22.23 27.54
N THR D 352 -18.38 22.46 26.86
CA THR D 352 -18.41 23.20 25.62
C THR D 352 -18.23 22.33 24.39
N TYR D 353 -17.62 21.15 24.51
CA TYR D 353 -17.43 20.27 23.38
C TYR D 353 -18.41 19.09 23.37
N LYS D 354 -19.29 18.98 24.35
CA LYS D 354 -20.34 17.97 24.34
C LYS D 354 -21.72 18.55 24.12
N ILE D 355 -22.01 19.71 24.70
CA ILE D 355 -23.31 20.36 24.51
C ILE D 355 -23.62 20.54 23.02
N ILE D 356 -22.59 20.66 22.19
CA ILE D 356 -22.80 20.90 20.77
C ILE D 356 -23.42 19.69 20.09
N ARG D 357 -23.32 18.51 20.69
CA ARG D 357 -23.88 17.30 20.11
C ARG D 357 -24.16 16.26 21.18
N VAL E 49 -36.31 7.76 -40.26
CA VAL E 49 -37.14 7.79 -39.06
C VAL E 49 -36.44 8.72 -38.04
N PRO E 50 -37.10 8.99 -36.90
CA PRO E 50 -36.62 10.06 -36.02
C PRO E 50 -35.20 9.90 -35.49
N ALA E 51 -34.30 10.72 -36.02
CA ALA E 51 -32.99 11.02 -35.45
C ALA E 51 -31.98 9.89 -35.58
N ASN E 52 -32.42 8.69 -35.96
CA ASN E 52 -31.44 7.65 -36.22
C ASN E 52 -30.91 7.76 -37.64
N SER E 53 -31.79 8.08 -38.59
CA SER E 53 -31.31 8.47 -39.91
C SER E 53 -30.37 9.65 -39.79
N THR E 54 -30.67 10.60 -38.90
CA THR E 54 -29.75 11.70 -38.63
C THR E 54 -28.38 11.18 -38.21
N SER E 55 -28.35 10.45 -37.09
CA SER E 55 -27.06 9.98 -36.56
C SER E 55 -26.30 9.16 -37.60
N ASN E 56 -27.00 8.37 -38.40
CA ASN E 56 -26.34 7.47 -39.34
C ASN E 56 -25.81 8.22 -40.55
N ILE E 57 -26.68 8.95 -41.24
CA ILE E 57 -26.29 9.74 -42.39
C ILE E 57 -25.19 10.72 -41.99
N LEU E 58 -25.09 11.00 -40.68
CA LEU E 58 -24.03 11.87 -40.22
C LEU E 58 -22.73 11.11 -40.02
N ASN E 59 -22.75 10.01 -39.28
CA ASN E 59 -21.53 9.28 -38.95
C ASN E 59 -21.87 7.82 -38.67
N ARG E 60 -21.49 6.94 -39.60
CA ARG E 60 -21.55 5.49 -39.42
C ARG E 60 -21.01 4.86 -40.69
N LEU E 61 -20.77 3.55 -40.63
CA LEU E 61 -20.37 2.82 -41.83
C LEU E 61 -21.37 3.00 -42.95
N LEU E 62 -22.61 3.37 -42.64
CA LEU E 62 -23.60 3.58 -43.68
C LEU E 62 -23.28 4.81 -44.52
N VAL E 63 -22.56 5.78 -43.95
CA VAL E 63 -22.18 6.99 -44.65
C VAL E 63 -20.66 7.06 -44.72
N SER E 64 -20.16 7.78 -45.73
CA SER E 64 -18.73 7.90 -45.96
C SER E 64 -18.16 8.98 -45.04
N TYR E 65 -18.00 8.60 -43.77
CA TYR E 65 -17.34 9.45 -42.78
C TYR E 65 -16.33 8.59 -42.04
N ASP E 66 -15.04 8.82 -42.31
CA ASP E 66 -13.99 7.99 -41.76
C ASP E 66 -13.52 8.54 -40.42
N PRO E 67 -13.72 7.82 -39.31
CA PRO E 67 -13.27 8.35 -38.02
C PRO E 67 -11.77 8.53 -37.91
N ARG E 68 -10.99 7.83 -38.74
CA ARG E 68 -9.54 7.85 -38.62
C ARG E 68 -8.91 9.04 -39.33
N ILE E 69 -9.64 9.73 -40.18
CA ILE E 69 -9.11 10.84 -40.97
C ILE E 69 -9.54 12.14 -40.33
N ARG E 70 -8.56 12.97 -39.94
CA ARG E 70 -8.84 14.23 -39.30
C ARG E 70 -9.60 15.15 -40.26
N PRO E 71 -10.25 16.19 -39.74
CA PRO E 71 -10.91 17.15 -40.62
C PRO E 71 -9.91 18.07 -41.29
N ASN E 72 -10.32 18.58 -42.44
CA ASN E 72 -9.46 19.48 -43.23
C ASN E 72 -8.14 18.79 -43.57
N PHE E 73 -8.22 17.52 -43.96
CA PHE E 73 -7.03 16.75 -44.28
C PHE E 73 -6.21 17.46 -45.35
N LYS E 74 -4.91 17.58 -45.10
CA LYS E 74 -3.99 18.28 -46.00
C LYS E 74 -4.46 19.72 -46.23
N GLY E 75 -4.81 20.39 -45.13
CA GLY E 75 -5.21 21.78 -45.18
C GLY E 75 -4.67 22.55 -43.99
N ILE E 76 -5.50 23.37 -43.37
CA ILE E 76 -5.11 24.10 -42.17
C ILE E 76 -5.00 23.11 -41.02
N PRO E 77 -4.43 23.50 -39.89
CA PRO E 77 -4.45 22.61 -38.72
C PRO E 77 -5.84 22.56 -38.09
N VAL E 78 -5.96 21.84 -36.99
CA VAL E 78 -7.20 21.76 -36.23
C VAL E 78 -7.00 22.50 -34.91
N ASP E 79 -7.76 23.57 -34.72
CA ASP E 79 -7.68 24.39 -33.52
C ASP E 79 -8.60 23.78 -32.46
N VAL E 80 -7.99 23.15 -31.46
CA VAL E 80 -8.74 22.42 -30.44
C VAL E 80 -8.84 23.34 -29.22
N VAL E 81 -9.94 24.10 -29.16
CA VAL E 81 -10.21 24.90 -27.97
C VAL E 81 -10.36 23.97 -26.77
N VAL E 82 -10.08 24.52 -25.59
CA VAL E 82 -10.05 23.73 -24.36
C VAL E 82 -10.51 24.59 -23.20
N ASN E 83 -11.06 23.92 -22.18
CA ASN E 83 -11.45 24.54 -20.92
C ASN E 83 -11.73 23.44 -19.90
N ILE E 84 -11.19 23.61 -18.70
CA ILE E 84 -11.19 22.58 -17.69
C ILE E 84 -12.20 22.90 -16.60
N PHE E 85 -12.56 21.88 -15.83
CA PHE E 85 -13.32 22.02 -14.60
C PHE E 85 -12.75 21.05 -13.59
N ILE E 86 -12.37 21.58 -12.42
CA ILE E 86 -11.73 20.78 -11.38
C ILE E 86 -12.75 20.55 -10.29
N ASN E 87 -13.07 19.28 -10.05
CA ASN E 87 -14.07 18.90 -9.06
C ASN E 87 -13.46 18.45 -7.74
N SER E 88 -12.27 17.86 -7.77
CA SER E 88 -11.60 17.47 -6.54
C SER E 88 -10.09 17.56 -6.76
N PHE E 89 -9.38 17.88 -5.69
CA PHE E 89 -7.97 18.22 -5.79
C PHE E 89 -7.30 17.90 -4.47
N GLY E 90 -6.26 17.07 -4.51
CA GLY E 90 -5.55 16.74 -3.29
C GLY E 90 -4.66 15.52 -3.38
N SER E 91 -4.65 14.72 -2.32
CA SER E 91 -3.77 13.56 -2.23
C SER E 91 -2.34 13.93 -2.58
N ILE E 92 -1.90 15.11 -2.11
CA ILE E 92 -0.55 15.60 -2.37
C ILE E 92 0.39 14.79 -1.47
N GLN E 93 0.99 13.75 -2.02
CA GLN E 93 1.88 12.86 -1.28
C GLN E 93 3.31 13.25 -1.64
N GLU E 94 3.87 14.19 -0.88
CA GLU E 94 5.23 14.65 -1.15
C GLU E 94 6.22 13.50 -1.17
N THR E 95 5.88 12.36 -0.55
CA THR E 95 6.74 11.19 -0.63
C THR E 95 6.98 10.76 -2.06
N THR E 96 6.07 11.12 -2.97
CA THR E 96 6.21 10.81 -4.38
C THR E 96 6.18 12.03 -5.29
N MET E 97 5.98 13.22 -4.76
CA MET E 97 6.00 14.45 -5.55
C MET E 97 4.87 14.44 -6.58
N ASP E 98 3.65 14.18 -6.11
CA ASP E 98 2.50 14.06 -7.00
C ASP E 98 1.28 14.68 -6.35
N TYR E 99 0.29 14.98 -7.19
CA TYR E 99 -1.02 15.41 -6.72
C TYR E 99 -2.08 14.82 -7.64
N ARG E 100 -3.27 14.64 -7.10
CA ARG E 100 -4.37 13.99 -7.78
C ARG E 100 -5.49 14.99 -8.02
N VAL E 101 -6.02 15.01 -9.25
CA VAL E 101 -7.10 15.88 -9.63
C VAL E 101 -8.18 15.06 -10.31
N ASN E 102 -9.41 15.22 -9.83
CA ASN E 102 -10.60 14.65 -10.46
C ASN E 102 -11.34 15.80 -11.12
N ILE E 103 -11.39 15.77 -12.45
CA ILE E 103 -11.75 16.93 -13.26
C ILE E 103 -12.74 16.49 -14.34
N PHE E 104 -13.37 17.48 -14.96
CA PHE E 104 -14.25 17.30 -16.11
C PHE E 104 -13.59 18.02 -17.28
N LEU E 105 -12.67 17.34 -17.96
CA LEU E 105 -12.03 17.94 -19.11
C LEU E 105 -13.05 18.19 -20.22
N ARG E 106 -12.81 19.25 -20.98
CA ARG E 106 -13.71 19.64 -22.05
C ARG E 106 -12.89 20.24 -23.19
N GLN E 107 -13.18 19.83 -24.42
CA GLN E 107 -12.45 20.32 -25.57
C GLN E 107 -13.38 20.33 -26.78
N LYS E 108 -13.31 21.40 -27.56
CA LYS E 108 -14.13 21.55 -28.74
C LYS E 108 -13.25 21.88 -29.95
N TRP E 109 -13.81 21.66 -31.12
CA TRP E 109 -13.09 21.86 -32.38
C TRP E 109 -14.12 21.90 -33.51
N ASN E 110 -13.64 21.86 -34.75
CA ASN E 110 -14.49 21.95 -35.93
C ASN E 110 -14.32 20.71 -36.80
N ASP E 111 -15.41 20.36 -37.48
CA ASP E 111 -15.44 19.20 -38.36
C ASP E 111 -16.56 19.38 -39.37
N PRO E 112 -16.30 20.01 -40.52
CA PRO E 112 -17.39 20.34 -41.44
C PRO E 112 -18.25 19.15 -41.83
N ARG E 113 -17.71 17.94 -41.84
CA ARG E 113 -18.50 16.78 -42.17
C ARG E 113 -19.65 16.58 -41.19
N LEU E 114 -19.51 17.08 -39.96
CA LEU E 114 -20.58 16.98 -38.97
C LEU E 114 -21.37 18.29 -38.93
N LYS E 115 -22.07 18.55 -40.03
CA LYS E 115 -22.96 19.69 -40.16
C LYS E 115 -24.39 19.21 -40.10
N LEU E 116 -25.24 19.92 -39.36
CA LEU E 116 -26.64 19.57 -39.22
C LEU E 116 -27.52 20.44 -40.12
N PRO E 117 -28.05 19.91 -41.22
CA PRO E 117 -29.00 20.70 -42.03
C PRO E 117 -30.34 20.84 -41.34
N SER E 118 -31.34 21.35 -42.07
CA SER E 118 -32.67 21.55 -41.50
C SER E 118 -33.29 20.25 -41.02
N ASP E 119 -32.65 19.10 -41.30
CA ASP E 119 -33.17 17.84 -40.79
C ASP E 119 -33.37 17.89 -39.28
N PHE E 120 -32.57 18.70 -38.59
CA PHE E 120 -32.75 19.00 -37.18
C PHE E 120 -32.86 20.52 -37.05
N ARG E 121 -34.07 21.01 -36.80
CA ARG E 121 -34.36 22.43 -36.68
C ARG E 121 -35.12 22.72 -35.40
N GLY E 122 -34.66 22.15 -34.29
CA GLY E 122 -35.32 22.34 -33.02
C GLY E 122 -34.47 23.05 -32.00
N SER E 123 -33.15 23.01 -32.18
CA SER E 123 -32.23 23.65 -31.26
C SER E 123 -30.88 23.83 -31.95
N ASP E 124 -30.04 24.66 -31.35
CA ASP E 124 -28.70 24.91 -31.87
C ASP E 124 -27.68 23.88 -31.42
N ALA E 125 -27.98 23.15 -30.35
CA ALA E 125 -27.09 22.12 -29.83
C ALA E 125 -27.70 20.75 -30.05
N LEU E 126 -27.01 19.73 -29.57
CA LEU E 126 -27.44 18.35 -29.74
C LEU E 126 -26.59 17.46 -28.85
N THR E 127 -27.24 16.53 -28.15
CA THR E 127 -26.57 15.59 -27.26
C THR E 127 -26.88 14.18 -27.71
N VAL E 128 -25.82 13.38 -27.89
CA VAL E 128 -25.95 11.99 -28.34
C VAL E 128 -25.54 11.07 -27.21
N ASP E 129 -25.84 9.80 -27.39
CA ASP E 129 -25.43 8.79 -26.42
C ASP E 129 -23.90 8.70 -26.41
N PRO E 130 -23.25 8.85 -25.25
CA PRO E 130 -21.78 8.83 -25.22
C PRO E 130 -21.15 7.64 -25.92
N THR E 131 -21.90 6.55 -26.08
CA THR E 131 -21.35 5.35 -26.70
C THR E 131 -20.87 5.60 -28.13
N MET E 132 -21.22 6.73 -28.73
CA MET E 132 -20.78 7.03 -30.09
C MET E 132 -19.62 8.00 -30.14
N TYR E 133 -19.14 8.48 -28.99
CA TYR E 133 -17.93 9.30 -28.97
C TYR E 133 -16.75 8.58 -29.59
N LYS E 134 -16.77 7.25 -29.62
CA LYS E 134 -15.69 6.46 -30.20
C LYS E 134 -15.86 6.26 -31.70
N CYS E 135 -16.90 6.83 -32.31
CA CYS E 135 -17.15 6.65 -33.72
C CYS E 135 -16.73 7.83 -34.57
N LEU E 136 -16.50 8.99 -33.96
CA LEU E 136 -16.06 10.18 -34.68
C LEU E 136 -14.63 10.53 -34.31
N TRP E 137 -14.02 11.35 -35.15
CA TRP E 137 -12.63 11.73 -34.95
C TRP E 137 -12.45 12.38 -33.57
N LYS E 138 -11.27 12.18 -33.00
CA LYS E 138 -10.93 12.72 -31.70
C LYS E 138 -9.51 13.28 -31.74
N PRO E 139 -9.22 14.28 -30.91
CA PRO E 139 -7.84 14.79 -30.85
C PRO E 139 -6.98 13.97 -29.91
N ASP E 140 -5.85 13.49 -30.40
CA ASP E 140 -5.02 12.61 -29.58
C ASP E 140 -4.35 13.43 -28.49
N LEU E 141 -4.98 13.47 -27.32
CA LEU E 141 -4.54 14.28 -26.21
C LEU E 141 -4.02 13.39 -25.08
N PHE E 142 -3.08 13.93 -24.32
CA PHE E 142 -2.59 13.23 -23.13
C PHE E 142 -1.98 14.25 -22.19
N PHE E 143 -1.59 13.77 -21.01
CA PHE E 143 -0.94 14.60 -20.00
C PHE E 143 0.49 14.11 -19.81
N ALA E 144 1.45 15.01 -19.95
CA ALA E 144 2.85 14.61 -19.93
C ALA E 144 3.36 14.38 -18.52
N ASN E 145 3.12 15.33 -17.62
CA ASN E 145 3.50 15.17 -16.22
C ASN E 145 2.46 14.30 -15.51
N GLU E 146 2.31 13.09 -16.01
CA GLU E 146 1.34 12.12 -15.52
C GLU E 146 2.06 10.86 -15.08
N LYS E 147 1.58 10.27 -13.99
CA LYS E 147 2.11 9.01 -13.48
C LYS E 147 1.13 7.87 -13.65
N SER E 148 -0.15 8.12 -13.40
CA SER E 148 -1.18 7.09 -13.51
C SER E 148 -2.53 7.77 -13.62
N ALA E 149 -3.28 7.45 -14.67
CA ALA E 149 -4.57 8.08 -14.94
C ALA E 149 -5.61 6.99 -15.19
N ASN E 150 -6.86 7.42 -15.28
CA ASN E 150 -7.97 6.51 -15.50
C ASN E 150 -9.24 7.30 -15.76
N PHE E 151 -10.11 6.74 -16.59
CA PHE E 151 -11.43 7.29 -16.77
C PHE E 151 -12.28 7.00 -15.54
N HIS E 152 -13.57 7.34 -15.63
CA HIS E 152 -14.55 7.01 -14.60
C HIS E 152 -15.77 6.43 -15.30
N ASP E 153 -15.90 5.11 -15.26
CA ASP E 153 -17.03 4.41 -15.88
C ASP E 153 -17.86 3.79 -14.77
N VAL E 154 -18.99 4.41 -14.47
CA VAL E 154 -19.92 3.93 -13.45
C VAL E 154 -21.33 4.16 -13.97
N THR E 155 -22.02 3.08 -14.33
CA THR E 155 -23.36 3.13 -14.90
C THR E 155 -23.32 3.60 -16.35
N GLN E 156 -22.15 4.03 -16.81
CA GLN E 156 -21.90 4.44 -18.19
C GLN E 156 -20.46 4.94 -18.21
N GLU E 157 -19.92 5.10 -19.41
CA GLU E 157 -18.68 5.83 -19.57
C GLU E 157 -18.96 7.32 -19.39
N ASN E 158 -18.34 7.93 -18.38
CA ASN E 158 -18.65 9.32 -18.04
C ASN E 158 -18.05 10.21 -19.12
N ILE E 159 -18.79 10.32 -20.23
CA ILE E 159 -18.40 11.13 -21.36
C ILE E 159 -19.59 11.97 -21.78
N LEU E 160 -19.30 13.18 -22.24
CA LEU E 160 -20.29 14.16 -22.66
C LEU E 160 -19.98 14.62 -24.06
N LEU E 161 -21.02 14.80 -24.88
CA LEU E 161 -20.80 15.14 -26.27
C LEU E 161 -21.86 16.12 -26.73
N PHE E 162 -21.43 17.18 -27.41
CA PHE E 162 -22.31 18.20 -27.95
C PHE E 162 -21.94 18.44 -29.42
N ILE E 163 -22.96 18.64 -30.25
CA ILE E 163 -22.76 18.96 -31.65
C ILE E 163 -23.67 20.12 -32.02
N PHE E 164 -23.13 21.07 -32.77
CA PHE E 164 -23.84 22.26 -33.19
C PHE E 164 -24.02 22.23 -34.71
N ARG E 165 -24.60 23.31 -35.24
CA ARG E 165 -24.90 23.36 -36.67
C ARG E 165 -23.68 23.77 -37.48
N ASP E 166 -22.85 24.66 -36.93
CA ASP E 166 -21.67 25.15 -37.63
C ASP E 166 -20.57 24.11 -37.74
N GLY E 167 -20.78 22.89 -37.24
CA GLY E 167 -19.77 21.88 -37.19
C GLY E 167 -19.01 21.83 -35.87
N ASP E 168 -19.17 22.85 -35.03
CA ASP E 168 -18.47 22.89 -33.76
C ASP E 168 -18.86 21.69 -32.91
N VAL E 169 -17.88 20.82 -32.67
CA VAL E 169 -18.05 19.65 -31.82
C VAL E 169 -17.43 19.93 -30.46
N LEU E 170 -18.01 19.33 -29.43
CA LEU E 170 -17.52 19.46 -28.06
C LEU E 170 -17.57 18.09 -27.41
N VAL E 171 -16.52 17.74 -26.68
CA VAL E 171 -16.44 16.46 -25.99
C VAL E 171 -15.78 16.69 -24.64
N SER E 172 -16.32 16.04 -23.62
CA SER E 172 -15.78 16.10 -22.27
C SER E 172 -15.71 14.70 -21.70
N MET E 173 -14.73 14.49 -20.80
CA MET E 173 -14.52 13.18 -20.22
C MET E 173 -13.96 13.35 -18.81
N ARG E 174 -14.75 12.97 -17.82
CA ARG E 174 -14.28 12.98 -16.44
C ARG E 174 -13.01 12.16 -16.31
N LEU E 175 -12.06 12.65 -15.52
CA LEU E 175 -10.76 12.02 -15.42
C LEU E 175 -10.18 12.26 -14.03
N SER E 176 -9.60 11.21 -13.46
CA SER E 176 -8.92 11.27 -12.17
C SER E 176 -7.46 10.96 -12.42
N ILE E 177 -6.65 11.99 -12.56
CA ILE E 177 -5.26 11.84 -12.95
C ILE E 177 -4.35 12.22 -11.80
N THR E 178 -3.24 11.49 -11.67
CA THR E 178 -2.26 11.67 -10.61
C THR E 178 -1.01 12.28 -11.26
N LEU E 179 -0.99 13.61 -11.32
CA LEU E 179 0.11 14.33 -11.94
C LEU E 179 1.28 14.46 -10.98
N SER E 180 2.39 14.98 -11.52
CA SER E 180 3.62 15.18 -10.75
C SER E 180 4.09 16.61 -10.91
N CYS E 181 4.50 17.20 -9.79
CA CYS E 181 5.06 18.55 -9.76
C CYS E 181 6.27 18.56 -8.86
N PRO E 182 7.49 18.69 -9.39
CA PRO E 182 8.68 18.63 -8.53
C PRO E 182 8.69 19.74 -7.49
N LEU E 183 8.86 19.35 -6.24
CA LEU E 183 8.80 20.27 -5.12
C LEU E 183 10.16 20.90 -4.86
N ASP E 184 10.15 22.20 -4.55
CA ASP E 184 11.32 22.92 -4.07
C ASP E 184 11.07 23.19 -2.59
N LEU E 185 11.54 22.28 -1.74
CA LEU E 185 11.21 22.28 -0.32
C LEU E 185 12.25 23.01 0.52
N THR E 186 12.94 24.00 -0.06
CA THR E 186 13.87 24.80 0.72
C THR E 186 13.13 25.57 1.80
N LEU E 187 11.94 26.08 1.48
CA LEU E 187 11.08 26.78 2.43
C LEU E 187 9.93 25.84 2.75
N PHE E 188 10.17 24.93 3.71
CA PHE E 188 9.24 23.81 3.89
C PHE E 188 7.87 24.29 4.33
N PRO E 189 7.70 24.98 5.46
CA PRO E 189 6.36 25.39 5.87
C PRO E 189 5.80 26.54 5.05
N MET E 190 6.64 27.26 4.32
CA MET E 190 6.22 28.41 3.51
C MET E 190 6.49 28.18 2.03
N ASP E 191 6.56 26.92 1.60
CA ASP E 191 6.82 26.63 0.20
C ASP E 191 5.70 27.15 -0.69
N THR E 192 6.07 27.99 -1.65
CA THR E 192 5.14 28.50 -2.66
C THR E 192 5.34 27.66 -3.92
N GLN E 193 4.77 26.45 -3.89
CA GLN E 193 4.95 25.54 -5.01
C GLN E 193 4.13 26.00 -6.21
N ARG E 194 4.55 25.55 -7.38
CA ARG E 194 3.85 25.85 -8.64
C ARG E 194 3.67 24.52 -9.35
N CYS E 195 2.56 23.84 -9.04
CA CYS E 195 2.29 22.52 -9.57
C CYS E 195 1.50 22.64 -10.87
N LYS E 196 1.92 21.88 -11.88
CA LYS E 196 1.54 22.16 -13.25
C LYS E 196 0.82 20.97 -13.87
N MET E 197 0.27 21.23 -15.05
CA MET E 197 -0.43 20.21 -15.83
C MET E 197 -0.34 20.64 -17.29
N GLN E 198 0.45 19.92 -18.09
CA GLN E 198 0.71 20.29 -19.48
C GLN E 198 0.03 19.28 -20.40
N LEU E 199 -1.10 19.67 -20.96
CA LEU E 199 -1.78 18.86 -21.97
C LEU E 199 -0.98 18.88 -23.26
N GLU E 200 -0.57 17.69 -23.71
CA GLU E 200 0.19 17.51 -24.93
C GLU E 200 -0.62 16.73 -25.94
N SER E 201 -0.15 16.77 -27.19
CA SER E 201 -0.67 15.92 -28.25
C SER E 201 0.31 14.78 -28.53
N PHE E 202 -0.13 13.84 -29.34
CA PHE E 202 0.64 12.62 -29.59
C PHE E 202 0.12 11.98 -30.86
N GLY E 203 0.99 11.82 -31.84
CA GLY E 203 0.59 11.26 -33.12
C GLY E 203 0.36 12.32 -34.17
N TYR E 204 -0.15 13.47 -33.75
CA TYR E 204 -0.41 14.60 -34.62
C TYR E 204 0.56 15.72 -34.30
N THR E 205 1.27 16.21 -35.31
CA THR E 205 2.24 17.27 -35.12
C THR E 205 1.53 18.62 -35.12
N THR E 206 2.31 19.69 -34.95
CA THR E 206 1.75 21.03 -34.94
C THR E 206 1.28 21.48 -36.32
N ASP E 207 1.65 20.76 -37.38
CA ASP E 207 1.19 21.08 -38.72
C ASP E 207 -0.24 20.62 -38.98
N ASP E 208 -0.83 19.86 -38.07
CA ASP E 208 -2.19 19.36 -38.21
C ASP E 208 -3.07 19.69 -37.01
N LEU E 209 -2.50 19.69 -35.81
CA LEU E 209 -3.23 19.95 -34.58
C LEU E 209 -2.62 21.15 -33.87
N ARG E 210 -3.44 21.84 -33.08
CA ARG E 210 -2.98 23.02 -32.35
C ARG E 210 -3.94 23.32 -31.22
N PHE E 211 -3.44 23.34 -30.00
CA PHE E 211 -4.27 23.59 -28.83
C PHE E 211 -4.26 25.07 -28.47
N ILE E 212 -5.38 25.53 -27.93
CA ILE E 212 -5.50 26.90 -27.43
C ILE E 212 -6.58 26.90 -26.36
N TRP E 213 -6.38 27.72 -25.33
CA TRP E 213 -7.31 27.78 -24.22
C TRP E 213 -8.56 28.56 -24.62
N GLN E 214 -9.53 28.56 -23.70
CA GLN E 214 -10.72 29.36 -23.87
C GLN E 214 -10.49 30.76 -23.33
N SER E 215 -11.05 31.75 -24.01
CA SER E 215 -10.82 33.14 -23.65
C SER E 215 -11.12 33.39 -22.17
N GLY E 216 -12.35 33.16 -21.76
CA GLY E 216 -12.78 33.45 -20.39
C GLY E 216 -13.24 32.20 -19.67
N ASP E 217 -12.86 32.10 -18.40
CA ASP E 217 -13.27 31.00 -17.54
C ASP E 217 -12.76 29.67 -18.08
N PRO E 218 -11.43 29.52 -18.27
CA PRO E 218 -10.91 28.26 -18.78
C PRO E 218 -10.74 27.17 -17.73
N VAL E 219 -10.57 27.54 -16.46
CA VAL E 219 -10.31 26.58 -15.40
C VAL E 219 -11.22 26.96 -14.23
N GLN E 220 -12.33 26.24 -14.09
CA GLN E 220 -13.31 26.51 -13.04
C GLN E 220 -13.09 25.57 -11.86
N LEU E 221 -13.69 25.95 -10.72
CA LEU E 221 -13.74 25.11 -9.53
C LEU E 221 -14.62 25.79 -8.51
N GLU E 222 -15.31 24.98 -7.70
CA GLU E 222 -16.38 25.44 -6.83
C GLU E 222 -16.05 25.13 -5.39
N LYS E 223 -16.04 26.17 -4.54
CA LYS E 223 -15.90 26.02 -3.09
C LYS E 223 -14.77 25.05 -2.74
N ILE E 224 -13.58 25.39 -3.23
CA ILE E 224 -12.41 24.56 -2.99
C ILE E 224 -11.90 24.80 -1.58
N ALA E 225 -11.33 23.75 -0.98
CA ALA E 225 -10.76 23.85 0.35
C ALA E 225 -9.89 22.61 0.62
N LEU E 226 -8.65 22.84 1.03
CA LEU E 226 -7.70 21.78 1.29
C LEU E 226 -7.27 21.77 2.75
N PRO E 227 -6.73 20.65 3.23
CA PRO E 227 -6.31 20.61 4.64
C PRO E 227 -5.03 21.38 4.88
N GLN E 228 -4.04 21.25 3.99
CA GLN E 228 -2.74 21.90 4.15
C GLN E 228 -2.67 23.22 3.40
N PHE E 229 -2.88 23.19 2.08
CA PHE E 229 -2.59 24.33 1.24
C PHE E 229 -3.80 25.25 1.12
N ASP E 230 -3.63 26.33 0.35
CA ASP E 230 -4.69 27.30 0.10
C ASP E 230 -4.49 27.81 -1.32
N ILE E 231 -5.18 27.21 -2.29
CA ILE E 231 -5.01 27.60 -3.68
C ILE E 231 -5.37 29.08 -3.85
N LYS E 232 -4.69 29.73 -4.78
CA LYS E 232 -4.99 31.10 -5.18
C LYS E 232 -5.64 31.03 -6.55
N LYS E 233 -6.97 30.97 -6.56
CA LYS E 233 -7.71 30.82 -7.81
C LYS E 233 -7.40 31.92 -8.80
N GLU E 234 -6.80 33.03 -8.35
CA GLU E 234 -6.40 34.09 -9.25
C GLU E 234 -5.01 33.87 -9.82
N ASP E 235 -4.06 33.43 -8.98
CA ASP E 235 -2.72 33.10 -9.43
C ASP E 235 -2.72 31.71 -10.06
N ILE E 236 -3.32 31.65 -11.25
CA ILE E 236 -3.55 30.39 -11.95
C ILE E 236 -2.86 30.43 -13.31
N GLU E 237 -1.72 31.13 -13.37
CA GLU E 237 -0.99 31.33 -14.62
C GLU E 237 -1.00 30.07 -15.48
N TYR E 238 -1.23 30.27 -16.78
CA TYR E 238 -1.16 29.20 -17.76
C TYR E 238 -0.60 29.75 -19.06
N GLY E 239 -0.02 28.86 -19.87
CA GLY E 239 0.57 29.30 -21.11
C GLY E 239 1.12 28.15 -21.93
N ASN E 240 1.78 28.52 -23.02
CA ASN E 240 2.31 27.56 -23.98
C ASN E 240 3.66 27.02 -23.55
N CYS E 241 3.95 25.80 -23.97
CA CYS E 241 5.28 25.20 -23.84
C CYS E 241 5.77 24.61 -25.15
N THR E 242 4.88 23.97 -25.92
CA THR E 242 5.17 23.55 -27.29
C THR E 242 6.43 22.68 -27.37
N LYS E 243 6.30 21.49 -26.77
CA LYS E 243 7.38 20.52 -26.79
C LYS E 243 7.92 20.34 -28.21
N TYR E 244 9.20 20.00 -28.29
CA TYR E 244 9.84 19.62 -29.54
C TYR E 244 10.69 18.38 -29.28
N TYR E 245 10.28 17.25 -29.86
CA TYR E 245 10.94 15.97 -29.65
C TYR E 245 11.72 15.60 -30.90
N LYS E 246 13.00 15.31 -30.72
CA LYS E 246 13.87 15.00 -31.86
C LYS E 246 13.45 13.68 -32.50
N GLY E 247 13.45 13.65 -33.83
CA GLY E 247 13.09 12.49 -34.60
C GLY E 247 11.68 12.54 -35.16
N THR E 248 10.77 13.27 -34.51
CA THR E 248 9.38 13.33 -34.93
C THR E 248 9.00 14.72 -35.41
N GLY E 249 9.16 15.74 -34.58
CA GLY E 249 8.80 17.09 -34.95
C GLY E 249 8.28 17.85 -33.74
N TYR E 250 7.52 18.90 -34.03
CA TYR E 250 6.96 19.76 -32.99
C TYR E 250 5.63 19.21 -32.52
N TYR E 251 5.48 19.07 -31.20
CA TYR E 251 4.22 18.70 -30.59
C TYR E 251 3.71 19.87 -29.76
N THR E 252 2.39 20.08 -29.80
CA THR E 252 1.80 21.19 -29.08
C THR E 252 1.53 20.79 -27.64
N CYS E 253 1.64 21.78 -26.76
CA CYS E 253 1.43 21.53 -25.33
C CYS E 253 1.05 22.83 -24.65
N VAL E 254 -0.07 22.81 -23.94
CA VAL E 254 -0.57 23.97 -23.21
C VAL E 254 -0.69 23.58 -21.75
N GLU E 255 -0.19 24.42 -20.84
CA GLU E 255 -0.04 24.03 -19.46
C GLU E 255 -0.73 25.03 -18.54
N VAL E 256 -1.36 24.49 -17.50
CA VAL E 256 -1.87 25.25 -16.38
C VAL E 256 -0.89 25.10 -15.23
N ILE E 257 -0.81 26.13 -14.39
CA ILE E 257 0.15 26.17 -13.30
C ILE E 257 -0.54 26.76 -12.08
N PHE E 258 -0.88 25.92 -11.10
CA PHE E 258 -1.48 26.37 -9.86
C PHE E 258 -0.41 26.70 -8.84
N THR E 259 -0.57 27.85 -8.20
CA THR E 259 0.36 28.31 -7.16
C THR E 259 -0.21 27.87 -5.81
N LEU E 260 0.42 26.85 -5.24
CA LEU E 260 -0.01 26.26 -3.97
C LEU E 260 0.83 26.82 -2.84
N ARG E 261 0.17 27.42 -1.86
CA ARG E 261 0.82 27.93 -0.66
C ARG E 261 0.45 27.05 0.52
N ARG E 262 1.45 26.66 1.30
CA ARG E 262 1.25 25.76 2.42
C ARG E 262 0.93 26.55 3.68
N GLN E 263 0.02 26.01 4.50
CA GLN E 263 -0.36 26.62 5.75
C GLN E 263 0.62 26.19 6.84
N VAL E 264 1.23 27.16 7.49
CA VAL E 264 2.20 26.91 8.55
C VAL E 264 1.46 26.57 9.85
N GLY E 265 0.13 26.46 9.78
CA GLY E 265 -0.63 26.19 10.99
C GLY E 265 -0.19 24.94 11.72
N PHE E 266 -0.18 23.80 11.03
CA PHE E 266 0.09 22.53 11.69
C PHE E 266 1.47 22.52 12.32
N TYR E 267 2.47 23.01 11.59
CA TYR E 267 3.83 22.96 12.12
C TYR E 267 4.02 23.96 13.25
N MET E 268 3.49 25.17 13.10
CA MET E 268 3.56 26.15 14.18
C MET E 268 2.84 25.63 15.42
N MET E 269 1.88 24.72 15.25
CA MET E 269 1.17 24.15 16.38
C MET E 269 1.87 22.93 16.96
N GLY E 270 2.61 22.18 16.16
CA GLY E 270 3.10 20.89 16.58
C GLY E 270 4.59 20.78 16.85
N VAL E 271 5.41 21.64 16.25
CA VAL E 271 6.85 21.53 16.43
C VAL E 271 7.46 22.83 16.90
N TYR E 272 7.21 23.93 16.19
CA TYR E 272 7.92 25.17 16.44
C TYR E 272 7.73 25.65 17.87
N ALA E 273 6.48 25.87 18.27
CA ALA E 273 6.22 26.36 19.62
C ALA E 273 6.64 25.37 20.69
N PRO E 274 6.41 24.07 20.54
CA PRO E 274 6.98 23.11 21.51
C PRO E 274 8.49 23.26 21.68
N THR E 275 9.24 23.25 20.59
CA THR E 275 10.69 23.39 20.72
C THR E 275 11.06 24.72 21.35
N LEU E 276 10.31 25.77 21.04
CA LEU E 276 10.55 27.07 21.67
C LEU E 276 10.39 26.99 23.17
N LEU E 277 9.31 26.35 23.63
CA LEU E 277 9.10 26.20 25.07
C LEU E 277 10.18 25.32 25.69
N ILE E 278 10.68 24.34 24.94
CA ILE E 278 11.76 23.50 25.45
C ILE E 278 13.01 24.33 25.69
N VAL E 279 13.42 25.10 24.69
CA VAL E 279 14.63 25.93 24.85
C VAL E 279 14.40 27.00 25.91
N VAL E 280 13.15 27.41 26.13
CA VAL E 280 12.87 28.36 27.20
C VAL E 280 13.06 27.71 28.55
N LEU E 281 12.52 26.50 28.73
CA LEU E 281 12.77 25.74 29.94
C LEU E 281 14.27 25.59 30.19
N SER E 282 15.04 25.34 29.13
CA SER E 282 16.48 25.16 29.28
C SER E 282 17.09 26.32 30.04
N TRP E 283 16.56 27.52 29.86
CA TRP E 283 17.12 28.70 30.52
C TRP E 283 16.77 28.73 32.00
N LEU E 284 15.61 28.21 32.39
CA LEU E 284 15.21 28.22 33.79
C LEU E 284 16.18 27.43 34.64
N SER E 285 16.83 26.42 34.06
CA SER E 285 17.75 25.59 34.83
C SER E 285 18.92 26.40 35.36
N PHE E 286 19.31 27.47 34.66
CA PHE E 286 20.43 28.28 35.11
C PHE E 286 20.20 28.81 36.52
N TRP E 287 18.95 29.13 36.86
CA TRP E 287 18.65 29.70 38.16
C TRP E 287 19.02 28.73 39.29
N ILE E 288 18.85 27.43 39.05
CA ILE E 288 19.17 26.45 40.09
C ILE E 288 20.63 26.62 40.51
N ASN E 289 20.87 26.46 41.81
CA ASN E 289 22.23 26.59 42.33
C ASN E 289 23.11 25.44 41.83
N PRO E 290 24.40 25.69 41.61
CA PRO E 290 25.29 24.59 41.21
C PRO E 290 25.62 23.62 42.32
N ASP E 291 25.31 23.96 43.57
CA ASP E 291 25.65 23.08 44.68
C ASP E 291 25.06 21.68 44.49
N ALA E 292 23.74 21.60 44.35
CA ALA E 292 23.12 20.30 44.06
C ALA E 292 23.43 19.87 42.65
N SER E 293 23.00 20.65 41.66
CA SER E 293 23.36 20.46 40.26
C SER E 293 23.23 18.99 39.85
N ALA E 294 22.08 18.40 40.15
CA ALA E 294 21.81 17.01 39.79
C ALA E 294 20.63 16.84 38.84
N ALA E 295 19.83 17.88 38.62
CA ALA E 295 18.71 17.83 37.69
C ALA E 295 18.89 18.72 36.48
N ARG E 296 19.79 19.69 36.56
CA ARG E 296 20.08 20.55 35.42
C ARG E 296 20.58 19.72 34.25
N VAL E 297 21.35 18.66 34.54
CA VAL E 297 21.86 17.80 33.48
C VAL E 297 20.73 17.07 32.72
N PRO E 298 19.81 16.41 33.44
CA PRO E 298 18.67 15.84 32.69
C PRO E 298 17.77 16.89 32.05
N LEU E 299 17.80 18.12 32.54
CA LEU E 299 17.02 19.19 31.91
C LEU E 299 17.63 19.48 30.55
N GLY E 300 18.96 19.57 30.50
CA GLY E 300 19.63 19.79 29.24
C GLY E 300 19.49 18.57 28.35
N ILE E 301 19.34 17.40 28.96
CA ILE E 301 19.14 16.17 28.19
C ILE E 301 17.77 16.19 27.54
N PHE E 302 16.77 16.78 28.21
CA PHE E 302 15.44 16.89 27.60
C PHE E 302 15.52 17.83 26.42
N SER E 303 16.39 18.82 26.50
CA SER E 303 16.57 19.76 25.40
C SER E 303 17.23 19.11 24.20
N VAL E 304 17.90 17.98 24.41
CA VAL E 304 18.51 17.27 23.28
C VAL E 304 17.62 16.11 22.86
N LEU E 305 17.19 15.31 23.81
CA LEU E 305 16.35 14.14 23.50
C LEU E 305 15.09 14.49 22.72
N SER E 306 14.23 15.33 23.30
CA SER E 306 12.97 15.67 22.65
C SER E 306 13.18 16.23 21.25
N LEU E 307 14.19 17.09 21.09
CA LEU E 307 14.44 17.71 19.80
C LEU E 307 14.87 16.69 18.76
N ALA E 308 15.72 15.73 19.15
CA ALA E 308 16.14 14.70 18.21
C ALA E 308 14.97 13.83 17.79
N SER E 309 14.09 13.50 18.74
CA SER E 309 12.90 12.72 18.39
C SER E 309 12.02 13.48 17.42
N GLU E 310 11.85 14.78 17.64
CA GLU E 310 11.04 15.58 16.72
C GLU E 310 11.66 15.61 15.33
N CYS E 311 12.97 15.80 15.26
CA CYS E 311 13.64 15.80 13.96
C CYS E 311 13.47 14.46 13.26
N THR E 312 13.65 13.36 14.00
CA THR E 312 13.53 12.03 13.39
C THR E 312 12.12 11.80 12.87
N THR E 313 11.10 12.16 13.68
CA THR E 313 9.72 12.01 13.23
C THR E 313 9.48 12.80 11.96
N LEU E 314 9.72 14.11 12.00
CA LEU E 314 9.42 14.96 10.85
C LEU E 314 10.27 14.61 9.64
N ALA E 315 11.41 13.93 9.83
CA ALA E 315 12.20 13.50 8.69
C ALA E 315 11.64 12.23 8.06
N ALA E 316 11.35 11.23 8.89
CA ALA E 316 10.73 10.01 8.38
C ALA E 316 9.33 10.24 7.86
N GLU E 317 8.72 11.38 8.15
CA GLU E 317 7.39 11.70 7.66
C GLU E 317 7.42 12.41 6.31
N LEU E 318 8.56 12.98 5.92
CA LEU E 318 8.67 13.76 4.70
C LEU E 318 9.60 13.07 3.71
N PRO E 319 9.61 13.50 2.43
CA PRO E 319 10.44 12.80 1.45
C PRO E 319 11.93 12.96 1.73
N LYS E 320 12.76 12.37 0.88
CA LYS E 320 14.21 12.36 1.04
C LYS E 320 14.80 13.36 0.05
N VAL E 321 15.46 14.38 0.58
CA VAL E 321 15.97 15.48 -0.23
C VAL E 321 17.31 15.94 0.35
N SER E 322 18.28 16.15 -0.54
CA SER E 322 19.59 16.60 -0.08
C SER E 322 19.53 18.03 0.44
N TYR E 323 18.95 18.94 -0.33
CA TYR E 323 18.94 20.34 0.06
C TYR E 323 18.29 20.51 1.42
N VAL E 324 18.95 21.30 2.27
CA VAL E 324 18.45 21.49 3.63
C VAL E 324 17.16 22.30 3.61
N LYS E 325 16.36 22.11 4.66
CA LYS E 325 15.06 22.75 4.79
C LYS E 325 15.05 23.64 6.02
N ALA E 326 14.24 24.70 5.96
CA ALA E 326 14.12 25.62 7.09
C ALA E 326 13.73 24.87 8.36
N LEU E 327 12.89 23.85 8.23
CA LEU E 327 12.50 23.06 9.39
C LEU E 327 13.73 22.48 10.09
N ASP E 328 14.57 21.77 9.35
CA ASP E 328 15.78 21.20 9.94
C ASP E 328 16.70 22.30 10.45
N VAL E 329 16.70 23.47 9.81
CA VAL E 329 17.46 24.60 10.30
C VAL E 329 17.04 24.94 11.73
N TRP E 330 15.75 25.21 11.93
CA TRP E 330 15.26 25.55 13.26
C TRP E 330 15.51 24.41 14.24
N LEU E 331 15.36 23.16 13.78
CA LEU E 331 15.55 22.03 14.68
C LEU E 331 16.98 21.97 15.18
N ILE E 332 17.96 22.01 14.28
CA ILE E 332 19.36 21.97 14.72
C ILE E 332 19.69 23.21 15.52
N ALA E 333 19.02 24.34 15.26
CA ALA E 333 19.27 25.54 16.04
C ALA E 333 18.89 25.32 17.50
N CYS E 334 17.64 24.91 17.73
CA CYS E 334 17.23 24.63 19.11
C CYS E 334 18.06 23.51 19.72
N LEU E 335 18.47 22.54 18.90
CA LEU E 335 19.29 21.44 19.39
C LEU E 335 20.61 21.96 19.93
N LEU E 336 21.33 22.73 19.12
CA LEU E 336 22.59 23.31 19.56
C LEU E 336 22.39 24.28 20.71
N PHE E 337 21.21 24.89 20.83
CA PHE E 337 20.98 25.80 21.95
C PHE E 337 20.88 25.03 23.26
N GLY E 338 20.09 23.95 23.27
CA GLY E 338 20.08 23.08 24.44
C GLY E 338 21.46 22.51 24.73
N PHE E 339 22.17 22.11 23.67
CA PHE E 339 23.52 21.60 23.83
C PHE E 339 24.43 22.64 24.45
N ALA E 340 24.26 23.90 24.09
CA ALA E 340 25.08 24.96 24.64
C ALA E 340 24.73 25.22 26.10
N SER E 341 23.45 25.13 26.45
CA SER E 341 23.07 25.22 27.86
C SER E 341 23.76 24.11 28.66
N LEU E 342 23.75 22.89 28.13
CA LEU E 342 24.36 21.77 28.85
C LEU E 342 25.86 21.94 28.97
N VAL E 343 26.53 22.36 27.90
CA VAL E 343 27.99 22.52 27.98
C VAL E 343 28.35 23.72 28.85
N GLU E 344 27.47 24.71 28.95
CA GLU E 344 27.70 25.79 29.90
C GLU E 344 27.59 25.29 31.33
N TYR E 345 26.62 24.41 31.60
CA TYR E 345 26.61 23.75 32.90
C TYR E 345 27.92 23.00 33.14
N ALA E 346 28.39 22.28 32.14
CA ALA E 346 29.65 21.55 32.29
C ALA E 346 30.79 22.49 32.64
N VAL E 347 30.86 23.63 31.95
CA VAL E 347 31.91 24.60 32.21
C VAL E 347 31.84 25.10 33.64
N VAL E 348 30.66 25.56 34.06
CA VAL E 348 30.53 26.05 35.44
C VAL E 348 30.88 24.94 36.42
N GLN E 349 30.66 23.68 36.05
CA GLN E 349 31.10 22.57 36.88
C GLN E 349 32.62 22.56 36.99
N VAL E 350 33.30 22.64 35.85
CA VAL E 350 34.75 22.75 35.86
C VAL E 350 35.20 24.10 36.40
N MET E 351 34.37 25.13 36.27
CA MET E 351 34.70 26.42 36.85
C MET E 351 34.58 26.39 38.37
N LEU E 352 33.75 25.49 38.90
CA LEU E 352 33.65 25.32 40.35
C LEU E 352 34.87 24.63 40.94
N ASN E 353 35.80 24.17 40.09
CA ASN E 353 37.01 23.51 40.56
C ASN E 353 38.25 24.14 39.93
N ALA E 674 32.84 31.45 41.63
CA ALA E 674 32.83 32.24 40.40
C ALA E 674 31.92 31.61 39.35
N ALA E 675 31.46 30.38 39.62
CA ALA E 675 30.60 29.70 38.67
C ALA E 675 29.31 30.49 38.44
N LYS E 676 28.75 31.06 39.50
CA LYS E 676 27.50 31.82 39.36
C LYS E 676 27.66 32.96 38.37
N ARG E 677 28.85 33.55 38.31
CA ARG E 677 29.11 34.61 37.34
C ARG E 677 28.94 34.09 35.92
N ILE E 678 29.45 32.89 35.65
CA ILE E 678 29.27 32.29 34.33
C ILE E 678 27.78 32.11 34.03
N ASP E 679 27.01 31.68 35.03
CA ASP E 679 25.57 31.56 34.85
C ASP E 679 24.94 32.91 34.52
N LEU E 680 25.47 33.98 35.11
CA LEU E 680 25.00 35.32 34.79
C LEU E 680 25.21 35.63 33.31
N TYR E 681 26.46 35.50 32.85
CA TYR E 681 26.75 35.72 31.44
C TYR E 681 25.89 34.83 30.55
N ALA E 682 25.55 33.63 31.01
CA ALA E 682 24.70 32.75 30.22
C ALA E 682 23.29 33.32 30.11
N ARG E 683 22.68 33.66 31.25
CA ARG E 683 21.37 34.27 31.22
C ARG E 683 21.36 35.56 30.38
N ALA E 684 22.52 36.20 30.24
CA ALA E 684 22.59 37.42 29.44
C ALA E 684 22.71 37.13 27.95
N LEU E 685 23.50 36.12 27.58
CA LEU E 685 23.82 35.87 26.19
C LEU E 685 22.81 34.94 25.50
N PHE E 686 22.40 33.88 26.18
CA PHE E 686 21.55 32.86 25.56
C PHE E 686 20.33 33.49 24.92
N PRO E 687 19.47 34.18 25.69
CA PRO E 687 18.25 34.71 25.08
C PRO E 687 18.51 35.75 24.00
N PHE E 688 19.52 36.60 24.18
CA PHE E 688 19.82 37.62 23.18
C PHE E 688 20.11 36.99 21.83
N CYS E 689 21.07 36.06 21.79
CA CYS E 689 21.44 35.42 20.53
C CYS E 689 20.29 34.59 20.00
N PHE E 690 19.58 33.88 20.88
CA PHE E 690 18.46 33.05 20.42
C PHE E 690 17.40 33.93 19.77
N LEU E 691 17.14 35.10 20.32
CA LEU E 691 16.10 35.97 19.79
C LEU E 691 16.55 36.65 18.51
N PHE E 692 17.83 37.01 18.41
CA PHE E 692 18.34 37.50 17.13
C PHE E 692 18.19 36.44 16.05
N PHE E 693 18.51 35.19 16.39
CA PHE E 693 18.37 34.09 15.45
C PHE E 693 16.91 33.91 15.04
N ASN E 694 16.00 33.93 16.01
CA ASN E 694 14.57 33.79 15.69
C ASN E 694 14.10 34.92 14.79
N VAL E 695 14.55 36.15 15.07
CA VAL E 695 14.16 37.30 14.25
C VAL E 695 14.62 37.11 12.82
N ILE E 696 15.90 36.82 12.63
CA ILE E 696 16.42 36.67 11.27
C ILE E 696 15.78 35.48 10.58
N TYR E 697 15.48 34.42 11.33
CA TYR E 697 14.90 33.22 10.75
C TYR E 697 13.49 33.49 10.24
N TRP E 698 12.66 34.14 11.05
CA TRP E 698 11.33 34.50 10.60
C TRP E 698 11.39 35.49 9.44
N SER E 699 12.29 36.48 9.52
CA SER E 699 12.40 37.45 8.44
C SER E 699 12.88 36.80 7.14
N ILE E 700 13.56 35.67 7.24
CA ILE E 700 14.05 34.98 6.05
C ILE E 700 12.97 34.07 5.47
N TYR E 701 12.31 33.27 6.33
CA TYR E 701 11.42 32.22 5.88
C TYR E 701 9.94 32.58 6.06
N LEU E 702 9.61 33.86 6.21
CA LEU E 702 8.22 34.26 6.31
C LEU E 702 7.46 33.89 5.05
#